data_6E42
#
_entry.id   6E42
#
_cell.length_a   79.742
_cell.length_b   197.878
_cell.length_c   113.019
_cell.angle_alpha   90.000
_cell.angle_beta   90.000
_cell.angle_gamma   90.000
#
_symmetry.space_group_name_H-M   'P 21 21 2'
#
loop_
_entity.id
_entity.type
_entity.pdbx_description
1 polymer 'Indoleamine 2,3-dioxygenase 1'
2 non-polymer 'PROTOPORPHYRIN IX CONTAINING FE'
3 non-polymer 4-(3-chlorophenyl)-1H-imidazole
4 non-polymer 'PHOSPHATE ION'
5 water water
#
_entity_poly.entity_id   1
_entity_poly.type   'polypeptide(L)'
_entity_poly.pdbx_seq_one_letter_code
;MGSSHHHHHHSSGSAAYHIDEEVGFALPNPQENLPDFYNDWMFIAKHLPDLIESGQLRERVEKLNMLSIDHLTDHKSQRL
ARLVLGCITMAYVWGKGHGDVRKVLPRNIAVPYCQLSAALELPPILVYADCVLANWKKKDPNKPLTYENMDVLFSFRDGD
CSKGFFLVSLLVEIAAASAIKVIPTVFKAMQMQERDTLLKALLEIASCLEKALQVFHQIHDHVNPKAFFSVLRIYLSGWK
GNPQLSDGLVYEGFWEDPKEFAGGSAGQSSVFQCFDVLLGIQQTAGGGHAAQFLQDMRRYMPPAHRNFLCSLESNPSVRE
FVLSKGDAGLREAYDACVKALVSLRSYHLQIVTKYILIPASQQPKENKTSEDPSKLEAKGTGGTDLMNFLKTVRSTTEKS
LLKEG
;
_entity_poly.pdbx_strand_id   A,B,C,D
#
loop_
_chem_comp.id
_chem_comp.type
_chem_comp.name
_chem_comp.formula
HEM non-polymer 'PROTOPORPHYRIN IX CONTAINING FE' 'C34 H32 Fe N4 O4'
HQJ non-polymer 4-(3-chlorophenyl)-1H-imidazole 'C9 H7 Cl N2'
PO4 non-polymer 'PHOSPHATE ION' 'O4 P -3'
#
# COMPACT_ATOMS: atom_id res chain seq x y z
N VAL A 23 13.47 -9.52 -12.98
CA VAL A 23 13.04 -10.57 -13.91
C VAL A 23 11.59 -10.33 -14.37
N GLY A 24 10.98 -9.27 -13.84
CA GLY A 24 9.64 -8.93 -14.22
C GLY A 24 8.63 -9.99 -13.81
N PHE A 25 8.11 -10.75 -14.77
CA PHE A 25 7.12 -11.78 -14.46
C PHE A 25 7.70 -13.19 -14.51
N ALA A 26 9.02 -13.33 -14.71
CA ALA A 26 9.66 -14.60 -14.44
C ALA A 26 9.64 -14.91 -12.95
N LEU A 27 9.45 -16.18 -12.61
CA LEU A 27 9.55 -16.63 -11.23
C LEU A 27 10.98 -16.39 -10.75
N PRO A 28 11.19 -15.47 -9.82
CA PRO A 28 12.57 -15.13 -9.44
C PRO A 28 13.23 -16.29 -8.73
N ASN A 29 14.48 -16.57 -9.11
CA ASN A 29 15.27 -17.68 -8.62
C ASN A 29 14.40 -18.92 -8.41
N PRO A 30 13.97 -19.59 -9.48
CA PRO A 30 13.13 -20.78 -9.31
C PRO A 30 13.78 -21.85 -8.44
N GLN A 31 12.94 -22.63 -7.76
CA GLN A 31 13.45 -23.75 -6.98
C GLN A 31 13.86 -24.87 -7.93
N GLU A 32 14.95 -25.55 -7.60
CA GLU A 32 15.52 -26.62 -8.42
CA GLU A 32 15.47 -26.62 -8.44
C GLU A 32 15.23 -28.01 -7.89
N ASN A 33 15.03 -28.15 -6.59
CA ASN A 33 14.86 -29.45 -5.97
C ASN A 33 13.57 -29.47 -5.16
N LEU A 34 12.82 -30.55 -5.30
CA LEU A 34 11.64 -30.82 -4.51
C LEU A 34 12.04 -31.51 -3.22
N PRO A 35 11.16 -31.51 -2.21
CA PRO A 35 11.37 -32.40 -1.07
C PRO A 35 11.64 -33.81 -1.54
N ASP A 36 12.44 -34.55 -0.75
CA ASP A 36 12.79 -35.91 -1.12
C ASP A 36 11.57 -36.79 -1.29
N PHE A 37 10.45 -36.43 -0.66
CA PHE A 37 9.21 -37.17 -0.85
C PHE A 37 8.89 -37.38 -2.32
N TYR A 38 9.33 -36.46 -3.19
CA TYR A 38 9.00 -36.48 -4.61
C TYR A 38 10.16 -36.94 -5.47
N ASN A 39 11.13 -37.66 -4.90
CA ASN A 39 12.30 -38.06 -5.69
C ASN A 39 11.91 -38.84 -6.94
N ASP A 40 10.83 -39.62 -6.88
CA ASP A 40 10.47 -40.44 -8.05
C ASP A 40 9.98 -39.58 -9.20
N TRP A 41 9.24 -38.51 -8.90
CA TRP A 41 8.91 -37.50 -9.90
C TRP A 41 10.17 -36.88 -10.46
N MET A 42 10.98 -36.31 -9.55
CA MET A 42 12.17 -35.56 -9.95
C MET A 42 13.13 -36.43 -10.75
N PHE A 43 13.23 -37.71 -10.42
CA PHE A 43 14.09 -38.59 -11.20
C PHE A 43 13.60 -38.72 -12.62
N ILE A 44 12.29 -38.91 -12.81
CA ILE A 44 11.76 -39.07 -14.16
C ILE A 44 11.99 -37.80 -14.98
N ALA A 45 11.70 -36.64 -14.38
CA ALA A 45 11.81 -35.40 -15.13
C ALA A 45 13.26 -35.08 -15.47
N LYS A 46 14.19 -35.40 -14.58
CA LYS A 46 15.60 -35.16 -14.85
C LYS A 46 16.15 -36.06 -15.95
N HIS A 47 15.47 -37.16 -16.26
CA HIS A 47 16.03 -38.16 -17.16
C HIS A 47 15.15 -38.37 -18.37
N LEU A 48 14.29 -37.40 -18.68
CA LEU A 48 13.42 -37.52 -19.86
C LEU A 48 14.17 -37.89 -21.13
N PRO A 49 15.31 -37.28 -21.48
CA PRO A 49 15.93 -37.64 -22.76
C PRO A 49 16.24 -39.13 -22.89
N ASP A 50 16.86 -39.75 -21.89
CA ASP A 50 17.11 -41.17 -22.09
C ASP A 50 15.89 -42.02 -21.75
N LEU A 51 15.06 -41.59 -20.79
CA LEU A 51 13.84 -42.34 -20.53
C LEU A 51 12.94 -42.34 -21.76
N ILE A 52 12.83 -41.21 -22.44
CA ILE A 52 12.09 -41.19 -23.69
C ILE A 52 12.82 -42.00 -24.76
N GLU A 53 14.15 -41.79 -24.86
CA GLU A 53 14.94 -42.47 -25.89
C GLU A 53 14.79 -43.98 -25.78
N SER A 54 14.99 -44.52 -24.58
CA SER A 54 14.91 -45.97 -24.39
C SER A 54 13.49 -46.50 -24.50
N GLY A 55 12.48 -45.64 -24.34
CA GLY A 55 11.12 -46.10 -24.23
C GLY A 55 10.69 -46.53 -22.84
N GLN A 56 11.50 -46.26 -21.83
CA GLN A 56 11.15 -46.60 -20.46
C GLN A 56 10.33 -45.51 -19.77
N LEU A 57 10.14 -44.36 -20.43
CA LEU A 57 9.44 -43.25 -19.79
C LEU A 57 8.01 -43.63 -19.38
N ARG A 58 7.25 -44.19 -20.31
CA ARG A 58 5.86 -44.48 -19.98
C ARG A 58 5.74 -45.53 -18.91
N GLU A 59 6.70 -46.47 -18.85
CA GLU A 59 6.68 -47.46 -17.78
C GLU A 59 6.95 -46.82 -16.43
N ARG A 60 7.93 -45.91 -16.36
CA ARG A 60 8.24 -45.30 -15.07
C ARG A 60 7.11 -44.43 -14.57
N VAL A 61 6.33 -43.82 -15.47
CA VAL A 61 5.16 -43.07 -15.03
C VAL A 61 4.10 -44.03 -14.52
N GLU A 62 3.86 -45.12 -15.27
CA GLU A 62 2.78 -46.03 -14.93
C GLU A 62 3.03 -46.79 -13.64
N LYS A 63 4.28 -46.84 -13.17
CA LYS A 63 4.63 -47.53 -11.95
C LYS A 63 4.80 -46.58 -10.77
N LEU A 64 4.66 -45.27 -10.98
CA LEU A 64 4.75 -44.31 -9.88
C LEU A 64 3.68 -44.57 -8.82
N ASN A 65 4.08 -44.43 -7.56
CA ASN A 65 3.10 -44.26 -6.48
C ASN A 65 2.39 -42.94 -6.65
N MET A 66 1.15 -42.89 -6.18
CA MET A 66 0.42 -41.64 -6.05
C MET A 66 1.00 -40.80 -4.92
N LEU A 67 1.64 -39.69 -5.26
CA LEU A 67 2.27 -38.85 -4.26
C LEU A 67 1.35 -37.68 -3.98
N SER A 68 1.02 -37.49 -2.70
CA SER A 68 0.20 -36.35 -2.32
C SER A 68 0.96 -35.06 -2.57
N ILE A 69 0.22 -33.99 -2.86
CA ILE A 69 0.86 -32.70 -3.11
C ILE A 69 0.94 -31.91 -1.81
N ASP A 70 0.57 -32.53 -0.69
CA ASP A 70 0.54 -31.79 0.57
C ASP A 70 1.94 -31.48 1.09
N HIS A 71 2.97 -32.19 0.64
CA HIS A 71 4.33 -31.86 1.06
C HIS A 71 4.94 -30.74 0.24
N LEU A 72 4.17 -30.11 -0.65
CA LEU A 72 4.63 -28.96 -1.42
C LEU A 72 4.16 -27.73 -0.67
N THR A 73 5.08 -27.12 0.06
CA THR A 73 4.74 -26.21 1.15
C THR A 73 4.78 -24.74 0.76
N ASP A 74 5.32 -24.40 -0.41
CA ASP A 74 5.42 -22.99 -0.80
C ASP A 74 5.20 -22.86 -2.29
N HIS A 75 4.99 -21.61 -2.71
CA HIS A 75 4.73 -21.32 -4.12
C HIS A 75 5.85 -21.88 -5.00
N LYS A 76 7.11 -21.63 -4.61
CA LYS A 76 8.23 -22.03 -5.47
C LYS A 76 8.25 -23.53 -5.69
N SER A 77 8.01 -24.29 -4.62
CA SER A 77 7.99 -25.74 -4.77
C SER A 77 6.79 -26.20 -5.60
N GLN A 78 5.64 -25.55 -5.47
CA GLN A 78 4.51 -25.93 -6.28
C GLN A 78 4.79 -25.66 -7.76
N ARG A 79 5.45 -24.53 -8.06
CA ARG A 79 5.76 -24.20 -9.44
C ARG A 79 6.75 -25.19 -10.04
N LEU A 80 7.81 -25.51 -9.30
CA LEU A 80 8.72 -26.58 -9.70
C LEU A 80 7.95 -27.88 -9.91
N ALA A 81 7.08 -28.24 -8.97
CA ALA A 81 6.31 -29.48 -9.11
C ALA A 81 5.43 -29.44 -10.35
N ARG A 82 4.80 -28.30 -10.63
CA ARG A 82 3.99 -28.19 -11.84
C ARG A 82 4.85 -28.33 -13.09
N LEU A 83 6.04 -27.75 -13.07
CA LEU A 83 6.97 -27.90 -14.19
C LEU A 83 7.40 -29.35 -14.34
N VAL A 84 7.80 -29.98 -13.23
CA VAL A 84 8.18 -31.40 -13.25
C VAL A 84 7.06 -32.24 -13.85
N LEU A 85 5.82 -32.05 -13.37
CA LEU A 85 4.73 -32.92 -13.80
C LEU A 85 4.29 -32.59 -15.21
N GLY A 86 4.34 -31.31 -15.57
CA GLY A 86 4.04 -30.93 -16.93
C GLY A 86 5.00 -31.55 -17.93
N CYS A 87 6.31 -31.52 -17.62
CA CYS A 87 7.27 -32.15 -18.53
C CYS A 87 7.04 -33.65 -18.61
N ILE A 88 6.77 -34.28 -17.47
CA ILE A 88 6.48 -35.71 -17.50
C ILE A 88 5.25 -35.97 -18.35
N THR A 89 4.23 -35.12 -18.20
CA THR A 89 2.98 -35.32 -18.93
C THR A 89 3.20 -35.18 -20.44
N MET A 90 3.90 -34.12 -20.86
CA MET A 90 4.18 -33.97 -22.28
C MET A 90 4.92 -35.19 -22.80
N ALA A 91 5.94 -35.64 -22.07
CA ALA A 91 6.70 -36.81 -22.49
C ALA A 91 5.83 -38.05 -22.52
N TYR A 92 4.96 -38.20 -21.51
CA TYR A 92 4.09 -39.38 -21.47
C TYR A 92 3.12 -39.38 -22.64
N VAL A 93 2.52 -38.24 -22.94
CA VAL A 93 1.52 -38.22 -23.99
C VAL A 93 2.17 -38.42 -25.35
N TRP A 94 3.31 -37.77 -25.60
CA TRP A 94 3.90 -37.79 -26.93
C TRP A 94 4.96 -38.87 -27.12
N GLY A 95 5.55 -39.39 -26.03
CA GLY A 95 6.60 -40.38 -26.21
C GLY A 95 7.71 -39.84 -27.09
N LYS A 96 8.05 -40.59 -28.14
CA LYS A 96 9.09 -40.15 -29.06
C LYS A 96 8.53 -39.26 -30.16
N GLY A 97 7.25 -38.91 -30.10
CA GLY A 97 6.69 -37.93 -31.00
C GLY A 97 6.45 -38.42 -32.41
N HIS A 98 6.43 -39.74 -32.61
CA HIS A 98 6.26 -40.29 -33.94
C HIS A 98 4.86 -40.85 -34.15
N GLY A 99 3.89 -40.40 -33.36
CA GLY A 99 2.52 -40.78 -33.54
C GLY A 99 2.00 -41.81 -32.57
N ASP A 100 2.86 -42.43 -31.77
CA ASP A 100 2.38 -43.41 -30.78
C ASP A 100 2.08 -42.63 -29.50
N VAL A 101 0.86 -42.10 -29.43
CA VAL A 101 0.50 -41.21 -28.35
C VAL A 101 -0.18 -42.01 -27.23
N ARG A 102 -0.32 -41.38 -26.07
CA ARG A 102 -1.13 -41.92 -24.98
C ARG A 102 -2.26 -40.94 -24.70
N LYS A 103 -3.49 -41.45 -24.73
CA LYS A 103 -4.68 -40.64 -24.58
C LYS A 103 -5.21 -40.61 -23.14
N VAL A 104 -4.56 -41.32 -22.23
CA VAL A 104 -4.97 -41.35 -20.83
C VAL A 104 -3.73 -41.10 -19.98
N LEU A 105 -3.76 -40.05 -19.17
CA LEU A 105 -2.69 -39.81 -18.21
C LEU A 105 -2.95 -40.62 -16.95
N PRO A 106 -2.05 -41.53 -16.56
CA PRO A 106 -2.32 -42.40 -15.41
C PRO A 106 -2.65 -41.62 -14.16
N ARG A 107 -3.57 -42.18 -13.38
CA ARG A 107 -4.13 -41.54 -12.19
C ARG A 107 -3.06 -41.03 -11.24
N ASN A 108 -1.98 -41.78 -11.08
CA ASN A 108 -1.02 -41.45 -10.04
C ASN A 108 -0.20 -40.23 -10.38
N ILE A 109 -0.21 -39.80 -11.64
CA ILE A 109 0.28 -38.49 -11.97
C ILE A 109 -0.85 -37.51 -12.29
N ALA A 110 -1.93 -37.94 -12.91
CA ALA A 110 -3.00 -37.00 -13.28
C ALA A 110 -3.64 -36.36 -12.06
N VAL A 111 -3.81 -37.11 -10.98
CA VAL A 111 -4.53 -36.56 -9.82
C VAL A 111 -3.67 -35.49 -9.14
N PRO A 112 -2.41 -35.74 -8.76
CA PRO A 112 -1.65 -34.65 -8.14
C PRO A 112 -1.38 -33.50 -9.10
N TYR A 113 -1.20 -33.80 -10.39
CA TYR A 113 -1.03 -32.73 -11.37
C TYR A 113 -2.25 -31.83 -11.40
N CYS A 114 -3.43 -32.43 -11.50
CA CYS A 114 -4.66 -31.63 -11.56
C CYS A 114 -4.91 -30.90 -10.24
N GLN A 115 -4.63 -31.55 -9.11
CA GLN A 115 -4.84 -30.88 -7.84
C GLN A 115 -3.91 -29.68 -7.70
N LEU A 116 -2.63 -29.89 -8.03
CA LEU A 116 -1.67 -28.80 -8.00
C LEU A 116 -2.02 -27.75 -9.02
N SER A 117 -2.43 -28.16 -10.22
CA SER A 117 -2.83 -27.18 -11.22
C SER A 117 -4.05 -26.39 -10.76
N ALA A 118 -4.98 -27.04 -10.07
CA ALA A 118 -6.12 -26.30 -9.55
C ALA A 118 -5.68 -25.27 -8.52
N ALA A 119 -4.70 -25.64 -7.66
CA ALA A 119 -4.20 -24.72 -6.64
C ALA A 119 -3.48 -23.54 -7.28
N LEU A 120 -2.71 -23.79 -8.33
CA LEU A 120 -2.02 -22.70 -9.01
C LEU A 120 -2.90 -22.04 -10.05
N GLU A 121 -4.11 -22.58 -10.26
CA GLU A 121 -5.07 -22.02 -11.21
C GLU A 121 -4.55 -22.05 -12.66
N LEU A 122 -3.85 -23.12 -13.02
CA LEU A 122 -3.37 -23.29 -14.38
C LEU A 122 -3.90 -24.61 -14.93
N PRO A 123 -4.28 -24.67 -16.19
CA PRO A 123 -4.72 -25.94 -16.77
C PRO A 123 -3.61 -26.98 -16.66
N PRO A 124 -3.95 -28.24 -16.44
CA PRO A 124 -2.88 -29.25 -16.23
C PRO A 124 -2.26 -29.66 -17.56
N ILE A 125 -1.53 -28.71 -18.14
CA ILE A 125 -0.70 -28.95 -19.30
C ILE A 125 0.49 -28.03 -19.13
N LEU A 126 1.63 -28.41 -19.71
CA LEU A 126 2.80 -27.55 -19.67
C LEU A 126 2.47 -26.21 -20.31
N VAL A 127 2.75 -25.11 -19.60
CA VAL A 127 2.50 -23.78 -20.14
C VAL A 127 3.79 -22.99 -20.15
N TYR A 128 3.73 -21.83 -20.82
CA TYR A 128 4.86 -20.93 -20.89
C TYR A 128 5.44 -20.62 -19.52
N ALA A 129 4.57 -20.36 -18.53
CA ALA A 129 5.05 -20.01 -17.20
C ALA A 129 5.77 -21.16 -16.52
N ASP A 130 5.49 -22.41 -16.92
CA ASP A 130 6.26 -23.54 -16.39
C ASP A 130 7.63 -23.60 -17.05
N CYS A 131 7.66 -23.86 -18.36
CA CYS A 131 8.88 -24.25 -19.04
C CYS A 131 9.75 -23.06 -19.40
N VAL A 132 9.28 -21.83 -19.17
CA VAL A 132 10.15 -20.69 -19.32
C VAL A 132 10.32 -20.03 -17.95
N LEU A 133 9.22 -19.52 -17.39
CA LEU A 133 9.34 -18.63 -16.24
C LEU A 133 9.84 -19.37 -15.00
N ALA A 134 9.61 -20.67 -14.91
CA ALA A 134 10.00 -21.43 -13.74
C ALA A 134 11.13 -22.41 -14.04
N ASN A 135 11.60 -22.47 -15.28
CA ASN A 135 12.47 -23.54 -15.76
C ASN A 135 13.89 -23.03 -15.98
N TRP A 136 14.48 -22.36 -14.98
CA TRP A 136 15.80 -21.79 -15.18
C TRP A 136 16.54 -21.64 -13.86
N LYS A 137 17.84 -21.49 -13.97
CA LYS A 137 18.73 -21.24 -12.84
C LYS A 137 19.90 -20.40 -13.33
N LYS A 138 20.50 -19.66 -12.40
CA LYS A 138 21.84 -19.11 -12.63
C LYS A 138 22.87 -20.20 -12.41
N LYS A 139 23.91 -20.20 -13.23
CA LYS A 139 25.06 -21.04 -12.93
C LYS A 139 25.82 -20.48 -11.73
N ASP A 140 26.26 -19.23 -11.84
CA ASP A 140 26.87 -18.48 -10.76
C ASP A 140 25.83 -17.56 -10.15
N PRO A 141 25.33 -17.83 -8.94
CA PRO A 141 24.32 -16.94 -8.35
C PRO A 141 24.76 -15.51 -8.25
N ASN A 142 26.08 -15.24 -8.30
CA ASN A 142 26.64 -13.92 -8.10
C ASN A 142 27.04 -13.19 -9.40
N LYS A 143 26.41 -13.51 -10.52
CA LYS A 143 26.75 -12.89 -11.81
C LYS A 143 25.45 -12.70 -12.59
N PRO A 144 25.39 -11.73 -13.51
CA PRO A 144 24.10 -11.35 -14.11
C PRO A 144 23.36 -12.48 -14.83
N LEU A 145 22.11 -12.14 -15.19
CA LEU A 145 21.21 -13.01 -15.93
C LEU A 145 21.54 -12.91 -17.41
N THR A 146 22.61 -13.60 -17.79
CA THR A 146 22.97 -13.73 -19.19
C THR A 146 22.77 -15.18 -19.60
N TYR A 147 22.58 -15.40 -20.91
CA TYR A 147 22.48 -16.75 -21.41
C TYR A 147 23.65 -17.61 -20.91
N GLU A 148 24.86 -17.05 -20.93
CA GLU A 148 26.08 -17.75 -20.55
C GLU A 148 26.11 -18.12 -19.07
N ASN A 149 25.36 -17.41 -18.22
CA ASN A 149 25.31 -17.74 -16.81
C ASN A 149 24.01 -18.45 -16.44
N MET A 150 23.32 -19.05 -17.39
CA MET A 150 22.01 -19.63 -17.10
C MET A 150 21.87 -21.03 -17.68
N ASP A 151 20.88 -21.73 -17.15
CA ASP A 151 20.56 -23.07 -17.59
C ASP A 151 19.07 -23.31 -17.40
N VAL A 152 18.54 -24.25 -18.19
CA VAL A 152 17.19 -24.73 -17.93
C VAL A 152 17.26 -25.82 -16.85
N LEU A 153 16.14 -26.02 -16.18
CA LEU A 153 16.07 -27.14 -15.25
C LEU A 153 15.71 -28.43 -15.97
N PHE A 154 14.88 -28.37 -17.02
CA PHE A 154 14.47 -29.61 -17.65
C PHE A 154 14.47 -29.47 -19.16
N SER A 155 14.86 -30.57 -19.81
CA SER A 155 14.82 -30.74 -21.25
C SER A 155 14.11 -32.03 -21.56
N PHE A 156 13.67 -32.16 -22.80
CA PHE A 156 12.94 -33.36 -23.22
C PHE A 156 13.83 -34.39 -23.89
N ARG A 157 14.62 -33.97 -24.89
CA ARG A 157 15.46 -34.88 -25.67
C ARG A 157 16.81 -34.24 -25.89
N ASP A 158 17.86 -35.06 -25.83
CA ASP A 158 19.18 -34.64 -26.26
C ASP A 158 19.08 -33.94 -27.60
N GLY A 159 19.60 -32.72 -27.65
CA GLY A 159 19.63 -31.97 -28.88
C GLY A 159 18.36 -31.26 -29.24
N ASP A 160 17.37 -31.20 -28.33
CA ASP A 160 16.11 -30.53 -28.67
C ASP A 160 16.21 -29.01 -28.61
N CYS A 161 17.33 -28.46 -28.17
CA CYS A 161 17.54 -27.02 -28.04
C CYS A 161 16.52 -26.37 -27.10
N SER A 162 16.07 -27.10 -26.09
CA SER A 162 15.14 -26.54 -25.10
C SER A 162 15.83 -25.44 -24.29
N LYS A 163 17.11 -25.61 -23.98
CA LYS A 163 17.84 -24.53 -23.29
C LYS A 163 17.82 -23.25 -24.12
N GLY A 164 18.22 -23.33 -25.39
CA GLY A 164 18.20 -22.15 -26.22
C GLY A 164 16.81 -21.58 -26.37
N PHE A 165 15.83 -22.44 -26.61
CA PHE A 165 14.49 -21.94 -26.87
C PHE A 165 13.88 -21.31 -25.62
N PHE A 166 13.95 -22.03 -24.49
CA PHE A 166 13.34 -21.53 -23.26
C PHE A 166 14.11 -20.32 -22.71
N LEU A 167 15.43 -20.40 -22.67
CA LEU A 167 16.21 -19.31 -22.09
C LEU A 167 16.15 -18.05 -22.96
N VAL A 168 16.14 -18.20 -24.29
CA VAL A 168 16.06 -16.99 -25.10
C VAL A 168 14.69 -16.36 -24.93
N SER A 169 13.63 -17.17 -24.90
CA SER A 169 12.31 -16.63 -24.58
C SER A 169 12.34 -15.94 -23.24
N LEU A 170 13.02 -16.53 -22.27
CA LEU A 170 13.14 -15.91 -20.96
C LEU A 170 13.89 -14.59 -21.05
N LEU A 171 14.98 -14.56 -21.81
CA LEU A 171 15.76 -13.33 -21.87
C LEU A 171 15.02 -12.23 -22.61
N VAL A 172 14.24 -12.57 -23.63
CA VAL A 172 13.42 -11.56 -24.29
C VAL A 172 12.35 -11.06 -23.34
N GLU A 173 11.77 -11.97 -22.55
CA GLU A 173 10.78 -11.58 -21.57
C GLU A 173 11.37 -10.65 -20.52
N ILE A 174 12.56 -10.97 -20.01
CA ILE A 174 13.19 -10.12 -19.01
C ILE A 174 13.47 -8.73 -19.58
N ALA A 175 14.04 -8.68 -20.79
CA ALA A 175 14.27 -7.39 -21.43
C ALA A 175 12.97 -6.58 -21.53
N ALA A 176 11.89 -7.22 -21.97
CA ALA A 176 10.63 -6.49 -22.09
C ALA A 176 10.06 -6.14 -20.72
N ALA A 177 10.26 -7.00 -19.73
CA ALA A 177 9.68 -6.79 -18.42
C ALA A 177 10.21 -5.52 -17.74
N SER A 178 11.41 -5.07 -18.12
CA SER A 178 11.90 -3.76 -17.68
C SER A 178 10.88 -2.65 -17.92
N ALA A 179 10.08 -2.77 -18.99
CA ALA A 179 9.05 -1.79 -19.25
C ALA A 179 7.91 -1.85 -18.23
N ILE A 180 7.67 -3.02 -17.64
CA ILE A 180 6.58 -3.16 -16.67
C ILE A 180 6.80 -2.21 -15.49
N LYS A 181 8.06 -1.99 -15.12
CA LYS A 181 8.43 -1.05 -14.07
C LYS A 181 7.89 0.35 -14.35
N VAL A 182 7.67 0.67 -15.63
CA VAL A 182 7.29 2.00 -16.07
C VAL A 182 5.78 2.12 -16.29
N ILE A 183 5.06 0.99 -16.38
CA ILE A 183 3.62 1.06 -16.62
C ILE A 183 2.89 1.86 -15.55
N PRO A 184 3.21 1.76 -14.25
CA PRO A 184 2.55 2.66 -13.28
C PRO A 184 2.81 4.12 -13.59
N THR A 185 4.04 4.47 -13.97
CA THR A 185 4.36 5.83 -14.36
C THR A 185 3.42 6.32 -15.45
N VAL A 186 3.19 5.50 -16.48
CA VAL A 186 2.27 5.88 -17.55
C VAL A 186 0.93 6.28 -16.97
N PHE A 187 0.33 5.43 -16.13
CA PHE A 187 -1.05 5.67 -15.72
C PHE A 187 -1.17 6.80 -14.72
N LYS A 188 -0.15 7.01 -13.88
CA LYS A 188 -0.18 8.11 -12.93
C LYS A 188 0.18 9.43 -13.61
N ALA A 189 1.07 9.39 -14.61
CA ALA A 189 1.30 10.60 -15.41
C ALA A 189 0.04 11.03 -16.12
N MET A 190 -0.79 10.07 -16.54
CA MET A 190 -2.03 10.45 -17.20
C MET A 190 -3.02 11.05 -16.22
N GLN A 191 -3.10 10.51 -15.00
CA GLN A 191 -4.10 11.09 -14.09
C GLN A 191 -3.63 12.37 -13.45
N MET A 192 -2.32 12.48 -13.19
CA MET A 192 -1.76 13.71 -12.68
C MET A 192 -1.47 14.71 -13.79
N GLN A 193 -1.84 14.37 -15.02
CA GLN A 193 -1.59 15.21 -16.18
C GLN A 193 -0.14 15.68 -16.22
N GLU A 194 0.76 14.72 -16.28
CA GLU A 194 2.20 15.00 -16.29
C GLU A 194 2.70 14.65 -17.69
N ARG A 195 2.69 15.66 -18.58
CA ARG A 195 2.97 15.40 -19.98
C ARG A 195 4.38 14.88 -20.18
N ASP A 196 5.37 15.55 -19.60
CA ASP A 196 6.73 15.10 -19.83
C ASP A 196 6.95 13.70 -19.25
N THR A 197 6.42 13.44 -18.06
CA THR A 197 6.55 12.12 -17.45
C THR A 197 5.92 11.04 -18.31
N LEU A 198 4.75 11.31 -18.90
CA LEU A 198 4.12 10.33 -19.79
C LEU A 198 4.99 10.08 -21.01
N LEU A 199 5.61 11.14 -21.54
CA LEU A 199 6.40 11.04 -22.76
C LEU A 199 7.66 10.24 -22.52
N LYS A 200 8.41 10.56 -21.46
CA LYS A 200 9.62 9.79 -21.15
C LYS A 200 9.29 8.34 -20.80
N ALA A 201 8.13 8.11 -20.16
CA ALA A 201 7.67 6.76 -19.89
C ALA A 201 7.46 5.98 -21.18
N LEU A 202 6.73 6.57 -22.13
CA LEU A 202 6.46 5.87 -23.38
C LEU A 202 7.76 5.62 -24.14
N LEU A 203 8.68 6.57 -24.11
CA LEU A 203 9.96 6.38 -24.78
C LEU A 203 10.79 5.29 -24.10
N GLU A 204 10.71 5.20 -22.77
CA GLU A 204 11.43 4.14 -22.09
C GLU A 204 10.84 2.77 -22.42
N ILE A 205 9.52 2.66 -22.50
CA ILE A 205 8.89 1.41 -22.92
C ILE A 205 9.35 1.04 -24.33
N ALA A 206 9.36 2.01 -25.24
CA ALA A 206 9.82 1.73 -26.60
C ALA A 206 11.25 1.22 -26.59
N SER A 207 12.10 1.87 -25.80
CA SER A 207 13.49 1.46 -25.68
C SER A 207 13.59 0.00 -25.21
N CYS A 208 12.82 -0.37 -24.19
CA CYS A 208 12.84 -1.76 -23.71
C CYS A 208 12.38 -2.72 -24.78
N LEU A 209 11.36 -2.33 -25.55
CA LEU A 209 10.90 -3.18 -26.64
C LEU A 209 11.97 -3.31 -27.71
N GLU A 210 12.71 -2.24 -27.94
CA GLU A 210 13.80 -2.30 -28.90
C GLU A 210 14.91 -3.20 -28.39
N LYS A 211 15.28 -3.06 -27.11
CA LYS A 211 16.26 -3.98 -26.56
C LYS A 211 15.76 -5.42 -26.63
N ALA A 212 14.47 -5.64 -26.35
CA ALA A 212 13.92 -6.99 -26.45
C ALA A 212 14.12 -7.57 -27.85
N LEU A 213 13.97 -6.74 -28.88
CA LEU A 213 14.19 -7.19 -30.26
C LEU A 213 15.63 -7.65 -30.47
N GLN A 214 16.60 -6.92 -29.94
CA GLN A 214 18.00 -7.32 -30.12
C GLN A 214 18.25 -8.67 -29.45
N VAL A 215 17.74 -8.84 -28.23
CA VAL A 215 17.85 -10.12 -27.54
C VAL A 215 17.21 -11.22 -28.37
N PHE A 216 16.08 -10.91 -29.00
CA PHE A 216 15.34 -11.86 -29.83
C PHE A 216 16.24 -12.56 -30.85
N HIS A 217 17.21 -11.83 -31.43
CA HIS A 217 18.14 -12.38 -32.40
C HIS A 217 18.92 -13.58 -31.87
N GLN A 218 19.00 -13.75 -30.54
CA GLN A 218 19.72 -14.88 -29.99
C GLN A 218 19.03 -16.22 -30.24
N ILE A 219 17.78 -16.22 -30.71
CA ILE A 219 17.19 -17.46 -31.19
C ILE A 219 18.13 -18.15 -32.18
N HIS A 220 18.72 -17.37 -33.08
CA HIS A 220 19.59 -17.98 -34.08
C HIS A 220 20.86 -18.55 -33.44
N ASP A 221 21.31 -17.94 -32.35
CA ASP A 221 22.52 -18.41 -31.70
C ASP A 221 22.35 -19.76 -31.03
N HIS A 222 21.14 -20.10 -30.61
CA HIS A 222 21.01 -21.20 -29.67
C HIS A 222 19.94 -22.22 -30.02
N VAL A 223 19.20 -22.02 -31.09
CA VAL A 223 18.13 -22.93 -31.47
C VAL A 223 18.37 -23.34 -32.91
N ASN A 224 18.50 -24.57 -33.13
CA ASN A 224 18.65 -25.05 -34.49
C ASN A 224 17.29 -25.33 -35.08
N PRO A 225 16.99 -24.80 -36.28
CA PRO A 225 15.65 -24.97 -36.87
C PRO A 225 15.20 -26.41 -37.01
N LYS A 226 16.10 -27.30 -37.47
CA LYS A 226 15.75 -28.71 -37.60
C LYS A 226 15.36 -29.32 -36.25
N ALA A 227 16.17 -29.10 -35.22
CA ALA A 227 15.87 -29.66 -33.91
C ALA A 227 14.57 -29.11 -33.35
N PHE A 228 14.37 -27.79 -33.44
CA PHE A 228 13.16 -27.22 -32.91
C PHE A 228 11.93 -27.82 -33.60
N PHE A 229 11.94 -27.85 -34.92
CA PHE A 229 10.74 -28.22 -35.64
C PHE A 229 10.44 -29.70 -35.46
N SER A 230 11.48 -30.53 -35.46
CA SER A 230 11.26 -31.96 -35.51
C SER A 230 11.40 -32.64 -34.17
N VAL A 231 11.91 -31.95 -33.15
CA VAL A 231 11.99 -32.55 -31.81
C VAL A 231 11.24 -31.73 -30.78
N LEU A 232 11.66 -30.48 -30.56
CA LEU A 232 11.13 -29.73 -29.42
C LEU A 232 9.65 -29.46 -29.60
N ARG A 233 9.25 -29.01 -30.81
CA ARG A 233 7.89 -28.59 -31.04
C ARG A 233 6.90 -29.70 -30.65
N ILE A 234 7.33 -30.95 -30.77
CA ILE A 234 6.45 -32.07 -30.46
C ILE A 234 5.99 -32.01 -29.01
N TYR A 235 6.91 -31.67 -28.09
CA TYR A 235 6.61 -31.73 -26.67
C TYR A 235 5.92 -30.49 -26.14
N LEU A 236 5.85 -29.42 -26.93
CA LEU A 236 5.05 -28.25 -26.60
C LEU A 236 3.65 -28.32 -27.17
N SER A 237 3.33 -29.35 -27.94
CA SER A 237 2.01 -29.46 -28.54
C SER A 237 0.98 -29.88 -27.50
N GLY A 238 -0.24 -29.36 -27.66
CA GLY A 238 -1.32 -29.63 -26.74
C GLY A 238 -2.32 -30.61 -27.31
N TRP A 239 -3.46 -30.68 -26.65
CA TRP A 239 -4.52 -31.56 -27.10
C TRP A 239 -5.82 -30.80 -27.23
N LYS A 240 -5.74 -29.65 -27.86
CA LYS A 240 -6.90 -28.86 -28.23
C LYS A 240 -6.93 -28.79 -29.75
N GLY A 241 -8.03 -29.24 -30.35
CA GLY A 241 -8.09 -29.30 -31.80
C GLY A 241 -6.96 -30.08 -32.41
N ASN A 242 -6.48 -31.12 -31.72
CA ASN A 242 -5.35 -31.90 -32.18
C ASN A 242 -5.86 -33.23 -32.72
N PRO A 243 -5.63 -33.55 -34.00
CA PRO A 243 -6.22 -34.78 -34.56
C PRO A 243 -5.69 -36.04 -33.92
N GLN A 244 -4.47 -36.03 -33.39
CA GLN A 244 -3.94 -37.20 -32.70
C GLN A 244 -4.59 -37.46 -31.34
N LEU A 245 -5.21 -36.44 -30.73
CA LEU A 245 -5.93 -36.60 -29.47
C LEU A 245 -7.24 -35.84 -29.60
N SER A 246 -8.12 -36.33 -30.49
CA SER A 246 -9.21 -35.53 -31.03
C SER A 246 -10.19 -35.05 -29.96
N ASP A 247 -10.32 -35.79 -28.86
CA ASP A 247 -11.23 -35.40 -27.79
C ASP A 247 -10.51 -34.91 -26.55
N GLY A 248 -9.22 -34.71 -26.64
CA GLY A 248 -8.45 -34.31 -25.48
C GLY A 248 -7.80 -35.48 -24.79
N LEU A 249 -7.32 -35.20 -23.59
CA LEU A 249 -6.60 -36.16 -22.78
C LEU A 249 -7.47 -36.52 -21.58
N VAL A 250 -7.50 -37.80 -21.23
CA VAL A 250 -8.17 -38.23 -20.02
C VAL A 250 -7.19 -38.10 -18.87
N TYR A 251 -7.54 -37.27 -17.89
CA TYR A 251 -6.78 -37.13 -16.66
C TYR A 251 -7.38 -38.13 -15.67
N GLU A 252 -6.85 -39.35 -15.72
CA GLU A 252 -7.48 -40.50 -15.10
C GLU A 252 -7.65 -40.33 -13.60
N GLY A 253 -8.85 -40.66 -13.12
CA GLY A 253 -9.15 -40.55 -11.72
C GLY A 253 -9.38 -39.12 -11.24
N PHE A 254 -9.36 -38.14 -12.15
CA PHE A 254 -9.69 -36.78 -11.80
C PHE A 254 -10.92 -36.29 -12.54
N TRP A 255 -10.92 -36.33 -13.87
CA TRP A 255 -12.12 -36.08 -14.67
C TRP A 255 -12.42 -37.32 -15.49
N GLU A 256 -13.72 -37.61 -15.65
CA GLU A 256 -14.07 -38.82 -16.37
C GLU A 256 -13.95 -38.61 -17.87
N ASP A 257 -14.37 -37.45 -18.37
CA ASP A 257 -14.29 -37.24 -19.81
C ASP A 257 -12.97 -36.58 -20.18
N PRO A 258 -12.47 -36.80 -21.40
CA PRO A 258 -11.21 -36.15 -21.81
C PRO A 258 -11.38 -34.64 -21.90
N LYS A 259 -10.26 -33.93 -21.73
CA LYS A 259 -10.28 -32.49 -21.76
C LYS A 259 -9.24 -31.99 -22.75
N GLU A 260 -9.60 -30.91 -23.43
CA GLU A 260 -8.73 -30.32 -24.42
C GLU A 260 -8.06 -29.10 -23.81
N PHE A 261 -6.74 -29.05 -23.91
CA PHE A 261 -5.98 -27.89 -23.49
C PHE A 261 -4.95 -27.56 -24.55
N ALA A 262 -4.74 -26.28 -24.78
CA ALA A 262 -3.76 -25.84 -25.75
C ALA A 262 -2.35 -26.09 -25.27
N GLY A 263 -1.47 -26.41 -26.21
CA GLY A 263 -0.06 -26.50 -25.92
C GLY A 263 0.54 -25.15 -25.60
N GLY A 264 1.79 -25.20 -25.15
CA GLY A 264 2.45 -24.00 -24.66
C GLY A 264 2.63 -22.98 -25.76
N SER A 265 2.54 -21.71 -25.39
CA SER A 265 2.64 -20.64 -26.37
C SER A 265 3.20 -19.42 -25.64
N ALA A 266 4.02 -18.63 -26.34
CA ALA A 266 4.40 -17.34 -25.80
C ALA A 266 3.22 -16.39 -25.75
N GLY A 267 2.14 -16.70 -26.47
CA GLY A 267 0.84 -16.10 -26.25
C GLY A 267 0.41 -16.15 -24.80
N GLN A 268 0.93 -17.12 -24.05
CA GLN A 268 0.60 -17.28 -22.64
C GLN A 268 1.46 -16.43 -21.72
N SER A 269 2.31 -15.55 -22.28
CA SER A 269 3.10 -14.61 -21.51
C SER A 269 2.31 -13.31 -21.35
N SER A 270 2.00 -12.93 -20.11
CA SER A 270 1.27 -11.68 -19.93
C SER A 270 2.13 -10.50 -20.36
N VAL A 271 3.44 -10.56 -20.11
CA VAL A 271 4.37 -9.55 -20.61
C VAL A 271 4.20 -9.34 -22.11
N PHE A 272 4.19 -10.42 -22.89
CA PHE A 272 4.05 -10.27 -24.35
C PHE A 272 2.64 -9.92 -24.80
N GLN A 273 1.64 -9.99 -23.93
CA GLN A 273 0.33 -9.46 -24.27
C GLN A 273 0.09 -8.07 -23.71
N CYS A 274 0.87 -7.66 -22.71
CA CYS A 274 0.50 -6.47 -21.94
C CYS A 274 0.77 -5.18 -22.70
N PHE A 275 1.73 -5.17 -23.63
CA PHE A 275 1.99 -3.95 -24.39
C PHE A 275 0.83 -3.63 -25.32
N ASP A 276 0.25 -4.65 -25.95
CA ASP A 276 -0.94 -4.42 -26.77
C ASP A 276 -2.07 -3.83 -25.93
N VAL A 277 -2.27 -4.35 -24.72
CA VAL A 277 -3.30 -3.81 -23.83
C VAL A 277 -2.97 -2.38 -23.44
N LEU A 278 -1.76 -2.17 -22.91
CA LEU A 278 -1.28 -0.84 -22.57
C LEU A 278 -1.53 0.18 -23.66
N LEU A 279 -1.18 -0.16 -24.89
CA LEU A 279 -1.29 0.79 -25.99
C LEU A 279 -2.66 0.81 -26.63
N GLY A 280 -3.64 0.12 -26.04
CA GLY A 280 -4.96 0.12 -26.65
C GLY A 280 -5.03 -0.52 -28.00
N ILE A 281 -4.05 -1.37 -28.33
CA ILE A 281 -4.12 -2.22 -29.51
C ILE A 281 -4.99 -3.40 -29.13
N GLN A 282 -6.16 -3.50 -29.75
CA GLN A 282 -7.18 -4.43 -29.27
C GLN A 282 -7.01 -5.78 -29.95
N GLN A 283 -5.96 -6.49 -29.51
CA GLN A 283 -5.68 -7.81 -30.05
C GLN A 283 -6.78 -8.80 -29.71
N THR A 284 -7.45 -8.63 -28.57
CA THR A 284 -8.44 -9.56 -28.07
C THR A 284 -9.87 -9.13 -28.36
N ALA A 285 -10.07 -8.11 -29.19
CA ALA A 285 -11.41 -7.63 -29.47
C ALA A 285 -11.98 -8.30 -30.71
N GLY A 286 -13.29 -8.48 -30.72
CA GLY A 286 -13.96 -9.23 -31.75
C GLY A 286 -13.99 -10.71 -31.44
N GLY A 287 -14.61 -11.45 -32.35
CA GLY A 287 -14.67 -12.89 -32.26
C GLY A 287 -13.85 -13.62 -33.29
N GLY A 288 -12.97 -12.93 -34.00
CA GLY A 288 -12.08 -13.59 -34.94
C GLY A 288 -11.17 -14.55 -34.21
N HIS A 289 -10.51 -15.41 -34.98
CA HIS A 289 -9.75 -16.49 -34.36
C HIS A 289 -8.50 -15.97 -33.65
N ALA A 290 -7.85 -14.93 -34.20
CA ALA A 290 -6.66 -14.38 -33.57
C ALA A 290 -6.96 -13.83 -32.19
N ALA A 291 -8.05 -13.05 -32.08
CA ALA A 291 -8.46 -12.50 -30.80
C ALA A 291 -8.88 -13.61 -29.83
N GLN A 292 -9.62 -14.60 -30.32
CA GLN A 292 -10.04 -15.70 -29.48
C GLN A 292 -8.83 -16.45 -28.93
N PHE A 293 -7.84 -16.71 -29.78
CA PHE A 293 -6.66 -17.44 -29.34
C PHE A 293 -5.95 -16.71 -28.21
N LEU A 294 -5.69 -15.40 -28.42
CA LEU A 294 -4.94 -14.61 -27.45
C LEU A 294 -5.72 -14.48 -26.15
N GLN A 295 -7.05 -14.34 -26.25
CA GLN A 295 -7.88 -14.37 -25.06
C GLN A 295 -7.78 -15.71 -24.36
N ASP A 296 -7.90 -16.79 -25.14
CA ASP A 296 -7.79 -18.13 -24.58
C ASP A 296 -6.47 -18.32 -23.86
N MET A 297 -5.38 -17.78 -24.41
CA MET A 297 -4.05 -18.01 -23.84
C MET A 297 -3.91 -17.38 -22.46
N ARG A 298 -4.74 -16.38 -22.15
CA ARG A 298 -4.77 -15.80 -20.80
C ARG A 298 -5.25 -16.79 -19.76
N ARG A 299 -6.02 -17.81 -20.16
CA ARG A 299 -6.36 -18.83 -19.17
C ARG A 299 -5.19 -19.71 -18.82
N TYR A 300 -4.05 -19.57 -19.49
CA TYR A 300 -2.86 -20.37 -19.20
C TYR A 300 -1.77 -19.56 -18.53
N MET A 301 -2.08 -18.30 -18.13
CA MET A 301 -1.19 -17.45 -17.37
C MET A 301 -1.47 -17.60 -15.89
N PRO A 302 -0.46 -17.45 -15.04
CA PRO A 302 -0.70 -17.44 -13.60
C PRO A 302 -1.73 -16.38 -13.27
N PRO A 303 -2.59 -16.64 -12.27
CA PRO A 303 -3.69 -15.71 -11.99
C PRO A 303 -3.24 -14.28 -11.76
N ALA A 304 -2.13 -14.07 -11.04
CA ALA A 304 -1.58 -12.72 -10.89
C ALA A 304 -1.26 -12.09 -12.24
N HIS A 305 -0.64 -12.85 -13.14
CA HIS A 305 -0.35 -12.33 -14.46
C HIS A 305 -1.62 -11.95 -15.20
N ARG A 306 -2.61 -12.85 -15.18
CA ARG A 306 -3.87 -12.58 -15.86
C ARG A 306 -4.55 -11.36 -15.25
N ASN A 307 -4.44 -11.21 -13.93
CA ASN A 307 -5.03 -10.05 -13.26
C ASN A 307 -4.34 -8.78 -13.71
N PHE A 308 -3.01 -8.80 -13.79
CA PHE A 308 -2.28 -7.65 -14.30
C PHE A 308 -2.86 -7.18 -15.62
N LEU A 309 -3.11 -8.12 -16.54
CA LEU A 309 -3.66 -7.74 -17.84
C LEU A 309 -5.05 -7.14 -17.69
N CYS A 310 -5.92 -7.81 -16.93
CA CYS A 310 -7.29 -7.30 -16.77
C CYS A 310 -7.29 -5.91 -16.16
N SER A 311 -6.40 -5.66 -15.20
CA SER A 311 -6.33 -4.34 -14.60
C SER A 311 -5.92 -3.29 -15.62
N LEU A 312 -4.94 -3.61 -16.47
CA LEU A 312 -4.58 -2.70 -17.56
C LEU A 312 -5.79 -2.45 -18.46
N GLU A 313 -6.58 -3.49 -18.74
CA GLU A 313 -7.74 -3.32 -19.61
C GLU A 313 -8.77 -2.40 -18.99
N SER A 314 -8.80 -2.29 -17.67
CA SER A 314 -9.79 -1.47 -16.98
C SER A 314 -9.35 -0.01 -16.89
N ASN A 315 -8.05 0.26 -16.97
CA ASN A 315 -7.54 1.62 -16.84
C ASN A 315 -7.95 2.45 -18.04
N PRO A 316 -7.86 3.78 -17.93
CA PRO A 316 -8.15 4.64 -19.09
C PRO A 316 -7.17 4.37 -20.23
N SER A 317 -7.65 4.57 -21.44
CA SER A 317 -6.89 4.25 -22.65
C SER A 317 -5.72 5.22 -22.81
N VAL A 318 -4.50 4.67 -22.81
CA VAL A 318 -3.33 5.48 -23.13
C VAL A 318 -3.44 6.03 -24.54
N ARG A 319 -3.92 5.20 -25.46
CA ARG A 319 -4.08 5.65 -26.83
C ARG A 319 -4.98 6.88 -26.90
N GLU A 320 -6.16 6.81 -26.29
CA GLU A 320 -7.10 7.92 -26.34
C GLU A 320 -6.50 9.18 -25.72
N PHE A 321 -5.86 9.04 -24.56
CA PHE A 321 -5.13 10.16 -23.98
C PHE A 321 -4.22 10.82 -25.02
N VAL A 322 -3.32 10.04 -25.62
CA VAL A 322 -2.37 10.61 -26.58
C VAL A 322 -3.10 11.20 -27.76
N LEU A 323 -4.19 10.57 -28.19
CA LEU A 323 -4.93 11.06 -29.35
C LEU A 323 -5.62 12.38 -29.07
N SER A 324 -5.93 12.69 -27.82
CA SER A 324 -6.72 13.86 -27.45
C SER A 324 -5.87 15.08 -27.10
N LYS A 325 -4.55 14.97 -27.11
CA LYS A 325 -3.72 16.03 -26.55
C LYS A 325 -3.18 16.99 -27.59
N GLY A 326 -3.32 16.68 -28.88
CA GLY A 326 -2.74 17.49 -29.93
C GLY A 326 -1.28 17.75 -29.65
N ASP A 327 -0.57 16.67 -29.33
CA ASP A 327 0.80 16.72 -28.82
C ASP A 327 1.64 15.79 -29.68
N ALA A 328 2.45 16.37 -30.58
CA ALA A 328 3.17 15.53 -31.54
C ALA A 328 4.29 14.74 -30.86
N GLY A 329 4.97 15.32 -29.88
CA GLY A 329 5.92 14.54 -29.10
C GLY A 329 5.28 13.34 -28.43
N LEU A 330 4.08 13.52 -27.87
CA LEU A 330 3.37 12.40 -27.25
C LEU A 330 3.02 11.36 -28.30
N ARG A 331 2.48 11.82 -29.44
CA ARG A 331 2.17 10.90 -30.53
C ARG A 331 3.43 10.16 -30.99
N GLU A 332 4.56 10.87 -31.10
CA GLU A 332 5.81 10.23 -31.50
C GLU A 332 6.21 9.16 -30.51
N ALA A 333 6.12 9.46 -29.21
CA ALA A 333 6.53 8.49 -28.20
C ALA A 333 5.63 7.26 -28.24
N TYR A 334 4.34 7.47 -28.44
CA TYR A 334 3.40 6.36 -28.57
C TYR A 334 3.72 5.50 -29.78
N ASP A 335 4.00 6.13 -30.93
CA ASP A 335 4.27 5.38 -32.15
C ASP A 335 5.60 4.66 -32.06
N ALA A 336 6.53 5.16 -31.26
CA ALA A 336 7.77 4.43 -31.03
C ALA A 336 7.49 3.10 -30.34
N CYS A 337 6.50 3.06 -29.43
CA CYS A 337 6.11 1.80 -28.82
C CYS A 337 5.44 0.88 -29.83
N VAL A 338 4.47 1.42 -30.57
CA VAL A 338 3.78 0.65 -31.58
C VAL A 338 4.75 0.12 -32.62
N LYS A 339 5.70 0.96 -33.07
CA LYS A 339 6.66 0.50 -34.08
C LYS A 339 7.57 -0.58 -33.54
N ALA A 340 7.98 -0.48 -32.28
CA ALA A 340 8.81 -1.53 -31.73
C ALA A 340 8.05 -2.85 -31.65
N LEU A 341 6.75 -2.80 -31.35
CA LEU A 341 5.93 -4.01 -31.42
C LEU A 341 5.85 -4.56 -32.84
N VAL A 342 5.65 -3.67 -33.82
CA VAL A 342 5.63 -4.10 -35.22
C VAL A 342 6.96 -4.74 -35.62
N SER A 343 8.09 -4.15 -35.21
CA SER A 343 9.38 -4.74 -35.57
C SER A 343 9.56 -6.11 -34.92
N LEU A 344 9.16 -6.25 -33.66
CA LEU A 344 9.24 -7.55 -33.01
C LEU A 344 8.41 -8.58 -33.78
N ARG A 345 7.20 -8.23 -34.17
CA ARG A 345 6.35 -9.21 -34.84
C ARG A 345 6.81 -9.50 -36.26
N SER A 346 7.40 -8.51 -36.94
CA SER A 346 7.98 -8.76 -38.26
C SER A 346 9.20 -9.66 -38.13
N TYR A 347 10.10 -9.35 -37.21
CA TYR A 347 11.22 -10.24 -36.97
C TYR A 347 10.74 -11.64 -36.62
N HIS A 348 9.74 -11.72 -35.75
CA HIS A 348 9.19 -13.00 -35.34
C HIS A 348 8.61 -13.77 -36.51
N LEU A 349 7.96 -13.08 -37.44
CA LEU A 349 7.47 -13.74 -38.65
C LEU A 349 8.61 -14.36 -39.44
N GLN A 350 9.77 -13.68 -39.52
CA GLN A 350 10.95 -14.28 -40.13
C GLN A 350 11.39 -15.51 -39.36
N ILE A 351 11.41 -15.44 -38.02
CA ILE A 351 11.75 -16.59 -37.19
C ILE A 351 10.84 -17.75 -37.55
N VAL A 352 9.54 -17.48 -37.61
CA VAL A 352 8.58 -18.55 -37.86
C VAL A 352 8.81 -19.15 -39.24
N THR A 353 9.13 -18.32 -40.22
CA THR A 353 9.47 -18.83 -41.55
C THR A 353 10.65 -19.80 -41.47
N LYS A 354 11.70 -19.42 -40.74
CA LYS A 354 12.90 -20.22 -40.72
C LYS A 354 12.73 -21.47 -39.85
N TYR A 355 11.98 -21.38 -38.74
CA TYR A 355 11.94 -22.48 -37.79
C TYR A 355 10.74 -23.38 -37.94
N ILE A 356 9.73 -22.96 -38.70
CA ILE A 356 8.57 -23.85 -38.89
C ILE A 356 8.28 -24.07 -40.37
N LEU A 357 8.06 -22.99 -41.13
CA LEU A 357 7.60 -23.16 -42.51
C LEU A 357 8.64 -23.87 -43.35
N ILE A 358 9.88 -23.41 -43.29
CA ILE A 358 10.95 -24.02 -44.08
C ILE A 358 11.14 -25.48 -43.63
N PRO A 359 11.40 -25.77 -42.34
CA PRO A 359 11.56 -27.19 -41.95
C PRO A 359 10.35 -28.06 -42.27
N ALA A 360 9.13 -27.50 -42.26
CA ALA A 360 7.94 -28.28 -42.58
C ALA A 360 7.92 -28.72 -44.03
N SER A 361 8.60 -27.97 -44.90
CA SER A 361 8.76 -28.34 -46.31
C SER A 361 9.99 -29.21 -46.55
N GLN A 362 10.39 -30.00 -45.54
CA GLN A 362 11.56 -30.86 -45.64
C GLN A 362 11.35 -32.17 -44.88
N GLY A 383 -0.20 -24.48 -40.76
CA GLY A 383 0.94 -24.02 -41.54
C GLY A 383 0.76 -22.60 -42.05
N THR A 384 -0.28 -22.41 -42.86
CA THR A 384 -0.65 -21.08 -43.31
C THR A 384 -1.73 -20.45 -42.44
N ASP A 385 -2.52 -21.25 -41.73
CA ASP A 385 -3.33 -20.70 -40.65
C ASP A 385 -2.44 -20.00 -39.61
N LEU A 386 -1.25 -20.53 -39.40
CA LEU A 386 -0.31 -19.93 -38.45
C LEU A 386 0.17 -18.58 -38.95
N MET A 387 0.66 -18.53 -40.19
CA MET A 387 1.19 -17.29 -40.73
C MET A 387 0.10 -16.22 -40.77
N ASN A 388 -1.13 -16.62 -41.04
CA ASN A 388 -2.22 -15.67 -41.09
C ASN A 388 -2.60 -15.17 -39.70
N PHE A 389 -2.40 -15.99 -38.67
CA PHE A 389 -2.60 -15.50 -37.31
C PHE A 389 -1.60 -14.40 -36.98
N LEU A 390 -0.31 -14.69 -37.17
CA LEU A 390 0.73 -13.73 -36.83
C LEU A 390 0.63 -12.47 -37.68
N LYS A 391 0.29 -12.63 -38.96
CA LYS A 391 0.13 -11.47 -39.84
C LYS A 391 -1.07 -10.64 -39.42
N THR A 392 -2.16 -11.29 -39.01
CA THR A 392 -3.30 -10.57 -38.45
C THR A 392 -2.89 -9.78 -37.21
N VAL A 393 -2.14 -10.40 -36.30
CA VAL A 393 -1.74 -9.72 -35.07
C VAL A 393 -0.80 -8.56 -35.40
N ARG A 394 0.15 -8.77 -36.30
CA ARG A 394 1.03 -7.68 -36.69
C ARG A 394 0.24 -6.56 -37.35
N SER A 395 -0.71 -6.92 -38.21
CA SER A 395 -1.50 -5.92 -38.93
C SER A 395 -2.39 -5.12 -37.96
N THR A 396 -2.99 -5.79 -36.98
CA THR A 396 -3.65 -5.05 -35.91
C THR A 396 -2.69 -4.11 -35.20
N THR A 397 -1.46 -4.55 -34.96
CA THR A 397 -0.47 -3.68 -34.35
C THR A 397 -0.23 -2.45 -35.22
N GLU A 398 0.10 -2.64 -36.50
CA GLU A 398 0.52 -1.49 -37.29
C GLU A 398 -0.64 -0.56 -37.58
N LYS A 399 -1.87 -1.08 -37.60
CA LYS A 399 -3.05 -0.26 -37.75
C LYS A 399 -3.24 0.70 -36.59
N SER A 400 -2.55 0.48 -35.47
CA SER A 400 -2.64 1.37 -34.33
C SER A 400 -1.66 2.53 -34.41
N LEU A 401 -0.75 2.53 -35.39
CA LEU A 401 0.14 3.66 -35.57
C LEU A 401 -0.67 4.94 -35.75
N LEU A 402 -0.23 6.01 -35.10
CA LEU A 402 -0.89 7.29 -35.26
C LEU A 402 -0.54 7.93 -36.60
N LYS A 403 0.71 7.86 -37.00
CA LYS A 403 1.15 8.38 -38.29
C LYS A 403 1.65 7.23 -39.15
N GLU A 404 1.25 7.21 -40.42
CA GLU A 404 1.70 6.16 -41.34
C GLU A 404 3.14 6.44 -41.79
N VAL B 23 -36.44 -37.75 -12.36
CA VAL B 23 -36.01 -36.55 -11.63
C VAL B 23 -35.18 -35.63 -12.53
N GLY B 24 -35.00 -36.03 -13.78
CA GLY B 24 -34.31 -35.17 -14.72
C GLY B 24 -32.88 -34.87 -14.33
N PHE B 25 -32.58 -33.63 -13.99
CA PHE B 25 -31.20 -33.32 -13.69
C PHE B 25 -30.88 -33.37 -12.21
N ALA B 26 -31.86 -33.73 -11.38
CA ALA B 26 -31.58 -34.02 -9.98
C ALA B 26 -30.74 -35.27 -9.87
N LEU B 27 -30.07 -35.41 -8.75
CA LEU B 27 -29.32 -36.62 -8.47
C LEU B 27 -30.32 -37.73 -8.10
N PRO B 28 -30.42 -38.80 -8.88
CA PRO B 28 -31.32 -39.89 -8.50
C PRO B 28 -30.80 -40.55 -7.24
N ASN B 29 -31.68 -40.73 -6.27
CA ASN B 29 -31.36 -41.34 -4.98
C ASN B 29 -30.04 -40.79 -4.45
N PRO B 30 -29.99 -39.56 -3.95
CA PRO B 30 -28.74 -39.04 -3.40
C PRO B 30 -28.22 -39.94 -2.31
N GLN B 31 -26.90 -40.08 -2.26
CA GLN B 31 -26.27 -40.73 -1.13
C GLN B 31 -26.44 -39.87 0.11
N GLU B 32 -26.69 -40.51 1.25
CA GLU B 32 -26.90 -39.80 2.50
C GLU B 32 -25.71 -39.81 3.44
N ASN B 33 -24.92 -40.88 3.43
CA ASN B 33 -23.78 -41.02 4.33
C ASN B 33 -22.55 -41.25 3.48
N LEU B 34 -21.47 -40.55 3.84
CA LEU B 34 -20.19 -40.76 3.19
C LEU B 34 -19.52 -41.99 3.77
N PRO B 35 -18.53 -42.56 3.07
CA PRO B 35 -17.71 -43.61 3.67
C PRO B 35 -17.26 -43.24 5.08
N ASP B 36 -17.04 -44.26 5.93
CA ASP B 36 -16.69 -44.04 7.33
C ASP B 36 -15.48 -43.12 7.47
N PHE B 37 -14.53 -43.23 6.54
CA PHE B 37 -13.36 -42.35 6.47
C PHE B 37 -13.71 -40.91 6.80
N TYR B 38 -14.85 -40.44 6.31
CA TYR B 38 -15.25 -39.04 6.43
C TYR B 38 -16.27 -38.83 7.53
N ASN B 39 -16.32 -39.70 8.54
CA ASN B 39 -17.28 -39.55 9.63
C ASN B 39 -17.12 -38.20 10.31
N ASP B 40 -15.89 -37.69 10.37
CA ASP B 40 -15.67 -36.38 10.98
C ASP B 40 -16.42 -35.29 10.24
N TRP B 41 -16.50 -35.40 8.91
CA TRP B 41 -17.30 -34.45 8.15
C TRP B 41 -18.79 -34.71 8.39
N MET B 42 -19.21 -35.97 8.26
CA MET B 42 -20.62 -36.31 8.38
C MET B 42 -21.20 -35.83 9.70
N PHE B 43 -20.48 -36.02 10.81
CA PHE B 43 -20.99 -35.58 12.09
C PHE B 43 -21.31 -34.08 12.09
N ILE B 44 -20.47 -33.27 11.45
CA ILE B 44 -20.64 -31.82 11.51
C ILE B 44 -21.79 -31.37 10.63
N ALA B 45 -21.96 -32.02 9.48
CA ALA B 45 -23.05 -31.63 8.59
C ALA B 45 -24.39 -32.08 9.15
N LYS B 46 -24.46 -33.32 9.63
CA LYS B 46 -25.67 -33.88 10.22
C LYS B 46 -26.13 -33.13 11.46
N HIS B 47 -25.28 -32.34 12.08
CA HIS B 47 -25.65 -31.63 13.30
C HIS B 47 -25.39 -30.14 13.17
N LEU B 48 -25.47 -29.61 11.95
CA LEU B 48 -25.29 -28.18 11.74
C LEU B 48 -26.21 -27.30 12.58
N PRO B 49 -27.53 -27.52 12.62
CA PRO B 49 -28.36 -26.60 13.41
C PRO B 49 -27.97 -26.61 14.88
N ASP B 50 -27.74 -27.79 15.44
CA ASP B 50 -27.26 -27.89 16.81
C ASP B 50 -25.89 -27.25 16.97
N LEU B 51 -24.91 -27.66 16.14
CA LEU B 51 -23.55 -27.13 16.27
C LEU B 51 -23.48 -25.64 16.01
N ILE B 52 -24.36 -25.09 15.17
CA ILE B 52 -24.31 -23.64 14.94
C ILE B 52 -24.91 -22.90 16.12
N GLU B 53 -26.10 -23.33 16.58
CA GLU B 53 -26.74 -22.63 17.70
C GLU B 53 -25.88 -22.74 18.94
N SER B 54 -25.24 -23.88 19.16
CA SER B 54 -24.42 -24.08 20.37
C SER B 54 -23.01 -23.56 20.23
N GLY B 55 -22.71 -22.78 19.18
CA GLY B 55 -21.39 -22.23 18.97
C GLY B 55 -20.25 -23.23 18.81
N GLN B 56 -20.55 -24.52 18.76
CA GLN B 56 -19.47 -25.50 18.60
C GLN B 56 -19.01 -25.68 17.16
N LEU B 57 -19.65 -25.05 16.18
CA LEU B 57 -19.43 -25.41 14.78
C LEU B 57 -18.02 -25.03 14.32
N ARG B 58 -17.68 -23.74 14.42
CA ARG B 58 -16.40 -23.26 13.93
C ARG B 58 -15.25 -24.03 14.55
N GLU B 59 -15.24 -24.16 15.87
CA GLU B 59 -14.23 -24.95 16.57
C GLU B 59 -14.16 -26.36 16.02
N ARG B 60 -15.33 -26.99 15.82
CA ARG B 60 -15.37 -28.32 15.24
C ARG B 60 -14.64 -28.35 13.90
N VAL B 61 -14.87 -27.34 13.06
CA VAL B 61 -14.23 -27.27 11.76
C VAL B 61 -12.72 -27.13 11.91
N GLU B 62 -12.28 -26.28 12.83
CA GLU B 62 -10.86 -26.01 13.03
C GLU B 62 -10.12 -27.18 13.69
N LYS B 63 -10.84 -28.14 14.27
CA LYS B 63 -10.23 -29.33 14.84
C LYS B 63 -10.13 -30.47 13.84
N LEU B 64 -10.85 -30.38 12.72
CA LEU B 64 -10.79 -31.45 11.74
C LEU B 64 -9.36 -31.67 11.29
N ASN B 65 -8.98 -32.94 11.20
CA ASN B 65 -7.83 -33.33 10.41
C ASN B 65 -8.15 -33.20 8.92
N MET B 66 -7.11 -33.06 8.10
CA MET B 66 -7.32 -33.02 6.67
C MET B 66 -7.56 -34.43 6.17
N LEU B 67 -8.69 -34.65 5.52
CA LEU B 67 -9.04 -35.95 4.99
C LEU B 67 -8.84 -35.90 3.49
N SER B 68 -8.05 -36.83 2.97
CA SER B 68 -7.89 -36.94 1.54
C SER B 68 -9.23 -37.27 0.88
N ILE B 69 -9.44 -36.71 -0.30
CA ILE B 69 -10.68 -36.99 -1.04
C ILE B 69 -10.59 -38.31 -1.79
N ASP B 70 -9.49 -39.05 -1.64
CA ASP B 70 -9.30 -40.25 -2.45
C ASP B 70 -10.26 -41.36 -2.08
N HIS B 71 -10.84 -41.33 -0.88
CA HIS B 71 -11.86 -42.32 -0.55
C HIS B 71 -13.25 -41.94 -1.03
N LEU B 72 -13.35 -40.96 -1.95
CA LEU B 72 -14.64 -40.58 -2.56
C LEU B 72 -14.65 -41.22 -3.94
N THR B 73 -15.09 -42.47 -4.00
CA THR B 73 -14.82 -43.35 -5.12
C THR B 73 -15.79 -43.19 -6.28
N ASP B 74 -16.99 -42.66 -6.04
CA ASP B 74 -18.00 -42.59 -7.08
C ASP B 74 -18.63 -41.20 -7.10
N HIS B 75 -19.39 -40.95 -8.16
CA HIS B 75 -20.03 -39.65 -8.31
C HIS B 75 -20.93 -39.34 -7.12
N LYS B 76 -21.73 -40.32 -6.68
CA LYS B 76 -22.70 -40.08 -5.62
C LYS B 76 -22.03 -39.64 -4.32
N SER B 77 -20.93 -40.31 -3.94
CA SER B 77 -20.25 -39.90 -2.72
C SER B 77 -19.50 -38.58 -2.92
N GLN B 78 -19.03 -38.31 -4.13
CA GLN B 78 -18.43 -37.01 -4.39
C GLN B 78 -19.48 -35.91 -4.31
N ARG B 79 -20.65 -36.13 -4.90
CA ARG B 79 -21.69 -35.11 -4.84
C ARG B 79 -22.14 -34.88 -3.40
N LEU B 80 -22.26 -35.95 -2.60
CA LEU B 80 -22.60 -35.78 -1.20
C LEU B 80 -21.53 -35.01 -0.45
N ALA B 81 -20.26 -35.37 -0.67
CA ALA B 81 -19.17 -34.65 -0.01
C ALA B 81 -19.16 -33.16 -0.38
N ARG B 82 -19.52 -32.83 -1.63
CA ARG B 82 -19.67 -31.42 -1.97
C ARG B 82 -20.79 -30.79 -1.16
N LEU B 83 -21.89 -31.50 -1.01
CA LEU B 83 -22.99 -30.97 -0.21
C LEU B 83 -22.56 -30.77 1.23
N VAL B 84 -21.93 -31.81 1.81
CA VAL B 84 -21.44 -31.74 3.19
C VAL B 84 -20.44 -30.60 3.35
N LEU B 85 -19.40 -30.59 2.51
CA LEU B 85 -18.38 -29.55 2.66
C LEU B 85 -18.98 -28.18 2.40
N GLY B 86 -19.93 -28.10 1.46
CA GLY B 86 -20.51 -26.80 1.14
C GLY B 86 -21.38 -26.26 2.26
N CYS B 87 -22.19 -27.12 2.88
CA CYS B 87 -23.00 -26.66 4.01
C CYS B 87 -22.10 -26.24 5.17
N ILE B 88 -21.10 -27.07 5.50
CA ILE B 88 -20.14 -26.71 6.54
C ILE B 88 -19.51 -25.37 6.25
N THR B 89 -19.16 -25.14 4.97
CA THR B 89 -18.48 -23.91 4.58
C THR B 89 -19.38 -22.70 4.77
N MET B 90 -20.62 -22.78 4.31
CA MET B 90 -21.55 -21.68 4.59
C MET B 90 -21.74 -21.50 6.08
N ALA B 91 -21.91 -22.60 6.81
CA ALA B 91 -22.05 -22.51 8.26
C ALA B 91 -20.83 -21.85 8.87
N TYR B 92 -19.64 -22.29 8.47
CA TYR B 92 -18.42 -21.71 9.05
C TYR B 92 -18.30 -20.23 8.72
N VAL B 93 -18.55 -19.85 7.47
CA VAL B 93 -18.33 -18.48 7.03
C VAL B 93 -19.34 -17.52 7.66
N TRP B 94 -20.61 -17.92 7.69
CA TRP B 94 -21.64 -17.03 8.19
C TRP B 94 -21.94 -17.26 9.67
N GLY B 95 -21.48 -18.36 10.24
CA GLY B 95 -21.66 -18.59 11.67
C GLY B 95 -23.13 -18.66 12.06
N LYS B 96 -23.53 -17.84 13.04
CA LYS B 96 -24.91 -17.77 13.48
C LYS B 96 -25.76 -16.89 12.59
N GLY B 97 -25.15 -16.19 11.65
CA GLY B 97 -25.90 -15.45 10.66
C GLY B 97 -26.16 -14.00 10.99
N HIS B 98 -25.43 -13.42 11.95
CA HIS B 98 -25.74 -12.08 12.43
C HIS B 98 -24.61 -11.10 12.19
N GLY B 99 -23.71 -11.38 11.26
CA GLY B 99 -22.64 -10.46 10.91
C GLY B 99 -21.27 -10.85 11.39
N ASP B 100 -21.16 -11.82 12.30
CA ASP B 100 -19.84 -12.31 12.76
C ASP B 100 -19.35 -13.34 11.75
N VAL B 101 -18.62 -12.86 10.73
CA VAL B 101 -18.19 -13.69 9.61
C VAL B 101 -16.78 -14.22 9.85
N ARG B 102 -16.44 -15.31 9.16
CA ARG B 102 -15.06 -15.75 9.00
C ARG B 102 -14.66 -15.58 7.54
N LYS B 103 -13.54 -14.88 7.31
CA LYS B 103 -13.07 -14.56 5.98
C LYS B 103 -12.03 -15.55 5.47
N VAL B 104 -11.67 -16.53 6.28
CA VAL B 104 -10.68 -17.54 5.92
C VAL B 104 -11.30 -18.89 6.21
N LEU B 105 -11.36 -19.74 5.20
CA LEU B 105 -11.83 -21.09 5.44
C LEU B 105 -10.64 -21.97 5.80
N PRO B 106 -10.68 -22.68 6.93
CA PRO B 106 -9.49 -23.41 7.38
C PRO B 106 -9.04 -24.45 6.37
N ARG B 107 -7.73 -24.59 6.26
CA ARG B 107 -7.15 -25.43 5.21
C ARG B 107 -7.62 -26.86 5.30
N ASN B 108 -7.90 -27.38 6.49
CA ASN B 108 -8.24 -28.79 6.56
C ASN B 108 -9.60 -29.08 5.96
N ILE B 109 -10.41 -28.06 5.72
CA ILE B 109 -11.62 -28.21 4.95
C ILE B 109 -11.47 -27.56 3.58
N ALA B 110 -10.78 -26.42 3.51
CA ALA B 110 -10.63 -25.70 2.25
C ALA B 110 -9.95 -26.55 1.18
N VAL B 111 -8.84 -27.18 1.53
CA VAL B 111 -8.04 -27.96 0.57
C VAL B 111 -8.85 -29.10 -0.01
N PRO B 112 -9.34 -30.06 0.77
CA PRO B 112 -10.13 -31.13 0.15
C PRO B 112 -11.36 -30.61 -0.56
N TYR B 113 -11.97 -29.52 -0.08
CA TYR B 113 -13.15 -28.95 -0.73
C TYR B 113 -12.78 -28.40 -2.10
N CYS B 114 -11.64 -27.73 -2.19
CA CYS B 114 -11.21 -27.17 -3.46
C CYS B 114 -10.80 -28.27 -4.42
N GLN B 115 -10.17 -29.31 -3.90
CA GLN B 115 -9.72 -30.41 -4.73
C GLN B 115 -10.91 -31.17 -5.30
N LEU B 116 -11.86 -31.52 -4.43
CA LEU B 116 -13.09 -32.15 -4.89
C LEU B 116 -13.83 -31.26 -5.86
N SER B 117 -13.94 -29.97 -5.55
CA SER B 117 -14.63 -29.05 -6.43
C SER B 117 -13.94 -28.97 -7.78
N ALA B 118 -12.60 -29.08 -7.79
CA ALA B 118 -11.89 -29.06 -9.07
C ALA B 118 -12.22 -30.30 -9.88
N ALA B 119 -12.30 -31.45 -9.23
CA ALA B 119 -12.67 -32.68 -9.95
C ALA B 119 -14.11 -32.65 -10.45
N LEU B 120 -15.03 -32.12 -9.64
CA LEU B 120 -16.41 -32.01 -10.10
C LEU B 120 -16.63 -30.78 -10.95
N GLU B 121 -15.58 -29.94 -11.10
CA GLU B 121 -15.62 -28.77 -11.96
C GLU B 121 -16.66 -27.75 -11.50
N LEU B 122 -16.82 -27.63 -10.19
CA LEU B 122 -17.73 -26.66 -9.61
C LEU B 122 -16.94 -25.76 -8.67
N PRO B 123 -17.26 -24.48 -8.59
CA PRO B 123 -16.57 -23.63 -7.64
C PRO B 123 -16.81 -24.11 -6.23
N PRO B 124 -15.85 -23.88 -5.32
CA PRO B 124 -15.99 -24.38 -3.94
C PRO B 124 -16.85 -23.45 -3.11
N ILE B 125 -18.14 -23.41 -3.48
CA ILE B 125 -19.18 -22.78 -2.68
C ILE B 125 -20.44 -23.61 -2.88
N LEU B 126 -21.36 -23.53 -1.91
CA LEU B 126 -22.62 -24.27 -2.02
C LEU B 126 -23.39 -23.76 -3.25
N VAL B 127 -23.76 -24.69 -4.13
CA VAL B 127 -24.52 -24.34 -5.34
C VAL B 127 -25.84 -25.09 -5.31
N TYR B 128 -26.72 -24.66 -6.21
CA TYR B 128 -28.04 -25.26 -6.38
C TYR B 128 -27.97 -26.79 -6.55
N ALA B 129 -27.08 -27.28 -7.42
CA ALA B 129 -26.95 -28.72 -7.62
C ALA B 129 -26.53 -29.48 -6.34
N ASP B 130 -25.83 -28.82 -5.42
CA ASP B 130 -25.58 -29.44 -4.12
C ASP B 130 -26.85 -29.44 -3.26
N CYS B 131 -27.34 -28.26 -2.90
CA CYS B 131 -28.31 -28.16 -1.82
C CYS B 131 -29.74 -28.38 -2.28
N VAL B 132 -29.98 -28.49 -3.57
CA VAL B 132 -31.27 -28.96 -4.08
C VAL B 132 -31.12 -30.36 -4.70
N LEU B 133 -30.35 -30.48 -5.79
CA LEU B 133 -30.37 -31.71 -6.55
C LEU B 133 -29.75 -32.89 -5.81
N ALA B 134 -28.82 -32.66 -4.90
CA ALA B 134 -28.19 -33.78 -4.18
C ALA B 134 -28.63 -33.89 -2.74
N ASN B 135 -29.57 -33.05 -2.31
CA ASN B 135 -29.86 -32.85 -0.89
C ASN B 135 -31.27 -33.32 -0.53
N TRP B 136 -31.61 -34.55 -0.91
CA TRP B 136 -32.96 -35.02 -0.63
C TRP B 136 -32.93 -36.53 -0.46
N LYS B 137 -33.98 -37.02 0.21
CA LYS B 137 -34.22 -38.44 0.42
C LYS B 137 -35.73 -38.67 0.40
N LYS B 138 -36.14 -39.86 0.00
CA LYS B 138 -37.49 -40.32 0.29
C LYS B 138 -37.57 -40.71 1.77
N LYS B 139 -38.67 -40.32 2.42
CA LYS B 139 -38.96 -40.88 3.75
C LYS B 139 -39.27 -42.36 3.64
N ASP B 140 -40.09 -42.74 2.67
CA ASP B 140 -40.53 -44.11 2.44
C ASP B 140 -40.17 -44.47 1.02
N PRO B 141 -39.23 -45.39 0.80
CA PRO B 141 -38.84 -45.75 -0.56
C PRO B 141 -39.98 -46.26 -1.40
N ASN B 142 -41.08 -46.72 -0.78
CA ASN B 142 -42.16 -47.28 -1.58
C ASN B 142 -43.11 -46.23 -2.16
N LYS B 143 -43.21 -45.07 -1.51
CA LYS B 143 -44.11 -44.00 -1.94
C LYS B 143 -43.45 -43.10 -2.98
N PRO B 144 -44.23 -42.32 -3.74
CA PRO B 144 -43.62 -41.49 -4.79
C PRO B 144 -42.87 -40.27 -4.28
N LEU B 145 -42.33 -39.50 -5.23
CA LEU B 145 -41.64 -38.23 -4.96
C LEU B 145 -42.67 -37.13 -4.76
N THR B 146 -43.22 -37.06 -3.56
CA THR B 146 -44.06 -35.95 -3.15
C THR B 146 -43.45 -35.33 -1.92
N TYR B 147 -43.78 -34.07 -1.67
CA TYR B 147 -43.21 -33.37 -0.52
C TYR B 147 -43.40 -34.17 0.76
N GLU B 148 -44.59 -34.75 0.95
CA GLU B 148 -44.91 -35.44 2.20
C GLU B 148 -44.06 -36.69 2.39
N ASN B 149 -43.49 -37.22 1.31
CA ASN B 149 -42.64 -38.39 1.40
C ASN B 149 -41.17 -38.05 1.24
N MET B 150 -40.76 -36.82 1.55
CA MET B 150 -39.39 -36.42 1.27
C MET B 150 -38.85 -35.59 2.41
N ASP B 151 -37.52 -35.58 2.47
CA ASP B 151 -36.81 -34.68 3.36
C ASP B 151 -35.54 -34.20 2.67
N VAL B 152 -34.95 -33.16 3.21
CA VAL B 152 -33.61 -32.76 2.81
C VAL B 152 -32.61 -33.58 3.62
N LEU B 153 -31.35 -33.60 3.18
CA LEU B 153 -30.33 -34.27 3.97
C LEU B 153 -29.75 -33.34 5.01
N PHE B 154 -29.56 -32.08 4.67
CA PHE B 154 -28.94 -31.14 5.59
C PHE B 154 -29.71 -29.83 5.56
N SER B 155 -29.72 -29.18 6.72
CA SER B 155 -30.29 -27.87 6.89
C SER B 155 -29.27 -27.09 7.72
N PHE B 156 -29.48 -25.79 7.81
CA PHE B 156 -28.56 -24.89 8.52
C PHE B 156 -29.01 -24.61 9.95
N ARG B 157 -30.25 -24.15 10.15
CA ARG B 157 -30.77 -23.83 11.47
C ARG B 157 -32.15 -24.47 11.64
N ASP B 158 -32.51 -24.72 12.89
CA ASP B 158 -33.88 -25.17 13.18
C ASP B 158 -34.84 -24.08 12.74
N GLY B 159 -35.92 -24.46 12.07
CA GLY B 159 -36.82 -23.45 11.53
C GLY B 159 -36.28 -22.57 10.41
N ASP B 160 -35.18 -22.97 9.75
CA ASP B 160 -34.75 -22.13 8.63
C ASP B 160 -35.60 -22.32 7.38
N CYS B 161 -36.50 -23.30 7.38
CA CYS B 161 -37.34 -23.64 6.23
C CYS B 161 -36.51 -24.08 5.03
N SER B 162 -35.32 -24.62 5.29
CA SER B 162 -34.52 -25.14 4.18
C SER B 162 -35.17 -26.38 3.59
N LYS B 163 -35.84 -27.19 4.41
CA LYS B 163 -36.57 -28.31 3.83
C LYS B 163 -37.62 -27.81 2.84
N GLY B 164 -38.42 -26.81 3.23
CA GLY B 164 -39.44 -26.34 2.33
C GLY B 164 -38.85 -25.70 1.09
N PHE B 165 -37.80 -24.91 1.28
CA PHE B 165 -37.22 -24.16 0.18
C PHE B 165 -36.52 -25.07 -0.81
N PHE B 166 -35.64 -25.97 -0.33
CA PHE B 166 -34.93 -26.87 -1.23
C PHE B 166 -35.87 -27.85 -1.89
N LEU B 167 -36.76 -28.48 -1.11
CA LEU B 167 -37.63 -29.51 -1.65
C LEU B 167 -38.66 -28.95 -2.62
N VAL B 168 -39.20 -27.75 -2.37
CA VAL B 168 -40.17 -27.23 -3.33
C VAL B 168 -39.46 -26.86 -4.62
N SER B 169 -38.28 -26.25 -4.50
CA SER B 169 -37.46 -26.03 -5.69
C SER B 169 -37.24 -27.32 -6.43
N LEU B 170 -36.82 -28.36 -5.69
CA LEU B 170 -36.59 -29.67 -6.29
C LEU B 170 -37.85 -30.19 -6.98
N LEU B 171 -39.00 -30.06 -6.32
CA LEU B 171 -40.23 -30.58 -6.88
C LEU B 171 -40.65 -29.78 -8.11
N VAL B 172 -40.49 -28.46 -8.06
CA VAL B 172 -40.73 -27.66 -9.25
C VAL B 172 -39.82 -28.12 -10.38
N GLU B 173 -38.53 -28.27 -10.09
CA GLU B 173 -37.59 -28.75 -11.09
C GLU B 173 -37.95 -30.13 -11.62
N ILE B 174 -38.37 -31.05 -10.74
CA ILE B 174 -38.76 -32.36 -11.22
C ILE B 174 -39.96 -32.25 -12.17
N ALA B 175 -40.94 -31.42 -11.81
CA ALA B 175 -42.08 -31.25 -12.70
C ALA B 175 -41.64 -30.68 -14.04
N ALA B 176 -40.75 -29.69 -14.03
CA ALA B 176 -40.30 -29.09 -15.28
C ALA B 176 -39.47 -30.06 -16.09
N ALA B 177 -38.60 -30.83 -15.43
CA ALA B 177 -37.72 -31.77 -16.10
C ALA B 177 -38.49 -32.87 -16.82
N SER B 178 -39.75 -33.10 -16.44
CA SER B 178 -40.61 -33.97 -17.24
C SER B 178 -40.63 -33.55 -18.72
N ALA B 179 -40.34 -32.27 -19.01
CA ALA B 179 -40.32 -31.77 -20.38
C ALA B 179 -39.07 -32.18 -21.15
N ILE B 180 -37.97 -32.46 -20.45
CA ILE B 180 -36.71 -32.72 -21.15
C ILE B 180 -36.79 -34.00 -21.98
N LYS B 181 -37.59 -34.98 -21.55
CA LYS B 181 -37.84 -36.17 -22.37
C LYS B 181 -38.36 -35.78 -23.75
N VAL B 182 -39.06 -34.65 -23.83
CA VAL B 182 -39.70 -34.24 -25.08
C VAL B 182 -38.76 -33.48 -25.97
N ILE B 183 -37.68 -32.93 -25.42
CA ILE B 183 -36.76 -32.12 -26.23
C ILE B 183 -36.24 -32.88 -27.46
N PRO B 184 -35.78 -34.14 -27.35
CA PRO B 184 -35.34 -34.82 -28.58
C PRO B 184 -36.46 -34.99 -29.59
N THR B 185 -37.69 -35.26 -29.11
CA THR B 185 -38.85 -35.28 -30.00
C THR B 185 -38.97 -33.98 -30.77
N VAL B 186 -38.83 -32.84 -30.08
CA VAL B 186 -38.92 -31.55 -30.75
C VAL B 186 -37.91 -31.48 -31.89
N PHE B 187 -36.65 -31.82 -31.61
CA PHE B 187 -35.61 -31.68 -32.63
C PHE B 187 -35.73 -32.73 -33.72
N LYS B 188 -36.09 -33.97 -33.35
CA LYS B 188 -36.34 -34.99 -34.36
C LYS B 188 -37.50 -34.58 -35.27
N ALA B 189 -38.57 -34.04 -34.68
CA ALA B 189 -39.73 -33.62 -35.48
C ALA B 189 -39.37 -32.48 -36.42
N MET B 190 -38.55 -31.53 -35.97
CA MET B 190 -38.08 -30.49 -36.88
C MET B 190 -37.24 -31.09 -38.00
N GLN B 191 -36.37 -32.03 -37.68
CA GLN B 191 -35.48 -32.59 -38.70
C GLN B 191 -36.28 -33.39 -39.73
N MET B 192 -37.12 -34.30 -39.27
CA MET B 192 -37.93 -35.14 -40.11
C MET B 192 -39.23 -34.47 -40.56
N GLN B 193 -39.36 -33.16 -40.40
CA GLN B 193 -40.55 -32.41 -40.83
C GLN B 193 -41.83 -33.12 -40.41
N GLU B 194 -42.01 -33.27 -39.10
CA GLU B 194 -43.17 -33.94 -38.53
C GLU B 194 -43.99 -32.89 -37.80
N ARG B 195 -44.82 -32.17 -38.56
CA ARG B 195 -45.51 -31.01 -38.03
C ARG B 195 -46.36 -31.37 -36.81
N ASP B 196 -47.21 -32.39 -36.94
CA ASP B 196 -48.10 -32.75 -35.83
C ASP B 196 -47.31 -33.23 -34.61
N THR B 197 -46.22 -33.94 -34.84
CA THR B 197 -45.38 -34.40 -33.72
C THR B 197 -44.76 -33.22 -32.99
N LEU B 198 -44.21 -32.27 -33.75
CA LEU B 198 -43.67 -31.05 -33.16
C LEU B 198 -44.73 -30.32 -32.34
N LEU B 199 -45.93 -30.18 -32.90
CA LEU B 199 -47.05 -29.52 -32.21
C LEU B 199 -47.33 -30.18 -30.87
N LYS B 200 -47.54 -31.50 -30.89
CA LYS B 200 -47.86 -32.23 -29.67
C LYS B 200 -46.71 -32.14 -28.67
N ALA B 201 -45.47 -32.13 -29.17
CA ALA B 201 -44.30 -32.03 -28.30
C ALA B 201 -44.25 -30.67 -27.59
N LEU B 202 -44.53 -29.60 -28.32
CA LEU B 202 -44.55 -28.27 -27.71
C LEU B 202 -45.68 -28.13 -26.70
N LEU B 203 -46.87 -28.64 -27.02
CA LEU B 203 -47.94 -28.64 -26.02
C LEU B 203 -47.54 -29.44 -24.80
N GLU B 204 -46.83 -30.55 -25.00
CA GLU B 204 -46.39 -31.34 -23.86
C GLU B 204 -45.45 -30.54 -22.97
N ILE B 205 -44.47 -29.87 -23.58
CA ILE B 205 -43.55 -29.02 -22.82
C ILE B 205 -44.31 -27.94 -22.06
N ALA B 206 -45.25 -27.26 -22.73
CA ALA B 206 -46.02 -26.23 -22.03
C ALA B 206 -46.80 -26.86 -20.89
N SER B 207 -47.31 -28.07 -21.09
CA SER B 207 -48.05 -28.74 -20.03
C SER B 207 -47.16 -29.02 -18.83
N CYS B 208 -45.90 -29.38 -19.06
CA CYS B 208 -44.98 -29.62 -17.95
C CYS B 208 -44.68 -28.33 -17.21
N LEU B 209 -44.56 -27.23 -17.94
CA LEU B 209 -44.28 -25.95 -17.31
C LEU B 209 -45.46 -25.47 -16.47
N GLU B 210 -46.70 -25.76 -16.94
CA GLU B 210 -47.88 -25.39 -16.17
C GLU B 210 -48.00 -26.23 -14.91
N LYS B 211 -47.69 -27.51 -14.99
CA LYS B 211 -47.70 -28.31 -13.78
C LYS B 211 -46.63 -27.81 -12.81
N ALA B 212 -45.46 -27.48 -13.34
CA ALA B 212 -44.41 -26.91 -12.50
C ALA B 212 -44.90 -25.67 -11.77
N LEU B 213 -45.70 -24.84 -12.45
CA LEU B 213 -46.27 -23.69 -11.78
C LEU B 213 -47.21 -24.10 -10.65
N GLN B 214 -48.01 -25.14 -10.87
CA GLN B 214 -48.86 -25.66 -9.79
C GLN B 214 -48.00 -26.08 -8.61
N VAL B 215 -46.92 -26.82 -8.89
CA VAL B 215 -46.05 -27.29 -7.83
C VAL B 215 -45.43 -26.11 -7.08
N PHE B 216 -45.06 -25.08 -7.83
CA PHE B 216 -44.52 -23.85 -7.26
C PHE B 216 -45.41 -23.30 -6.12
N HIS B 217 -46.73 -23.50 -6.21
CA HIS B 217 -47.63 -22.98 -5.18
C HIS B 217 -47.43 -23.62 -3.81
N GLN B 218 -46.74 -24.77 -3.73
CA GLN B 218 -46.54 -25.41 -2.42
C GLN B 218 -45.53 -24.69 -1.55
N ILE B 219 -44.81 -23.71 -2.09
CA ILE B 219 -43.81 -23.00 -1.32
C ILE B 219 -44.43 -22.32 -0.09
N HIS B 220 -45.70 -21.88 -0.19
CA HIS B 220 -46.27 -21.05 0.87
C HIS B 220 -46.45 -21.82 2.17
N ASP B 221 -46.72 -23.12 2.08
CA ASP B 221 -47.00 -23.89 3.27
C ASP B 221 -45.75 -24.49 3.90
N HIS B 222 -44.59 -24.33 3.28
CA HIS B 222 -43.39 -24.92 3.84
C HIS B 222 -42.25 -23.93 4.00
N VAL B 223 -42.46 -22.67 3.67
CA VAL B 223 -41.47 -21.62 3.85
C VAL B 223 -42.19 -20.40 4.39
N ASN B 224 -41.74 -19.87 5.51
CA ASN B 224 -42.38 -18.62 5.86
C ASN B 224 -41.44 -17.46 5.57
N PRO B 225 -41.97 -16.28 5.27
CA PRO B 225 -41.09 -15.18 4.85
C PRO B 225 -40.04 -14.82 5.88
N LYS B 226 -40.39 -14.80 7.17
CA LYS B 226 -39.44 -14.33 8.15
C LYS B 226 -38.23 -15.26 8.22
N ALA B 227 -38.48 -16.57 8.30
CA ALA B 227 -37.38 -17.53 8.38
C ALA B 227 -36.52 -17.47 7.12
N PHE B 228 -37.15 -17.43 5.95
CA PHE B 228 -36.37 -17.35 4.72
C PHE B 228 -35.54 -16.07 4.70
N PHE B 229 -36.19 -14.94 4.90
CA PHE B 229 -35.49 -13.68 4.68
C PHE B 229 -34.35 -13.50 5.67
N SER B 230 -34.54 -13.92 6.93
CA SER B 230 -33.59 -13.56 7.96
C SER B 230 -32.67 -14.70 8.36
N VAL B 231 -32.97 -15.93 7.96
CA VAL B 231 -32.13 -17.08 8.31
C VAL B 231 -31.60 -17.77 7.05
N LEU B 232 -32.49 -18.34 6.24
CA LEU B 232 -32.04 -19.15 5.10
C LEU B 232 -31.25 -18.32 4.11
N ARG B 233 -31.78 -17.17 3.69
CA ARG B 233 -31.10 -16.32 2.71
C ARG B 233 -29.68 -15.97 3.14
N ILE B 234 -29.41 -15.97 4.46
CA ILE B 234 -28.07 -15.67 4.95
C ILE B 234 -27.10 -16.80 4.61
N TYR B 235 -27.52 -18.05 4.84
CA TYR B 235 -26.62 -19.17 4.63
C TYR B 235 -26.42 -19.52 3.16
N LEU B 236 -27.30 -19.04 2.28
CA LEU B 236 -27.11 -19.22 0.86
C LEU B 236 -26.32 -18.09 0.23
N SER B 237 -25.99 -17.05 1.00
CA SER B 237 -25.27 -15.91 0.44
C SER B 237 -23.86 -16.31 0.09
N GLY B 238 -23.34 -15.71 -0.98
CA GLY B 238 -21.99 -15.97 -1.42
C GLY B 238 -21.05 -14.86 -1.00
N TRP B 239 -19.87 -14.86 -1.62
CA TRP B 239 -18.88 -13.82 -1.39
C TRP B 239 -18.43 -13.22 -2.70
N LYS B 240 -19.38 -12.88 -3.55
CA LYS B 240 -19.12 -12.11 -4.75
C LYS B 240 -19.93 -10.84 -4.63
N GLY B 241 -19.25 -9.69 -4.68
CA GLY B 241 -19.91 -8.41 -4.43
C GLY B 241 -20.60 -8.34 -3.08
N ASN B 242 -20.09 -9.05 -2.08
CA ASN B 242 -20.70 -9.03 -0.76
C ASN B 242 -19.89 -8.12 0.16
N PRO B 243 -20.47 -7.00 0.63
CA PRO B 243 -19.69 -6.08 1.48
C PRO B 243 -19.15 -6.71 2.73
N GLN B 244 -19.81 -7.73 3.28
CA GLN B 244 -19.29 -8.42 4.46
C GLN B 244 -18.04 -9.23 4.16
N LEU B 245 -17.77 -9.51 2.88
CA LEU B 245 -16.53 -10.18 2.44
C LEU B 245 -16.11 -9.51 1.14
N SER B 246 -15.66 -8.26 1.24
CA SER B 246 -15.52 -7.44 0.03
C SER B 246 -14.45 -7.94 -0.90
N ASP B 247 -13.51 -8.74 -0.40
CA ASP B 247 -12.48 -9.32 -1.25
C ASP B 247 -12.76 -10.76 -1.62
N GLY B 248 -13.77 -11.37 -1.01
CA GLY B 248 -14.02 -12.78 -1.20
C GLY B 248 -13.55 -13.59 -0.01
N LEU B 249 -13.50 -14.89 -0.22
CA LEU B 249 -13.11 -15.83 0.81
C LEU B 249 -11.72 -16.36 0.52
N VAL B 250 -10.91 -16.53 1.57
CA VAL B 250 -9.60 -17.14 1.45
C VAL B 250 -9.79 -18.63 1.69
N TYR B 251 -9.45 -19.42 0.68
CA TYR B 251 -9.45 -20.86 0.82
C TYR B 251 -8.06 -21.24 1.26
N GLU B 252 -7.87 -21.32 2.58
CA GLU B 252 -6.55 -21.38 3.17
C GLU B 252 -5.80 -22.63 2.72
N GLY B 253 -4.53 -22.44 2.34
CA GLY B 253 -3.71 -23.55 1.95
C GLY B 253 -3.99 -24.06 0.56
N PHE B 254 -4.92 -23.44 -0.16
CA PHE B 254 -5.19 -23.84 -1.52
C PHE B 254 -4.97 -22.70 -2.50
N TRP B 255 -5.55 -21.52 -2.26
CA TRP B 255 -5.31 -20.33 -3.06
C TRP B 255 -4.75 -19.24 -2.17
N GLU B 256 -3.70 -18.58 -2.65
CA GLU B 256 -3.08 -17.52 -1.87
C GLU B 256 -4.05 -16.39 -1.59
N ASP B 257 -4.75 -15.94 -2.62
CA ASP B 257 -5.56 -14.73 -2.56
C ASP B 257 -7.04 -15.06 -2.37
N PRO B 258 -7.81 -14.12 -1.82
CA PRO B 258 -9.25 -14.37 -1.64
C PRO B 258 -9.95 -14.51 -2.98
N LYS B 259 -11.00 -15.34 -2.98
CA LYS B 259 -11.79 -15.60 -4.18
C LYS B 259 -13.26 -15.30 -3.96
N GLU B 260 -13.85 -14.67 -4.94
CA GLU B 260 -15.26 -14.34 -4.93
C GLU B 260 -16.01 -15.40 -5.72
N PHE B 261 -17.03 -15.98 -5.09
CA PHE B 261 -17.95 -16.86 -5.79
C PHE B 261 -19.38 -16.50 -5.43
N ALA B 262 -20.25 -16.53 -6.42
CA ALA B 262 -21.64 -16.18 -6.21
C ALA B 262 -22.30 -17.21 -5.31
N GLY B 263 -23.30 -16.76 -4.55
CA GLY B 263 -24.04 -17.68 -3.71
C GLY B 263 -25.06 -18.48 -4.53
N GLY B 264 -25.68 -19.46 -3.88
CA GLY B 264 -26.62 -20.34 -4.55
C GLY B 264 -27.78 -19.61 -5.19
N SER B 265 -28.25 -20.13 -6.32
CA SER B 265 -29.31 -19.46 -7.06
C SER B 265 -29.96 -20.50 -7.95
N ALA B 266 -31.29 -20.41 -8.08
CA ALA B 266 -31.98 -21.25 -9.05
C ALA B 266 -31.60 -20.91 -10.48
N GLY B 267 -30.96 -19.75 -10.68
CA GLY B 267 -30.30 -19.45 -11.93
C GLY B 267 -29.26 -20.50 -12.24
N GLN B 268 -28.85 -21.27 -11.24
CA GLN B 268 -27.86 -22.32 -11.41
C GLN B 268 -28.47 -23.66 -11.78
N SER B 269 -29.78 -23.72 -11.97
CA SER B 269 -30.45 -24.91 -12.48
C SER B 269 -30.41 -24.88 -14.00
N SER B 270 -29.80 -25.90 -14.62
CA SER B 270 -29.84 -25.94 -16.07
C SER B 270 -31.26 -26.22 -16.57
N VAL B 271 -32.06 -26.96 -15.79
CA VAL B 271 -33.46 -27.17 -16.17
C VAL B 271 -34.19 -25.83 -16.25
N PHE B 272 -33.96 -24.94 -15.28
CA PHE B 272 -34.60 -23.64 -15.31
C PHE B 272 -33.98 -22.68 -16.32
N GLN B 273 -32.80 -22.98 -16.87
CA GLN B 273 -32.29 -22.19 -17.99
C GLN B 273 -32.59 -22.81 -19.34
N CYS B 274 -32.93 -24.10 -19.40
CA CYS B 274 -32.96 -24.79 -20.69
C CYS B 274 -34.18 -24.41 -21.54
N PHE B 275 -35.29 -24.00 -20.93
CA PHE B 275 -36.47 -23.69 -21.73
C PHE B 275 -36.28 -22.40 -22.50
N ASP B 276 -35.60 -21.42 -21.91
CA ASP B 276 -35.25 -20.22 -22.67
C ASP B 276 -34.35 -20.58 -23.84
N VAL B 277 -33.35 -21.42 -23.60
CA VAL B 277 -32.48 -21.84 -24.71
C VAL B 277 -33.30 -22.59 -25.74
N LEU B 278 -34.08 -23.57 -25.29
CA LEU B 278 -34.87 -24.39 -26.21
C LEU B 278 -35.80 -23.54 -27.06
N LEU B 279 -36.43 -22.54 -26.48
CA LEU B 279 -37.36 -21.69 -27.21
C LEU B 279 -36.68 -20.49 -27.86
N GLY B 280 -35.34 -20.44 -27.84
CA GLY B 280 -34.66 -19.33 -28.47
C GLY B 280 -34.92 -17.99 -27.81
N ILE B 281 -35.43 -17.99 -26.58
CA ILE B 281 -35.50 -16.79 -25.76
C ILE B 281 -34.08 -16.52 -25.32
N GLN B 282 -33.43 -15.51 -25.90
CA GLN B 282 -31.99 -15.41 -25.72
C GLN B 282 -31.68 -14.63 -24.44
N GLN B 283 -31.88 -15.32 -23.31
CA GLN B 283 -31.67 -14.71 -22.00
C GLN B 283 -30.23 -14.31 -21.77
N THR B 284 -29.27 -15.03 -22.36
CA THR B 284 -27.87 -14.75 -22.13
C THR B 284 -27.24 -13.93 -23.25
N ALA B 285 -28.04 -13.43 -24.18
CA ALA B 285 -27.52 -12.66 -25.31
C ALA B 285 -27.23 -11.22 -24.89
N GLY B 286 -26.23 -10.64 -25.54
CA GLY B 286 -25.86 -9.27 -25.26
C GLY B 286 -25.02 -9.15 -24.01
N GLY B 287 -24.73 -7.91 -23.64
CA GLY B 287 -23.93 -7.65 -22.47
C GLY B 287 -24.68 -7.10 -21.28
N GLY B 288 -26.02 -7.12 -21.29
CA GLY B 288 -26.76 -6.57 -20.19
C GLY B 288 -26.51 -7.35 -18.91
N HIS B 289 -26.90 -6.74 -17.78
CA HIS B 289 -26.58 -7.36 -16.50
C HIS B 289 -27.29 -8.69 -16.33
N ALA B 290 -28.54 -8.78 -16.78
CA ALA B 290 -29.29 -10.02 -16.60
C ALA B 290 -28.64 -11.17 -17.36
N ALA B 291 -28.21 -10.90 -18.60
CA ALA B 291 -27.55 -11.92 -19.39
C ALA B 291 -26.24 -12.36 -18.74
N GLN B 292 -25.45 -11.40 -18.24
CA GLN B 292 -24.20 -11.76 -17.58
C GLN B 292 -24.45 -12.66 -16.38
N PHE B 293 -25.49 -12.35 -15.61
CA PHE B 293 -25.73 -13.16 -14.42
C PHE B 293 -26.12 -14.59 -14.79
N LEU B 294 -27.08 -14.75 -15.70
CA LEU B 294 -27.48 -16.09 -16.10
C LEU B 294 -26.32 -16.84 -16.76
N GLN B 295 -25.55 -16.13 -17.60
CA GLN B 295 -24.35 -16.73 -18.17
C GLN B 295 -23.37 -17.14 -17.07
N ASP B 296 -23.16 -16.25 -16.09
CA ASP B 296 -22.25 -16.58 -14.98
C ASP B 296 -22.73 -17.82 -14.22
N MET B 297 -24.04 -17.93 -13.98
CA MET B 297 -24.55 -19.03 -13.15
C MET B 297 -24.33 -20.39 -13.81
N ARG B 298 -24.04 -20.42 -15.12
CA ARG B 298 -23.77 -21.72 -15.73
C ARG B 298 -22.44 -22.27 -15.26
N ARG B 299 -21.54 -21.41 -14.80
CA ARG B 299 -20.32 -21.92 -14.22
C ARG B 299 -20.56 -22.65 -12.90
N TYR B 300 -21.75 -22.53 -12.35
CA TYR B 300 -22.08 -23.19 -11.09
C TYR B 300 -22.93 -24.41 -11.31
N MET B 301 -23.15 -24.80 -12.57
CA MET B 301 -23.82 -26.04 -12.95
C MET B 301 -22.79 -27.14 -13.14
N PRO B 302 -23.13 -28.38 -12.77
CA PRO B 302 -22.27 -29.51 -13.13
C PRO B 302 -21.97 -29.49 -14.60
N PRO B 303 -20.78 -29.93 -15.01
CA PRO B 303 -20.40 -29.83 -16.44
C PRO B 303 -21.41 -30.49 -17.37
N ALA B 304 -21.90 -31.69 -17.04
CA ALA B 304 -22.93 -32.32 -17.86
C ALA B 304 -24.13 -31.39 -18.06
N HIS B 305 -24.55 -30.67 -17.01
CA HIS B 305 -25.66 -29.75 -17.16
C HIS B 305 -25.28 -28.55 -18.02
N ARG B 306 -24.04 -28.06 -17.90
CA ARG B 306 -23.56 -27.05 -18.84
C ARG B 306 -23.62 -27.59 -20.26
N ASN B 307 -23.05 -28.79 -20.47
CA ASN B 307 -23.05 -29.43 -21.78
C ASN B 307 -24.44 -29.49 -22.40
N PHE B 308 -25.44 -29.81 -21.58
CA PHE B 308 -26.80 -29.93 -22.08
C PHE B 308 -27.29 -28.60 -22.65
N LEU B 309 -27.03 -27.50 -21.94
CA LEU B 309 -27.41 -26.20 -22.45
C LEU B 309 -26.67 -25.86 -23.74
N CYS B 310 -25.38 -26.20 -23.80
CA CYS B 310 -24.59 -25.92 -24.99
C CYS B 310 -25.12 -26.69 -26.20
N SER B 311 -25.40 -27.98 -26.02
CA SER B 311 -26.03 -28.78 -27.08
C SER B 311 -27.31 -28.10 -27.58
N LEU B 312 -28.22 -27.77 -26.66
CA LEU B 312 -29.44 -27.05 -27.04
C LEU B 312 -29.12 -25.81 -27.87
N GLU B 313 -28.10 -25.05 -27.45
CA GLU B 313 -27.79 -23.80 -28.13
C GLU B 313 -27.30 -24.04 -29.56
N SER B 314 -26.68 -25.19 -29.80
CA SER B 314 -26.09 -25.51 -31.10
C SER B 314 -27.06 -26.24 -32.02
N ASN B 315 -28.29 -26.47 -31.58
CA ASN B 315 -29.30 -27.08 -32.42
C ASN B 315 -29.97 -26.01 -33.27
N PRO B 316 -30.70 -26.40 -34.31
CA PRO B 316 -31.49 -25.42 -35.06
C PRO B 316 -32.52 -24.76 -34.15
N SER B 317 -32.78 -23.48 -34.42
CA SER B 317 -33.69 -22.69 -33.59
C SER B 317 -35.13 -23.19 -33.74
N VAL B 318 -35.70 -23.68 -32.63
CA VAL B 318 -37.12 -24.04 -32.62
C VAL B 318 -37.96 -22.83 -32.98
N ARG B 319 -37.60 -21.67 -32.43
CA ARG B 319 -38.35 -20.45 -32.69
C ARG B 319 -38.35 -20.10 -34.18
N GLU B 320 -37.19 -20.21 -34.83
CA GLU B 320 -37.09 -19.91 -36.25
C GLU B 320 -37.91 -20.90 -37.06
N PHE B 321 -37.79 -22.19 -36.75
CA PHE B 321 -38.60 -23.19 -37.42
C PHE B 321 -40.08 -22.83 -37.34
N VAL B 322 -40.58 -22.58 -36.13
CA VAL B 322 -42.00 -22.32 -35.94
C VAL B 322 -42.40 -21.01 -36.59
N LEU B 323 -41.54 -20.00 -36.51
CA LEU B 323 -41.86 -18.72 -37.14
C LEU B 323 -41.88 -18.79 -38.65
N SER B 324 -41.22 -19.77 -39.24
CA SER B 324 -41.05 -19.78 -40.68
C SER B 324 -42.13 -20.56 -41.42
N LYS B 325 -42.98 -21.32 -40.71
CA LYS B 325 -43.89 -22.28 -41.32
C LYS B 325 -45.30 -21.75 -41.57
N GLY B 326 -45.60 -20.53 -41.15
CA GLY B 326 -46.94 -20.00 -41.38
C GLY B 326 -48.04 -20.88 -40.85
N ASP B 327 -47.84 -21.42 -39.65
CA ASP B 327 -48.68 -22.46 -39.07
C ASP B 327 -49.20 -21.92 -37.74
N ALA B 328 -50.46 -21.45 -37.73
CA ALA B 328 -50.99 -20.88 -36.50
C ALA B 328 -50.99 -21.90 -35.36
N GLY B 329 -51.29 -23.16 -35.68
CA GLY B 329 -51.27 -24.19 -34.65
C GLY B 329 -49.90 -24.34 -34.00
N LEU B 330 -48.84 -24.27 -34.82
CA LEU B 330 -47.49 -24.40 -34.27
C LEU B 330 -47.15 -23.19 -33.42
N ARG B 331 -47.52 -22.00 -33.88
CA ARG B 331 -47.20 -20.79 -33.16
C ARG B 331 -47.91 -20.74 -31.82
N GLU B 332 -49.15 -21.23 -31.76
CA GLU B 332 -49.86 -21.25 -30.49
C GLU B 332 -49.26 -22.28 -29.53
N ALA B 333 -48.77 -23.40 -30.04
CA ALA B 333 -48.11 -24.35 -29.16
C ALA B 333 -46.78 -23.81 -28.69
N TYR B 334 -46.03 -23.15 -29.57
CA TYR B 334 -44.82 -22.46 -29.14
C TYR B 334 -45.14 -21.37 -28.14
N ASP B 335 -46.21 -20.58 -28.39
CA ASP B 335 -46.58 -19.51 -27.47
C ASP B 335 -47.06 -20.07 -26.13
N ALA B 336 -47.68 -21.25 -26.11
CA ALA B 336 -48.11 -21.82 -24.84
C ALA B 336 -46.90 -22.08 -23.95
N CYS B 337 -45.78 -22.48 -24.54
CA CYS B 337 -44.54 -22.65 -23.78
C CYS B 337 -44.01 -21.32 -23.27
N VAL B 338 -44.04 -20.30 -24.12
CA VAL B 338 -43.53 -18.98 -23.69
C VAL B 338 -44.42 -18.40 -22.59
N LYS B 339 -45.75 -18.46 -22.79
CA LYS B 339 -46.65 -17.94 -21.77
C LYS B 339 -46.50 -18.67 -20.45
N ALA B 340 -46.29 -19.98 -20.50
CA ALA B 340 -46.12 -20.72 -19.25
C ALA B 340 -44.85 -20.28 -18.52
N LEU B 341 -43.79 -19.98 -19.26
CA LEU B 341 -42.60 -19.39 -18.65
C LEU B 341 -42.90 -18.00 -18.11
N VAL B 342 -43.71 -17.23 -18.83
CA VAL B 342 -44.07 -15.90 -18.34
C VAL B 342 -44.90 -16.04 -17.06
N SER B 343 -45.86 -16.97 -17.05
CA SER B 343 -46.63 -17.21 -15.83
C SER B 343 -45.72 -17.62 -14.69
N LEU B 344 -44.78 -18.53 -14.97
CA LEU B 344 -43.80 -18.91 -13.96
C LEU B 344 -43.06 -17.70 -13.42
N ARG B 345 -42.53 -16.86 -14.30
CA ARG B 345 -41.74 -15.73 -13.82
C ARG B 345 -42.62 -14.66 -13.20
N SER B 346 -43.86 -14.53 -13.63
CA SER B 346 -44.79 -13.62 -12.94
C SER B 346 -45.11 -14.13 -11.54
N TYR B 347 -45.43 -15.42 -11.42
CA TYR B 347 -45.68 -15.98 -10.10
C TYR B 347 -44.45 -15.80 -9.22
N HIS B 348 -43.28 -16.01 -9.80
CA HIS B 348 -42.05 -15.90 -9.04
C HIS B 348 -41.82 -14.46 -8.55
N LEU B 349 -42.20 -13.46 -9.34
CA LEU B 349 -42.13 -12.09 -8.87
C LEU B 349 -43.02 -11.86 -7.64
N GLN B 350 -44.20 -12.43 -7.63
CA GLN B 350 -45.05 -12.36 -6.46
C GLN B 350 -44.42 -13.12 -5.29
N ILE B 351 -43.79 -14.26 -5.56
CA ILE B 351 -43.07 -15.00 -4.51
C ILE B 351 -41.97 -14.11 -3.92
N VAL B 352 -41.19 -13.46 -4.78
CA VAL B 352 -40.08 -12.64 -4.33
C VAL B 352 -40.57 -11.46 -3.51
N THR B 353 -41.72 -10.88 -3.90
CA THR B 353 -42.33 -9.84 -3.09
C THR B 353 -42.63 -10.34 -1.68
N LYS B 354 -43.28 -11.50 -1.58
CA LYS B 354 -43.66 -12.01 -0.27
C LYS B 354 -42.43 -12.41 0.55
N TYR B 355 -41.43 -13.02 -0.09
CA TYR B 355 -40.35 -13.60 0.70
C TYR B 355 -39.14 -12.68 0.86
N ILE B 356 -39.03 -11.60 0.08
CA ILE B 356 -37.87 -10.74 0.22
C ILE B 356 -38.28 -9.29 0.43
N LEU B 357 -39.13 -8.76 -0.44
CA LEU B 357 -39.46 -7.34 -0.39
C LEU B 357 -40.18 -6.97 0.90
N ILE B 358 -41.33 -7.60 1.14
CA ILE B 358 -42.08 -7.31 2.35
C ILE B 358 -41.24 -7.54 3.61
N PRO B 359 -40.60 -8.70 3.81
CA PRO B 359 -39.76 -8.85 5.03
C PRO B 359 -38.67 -7.81 5.15
N ALA B 360 -38.05 -7.42 4.04
CA ALA B 360 -37.03 -6.35 4.07
C ALA B 360 -37.59 -5.09 4.71
N SER B 361 -38.74 -4.62 4.22
CA SER B 361 -39.36 -3.40 4.72
C SER B 361 -39.75 -3.48 6.20
N GLN B 362 -39.65 -4.64 6.85
CA GLN B 362 -39.96 -4.75 8.27
C GLN B 362 -38.71 -4.87 9.13
N GLY B 382 -31.21 -2.42 -3.88
CA GLY B 382 -31.23 -3.74 -3.26
C GLY B 382 -32.34 -4.63 -3.79
N GLY B 383 -33.54 -4.48 -3.21
CA GLY B 383 -34.71 -5.10 -3.83
C GLY B 383 -35.00 -4.53 -5.20
N THR B 384 -34.57 -3.29 -5.46
CA THR B 384 -34.78 -2.67 -6.76
C THR B 384 -33.94 -3.33 -7.85
N ASP B 385 -32.66 -3.59 -7.56
CA ASP B 385 -31.83 -4.30 -8.52
C ASP B 385 -32.38 -5.70 -8.77
N LEU B 386 -32.75 -6.38 -7.69
CA LEU B 386 -33.32 -7.71 -7.80
C LEU B 386 -34.56 -7.73 -8.68
N MET B 387 -35.50 -6.82 -8.41
CA MET B 387 -36.75 -6.82 -9.14
C MET B 387 -36.53 -6.42 -10.60
N ASN B 388 -35.59 -5.52 -10.84
CA ASN B 388 -35.27 -5.15 -12.22
C ASN B 388 -34.75 -6.35 -12.98
N PHE B 389 -33.85 -7.10 -12.37
CA PHE B 389 -33.34 -8.34 -12.98
C PHE B 389 -34.47 -9.28 -13.34
N LEU B 390 -35.33 -9.60 -12.36
CA LEU B 390 -36.40 -10.58 -12.60
C LEU B 390 -37.39 -10.05 -13.63
N LYS B 391 -37.68 -8.74 -13.61
CA LYS B 391 -38.59 -8.18 -14.62
C LYS B 391 -37.93 -8.14 -15.98
N THR B 392 -36.63 -7.90 -16.05
CA THR B 392 -35.93 -7.97 -17.33
C THR B 392 -36.03 -9.37 -17.91
N VAL B 393 -35.78 -10.38 -17.10
CA VAL B 393 -35.85 -11.74 -17.63
C VAL B 393 -37.28 -12.04 -18.05
N ARG B 394 -38.27 -11.56 -17.29
CA ARG B 394 -39.64 -11.81 -17.68
C ARG B 394 -40.00 -11.08 -18.98
N SER B 395 -39.54 -9.83 -19.15
CA SER B 395 -39.91 -9.12 -20.38
C SER B 395 -39.19 -9.71 -21.58
N THR B 396 -37.94 -10.16 -21.41
CA THR B 396 -37.29 -10.90 -22.49
C THR B 396 -38.10 -12.13 -22.88
N THR B 397 -38.65 -12.83 -21.89
CA THR B 397 -39.53 -13.95 -22.20
C THR B 397 -40.76 -13.47 -22.96
N GLU B 398 -41.40 -12.43 -22.45
CA GLU B 398 -42.64 -11.95 -23.06
C GLU B 398 -42.39 -11.49 -24.49
N LYS B 399 -41.27 -10.82 -24.73
CA LYS B 399 -40.93 -10.37 -26.07
C LYS B 399 -40.72 -11.52 -27.03
N SER B 400 -40.70 -12.76 -26.55
CA SER B 400 -40.53 -13.88 -27.46
C SER B 400 -41.85 -14.41 -27.98
N LEU B 401 -42.99 -13.97 -27.44
CA LEU B 401 -44.26 -14.40 -28.00
C LEU B 401 -44.30 -14.07 -29.48
N LEU B 402 -44.90 -14.96 -30.26
CA LEU B 402 -45.05 -14.66 -31.68
C LEU B 402 -46.15 -13.62 -31.86
N LYS B 403 -47.39 -13.97 -31.53
CA LYS B 403 -48.49 -13.03 -31.72
C LYS B 403 -48.35 -11.78 -30.86
N VAL C 23 38.68 32.53 17.03
CA VAL C 23 38.28 31.51 16.05
C VAL C 23 36.84 31.73 15.61
N GLY C 24 36.22 32.77 16.16
CA GLY C 24 34.86 33.11 15.79
C GLY C 24 33.86 32.06 16.23
N PHE C 25 33.17 31.45 15.27
CA PHE C 25 32.18 30.44 15.57
C PHE C 25 32.73 29.02 15.50
N ALA C 26 34.03 28.87 15.22
CA ALA C 26 34.66 27.58 15.42
C ALA C 26 34.65 27.21 16.89
N LEU C 27 34.58 25.93 17.17
CA LEU C 27 34.70 25.48 18.55
C LEU C 27 36.14 25.73 19.03
N PRO C 28 36.35 26.56 20.04
CA PRO C 28 37.72 26.91 20.43
C PRO C 28 38.37 25.75 21.17
N ASN C 29 39.61 25.44 20.78
CA ASN C 29 40.36 24.34 21.38
C ASN C 29 39.51 23.07 21.52
N PRO C 30 39.06 22.49 20.41
CA PRO C 30 38.21 21.30 20.50
C PRO C 30 38.85 20.20 21.34
N GLN C 31 38.02 19.47 22.07
CA GLN C 31 38.53 18.30 22.78
C GLN C 31 39.01 17.28 21.77
N GLU C 32 40.07 16.54 22.13
CA GLU C 32 40.67 15.55 21.25
CA GLU C 32 40.66 15.54 21.25
C GLU C 32 40.42 14.12 21.70
N ASN C 33 40.24 13.89 23.00
CA ASN C 33 40.05 12.55 23.55
C ASN C 33 38.79 12.52 24.39
N LEU C 34 38.01 11.46 24.23
CA LEU C 34 36.84 11.25 25.07
C LEU C 34 37.22 10.44 26.29
N PRO C 35 36.38 10.44 27.32
CA PRO C 35 36.63 9.58 28.48
C PRO C 35 36.91 8.14 28.05
N ASP C 36 37.69 7.43 28.86
CA ASP C 36 38.04 6.05 28.53
C ASP C 36 36.81 5.21 28.31
N PHE C 37 35.71 5.56 28.99
CA PHE C 37 34.43 4.90 28.79
C PHE C 37 34.09 4.72 27.32
N TYR C 38 34.53 5.64 26.47
CA TYR C 38 34.19 5.68 25.05
C TYR C 38 35.33 5.21 24.15
N ASN C 39 36.27 4.43 24.70
CA ASN C 39 37.45 4.06 23.94
C ASN C 39 37.07 3.28 22.68
N ASP C 40 35.99 2.50 22.76
CA ASP C 40 35.57 1.72 21.60
C ASP C 40 35.14 2.63 20.46
N TRP C 41 34.45 3.73 20.78
CA TRP C 41 34.11 4.74 19.78
C TRP C 41 35.36 5.36 19.20
N MET C 42 36.18 5.92 20.10
CA MET C 42 37.38 6.63 19.67
C MET C 42 38.29 5.72 18.86
N PHE C 43 38.40 4.44 19.23
CA PHE C 43 39.23 3.55 18.45
C PHE C 43 38.75 3.48 17.01
N ILE C 44 37.46 3.25 16.83
CA ILE C 44 36.93 3.14 15.47
C ILE C 44 37.14 4.45 14.72
N ALA C 45 36.82 5.58 15.34
CA ALA C 45 36.94 6.84 14.60
C ALA C 45 38.40 7.13 14.24
N LYS C 46 39.33 6.75 15.11
CA LYS C 46 40.73 7.03 14.84
C LYS C 46 41.32 6.13 13.77
N HIS C 47 40.62 5.06 13.39
CA HIS C 47 41.14 4.06 12.46
C HIS C 47 40.23 3.86 11.28
N LEU C 48 39.40 4.86 10.97
CA LEU C 48 38.52 4.79 9.81
C LEU C 48 39.23 4.40 8.52
N PRO C 49 40.39 4.96 8.17
CA PRO C 49 40.96 4.58 6.87
C PRO C 49 41.32 3.11 6.79
N ASP C 50 41.85 2.52 7.87
CA ASP C 50 42.15 1.10 7.85
C ASP C 50 40.89 0.25 7.96
N LEU C 51 39.94 0.67 8.79
CA LEU C 51 38.74 -0.13 9.00
C LEU C 51 37.88 -0.14 7.77
N ILE C 52 37.76 1.01 7.09
CA ILE C 52 37.01 1.05 5.84
C ILE C 52 37.72 0.23 4.77
N GLU C 53 39.04 0.41 4.67
CA GLU C 53 39.79 -0.24 3.59
C GLU C 53 39.68 -1.75 3.69
N SER C 54 39.85 -2.28 4.90
CA SER C 54 39.76 -3.72 5.11
C SER C 54 38.33 -4.23 5.10
N GLY C 55 37.32 -3.36 5.17
CA GLY C 55 35.96 -3.85 5.28
C GLY C 55 35.55 -4.24 6.68
N GLN C 56 36.39 -4.01 7.68
CA GLN C 56 36.10 -4.35 9.06
C GLN C 56 35.31 -3.29 9.81
N LEU C 57 35.08 -2.12 9.20
CA LEU C 57 34.41 -1.03 9.91
C LEU C 57 33.01 -1.42 10.34
N ARG C 58 32.22 -1.98 9.43
CA ARG C 58 30.83 -2.25 9.73
C ARG C 58 30.69 -3.30 10.81
N GLU C 59 31.63 -4.26 10.86
CA GLU C 59 31.58 -5.24 11.95
C GLU C 59 31.86 -4.58 13.29
N ARG C 60 32.89 -3.73 13.36
CA ARG C 60 33.26 -3.11 14.64
C ARG C 60 32.14 -2.26 15.20
N VAL C 61 31.37 -1.64 14.31
CA VAL C 61 30.21 -0.87 14.72
C VAL C 61 29.12 -1.79 15.25
N GLU C 62 28.85 -2.88 14.53
CA GLU C 62 27.78 -3.81 14.89
C GLU C 62 28.10 -4.59 16.15
N LYS C 63 29.37 -4.69 16.53
CA LYS C 63 29.72 -5.35 17.78
C LYS C 63 29.85 -4.38 18.94
N LEU C 64 29.73 -3.07 18.71
CA LEU C 64 29.82 -2.12 19.81
C LEU C 64 28.76 -2.40 20.86
N ASN C 65 29.13 -2.16 22.12
CA ASN C 65 28.16 -1.98 23.20
C ASN C 65 27.46 -0.65 23.06
N MET C 66 26.19 -0.60 23.41
CA MET C 66 25.55 0.71 23.52
C MET C 66 26.12 1.44 24.73
N LEU C 67 26.72 2.58 24.50
CA LEU C 67 27.32 3.34 25.59
C LEU C 67 26.41 4.52 25.89
N SER C 68 26.05 4.65 27.16
CA SER C 68 25.31 5.81 27.61
C SER C 68 26.12 7.07 27.32
N ILE C 69 25.42 8.17 27.04
CA ILE C 69 26.07 9.44 26.75
C ILE C 69 26.18 10.24 28.04
N ASP C 70 25.84 9.61 29.16
CA ASP C 70 25.86 10.31 30.44
C ASP C 70 27.28 10.75 30.81
N HIS C 71 28.29 10.01 30.37
CA HIS C 71 29.65 10.40 30.71
C HIS C 71 30.19 11.48 29.79
N LEU C 72 29.35 12.13 29.00
CA LEU C 72 29.71 13.28 28.17
C LEU C 72 28.98 14.48 28.75
N THR C 73 29.68 15.24 29.58
CA THR C 73 29.01 16.17 30.48
C THR C 73 29.29 17.64 30.20
N ASP C 74 30.17 17.97 29.26
CA ASP C 74 30.30 19.35 28.80
C ASP C 74 30.08 19.43 27.29
N HIS C 75 30.01 20.66 26.81
CA HIS C 75 29.72 20.90 25.39
C HIS C 75 30.89 20.47 24.51
N LYS C 76 32.13 20.59 24.99
CA LYS C 76 33.29 20.16 24.20
C LYS C 76 33.32 18.66 24.01
N SER C 77 33.07 17.91 25.09
CA SER C 77 33.08 16.46 24.98
C SER C 77 31.89 15.97 24.18
N GLN C 78 30.74 16.62 24.31
CA GLN C 78 29.60 16.26 23.47
C GLN C 78 29.89 16.56 22.01
N ARG C 79 30.53 17.69 21.72
CA ARG C 79 30.84 18.03 20.34
C ARG C 79 31.83 17.04 19.73
N LEU C 80 32.88 16.67 20.48
CA LEU C 80 33.81 15.65 20.02
C LEU C 80 33.08 14.33 19.77
N ALA C 81 32.27 13.91 20.75
CA ALA C 81 31.50 12.68 20.60
C ALA C 81 30.62 12.70 19.37
N ARG C 82 30.03 13.87 19.06
CA ARG C 82 29.22 14.02 17.86
C ARG C 82 30.08 13.88 16.62
N LEU C 83 31.28 14.44 16.65
CA LEU C 83 32.20 14.30 15.53
C LEU C 83 32.61 12.84 15.35
N VAL C 84 32.97 12.18 16.46
CA VAL C 84 33.32 10.76 16.44
C VAL C 84 32.16 9.94 15.88
N LEU C 85 30.97 10.12 16.46
CA LEU C 85 29.84 9.29 16.04
C LEU C 85 29.42 9.62 14.62
N GLY C 86 29.53 10.89 14.25
CA GLY C 86 29.18 11.31 12.89
C GLY C 86 30.13 10.74 11.84
N CYS C 87 31.44 10.75 12.12
CA CYS C 87 32.37 10.14 11.17
C CYS C 87 32.13 8.64 11.07
N ILE C 88 31.91 7.96 12.19
CA ILE C 88 31.63 6.54 12.17
C ILE C 88 30.35 6.24 11.38
N THR C 89 29.34 7.11 11.53
CA THR C 89 28.07 6.91 10.82
C THR C 89 28.24 7.07 9.32
N MET C 90 28.95 8.13 8.88
CA MET C 90 29.20 8.29 7.46
C MET C 90 29.93 7.06 6.91
N ALA C 91 30.97 6.60 7.63
CA ALA C 91 31.72 5.43 7.21
C ALA C 91 30.85 4.18 7.20
N TYR C 92 29.99 4.02 8.20
CA TYR C 92 29.14 2.84 8.24
C TYR C 92 28.14 2.84 7.09
N VAL C 93 27.53 3.98 6.81
CA VAL C 93 26.54 4.04 5.75
C VAL C 93 27.20 3.84 4.38
N TRP C 94 28.29 4.55 4.11
CA TRP C 94 28.86 4.51 2.76
C TRP C 94 29.92 3.43 2.57
N GLY C 95 30.53 2.92 3.63
CA GLY C 95 31.54 1.91 3.47
C GLY C 95 32.70 2.41 2.63
N LYS C 96 32.93 1.73 1.51
CA LYS C 96 34.02 2.10 0.62
C LYS C 96 33.57 3.03 -0.50
N GLY C 97 32.27 3.33 -0.58
CA GLY C 97 31.79 4.36 -1.47
C GLY C 97 31.42 3.88 -2.85
N HIS C 98 31.19 2.59 -3.04
CA HIS C 98 30.98 2.03 -4.37
C HIS C 98 29.63 1.33 -4.47
N GLY C 99 28.62 1.87 -3.79
CA GLY C 99 27.27 1.35 -3.88
C GLY C 99 26.87 0.36 -2.79
N ASP C 100 27.81 -0.12 -1.98
CA ASP C 100 27.46 -1.09 -0.95
C ASP C 100 27.15 -0.30 0.31
N VAL C 101 25.90 0.08 0.46
CA VAL C 101 25.51 0.99 1.52
C VAL C 101 24.78 0.21 2.59
N ARG C 102 24.68 0.81 3.78
CA ARG C 102 23.80 0.33 4.82
C ARG C 102 22.69 1.35 5.02
N LYS C 103 21.45 0.86 5.08
CA LYS C 103 20.29 1.70 5.26
C LYS C 103 19.81 1.74 6.70
N VAL C 104 20.43 0.96 7.58
CA VAL C 104 20.04 0.94 8.98
C VAL C 104 21.28 1.19 9.80
N LEU C 105 21.22 2.21 10.64
CA LEU C 105 22.30 2.46 11.55
C LEU C 105 22.05 1.68 12.83
N PRO C 106 22.97 0.81 13.24
CA PRO C 106 22.70 -0.08 14.37
C PRO C 106 22.38 0.70 15.63
N ARG C 107 21.48 0.12 16.43
CA ARG C 107 20.96 0.71 17.66
C ARG C 107 22.07 1.22 18.59
N ASN C 108 23.15 0.47 18.72
CA ASN C 108 24.13 0.81 19.73
C ASN C 108 24.95 2.04 19.35
N ILE C 109 24.94 2.45 18.09
CA ILE C 109 25.44 3.76 17.69
C ILE C 109 24.32 4.78 17.57
N ALA C 110 23.23 4.40 16.93
CA ALA C 110 22.17 5.35 16.59
C ALA C 110 21.56 5.98 17.84
N VAL C 111 21.32 5.19 18.87
CA VAL C 111 20.62 5.71 20.05
C VAL C 111 21.49 6.76 20.72
N PRO C 112 22.72 6.46 21.14
CA PRO C 112 23.54 7.54 21.72
C PRO C 112 23.78 8.68 20.76
N TYR C 113 23.95 8.39 19.47
CA TYR C 113 24.13 9.46 18.49
C TYR C 113 22.93 10.38 18.48
N CYS C 114 21.74 9.80 18.45
CA CYS C 114 20.54 10.63 18.38
C CYS C 114 20.31 11.38 19.70
N GLN C 115 20.59 10.72 20.83
CA GLN C 115 20.44 11.40 22.12
C GLN C 115 21.38 12.59 22.19
N LEU C 116 22.64 12.37 21.82
CA LEU C 116 23.63 13.44 21.78
C LEU C 116 23.20 14.54 20.82
N SER C 117 22.73 14.14 19.63
CA SER C 117 22.31 15.13 18.65
C SER C 117 21.13 15.94 19.16
N ALA C 118 20.23 15.31 19.90
CA ALA C 118 19.11 16.06 20.47
C ALA C 118 19.58 17.05 21.52
N ALA C 119 20.56 16.66 22.34
CA ALA C 119 21.11 17.55 23.35
C ALA C 119 21.83 18.73 22.70
N LEU C 120 22.56 18.48 21.62
CA LEU C 120 23.23 19.55 20.89
C LEU C 120 22.33 20.24 19.90
N GLU C 121 21.11 19.73 19.69
CA GLU C 121 20.16 20.31 18.75
C GLU C 121 20.68 20.32 17.31
N LEU C 122 21.33 19.23 16.92
CA LEU C 122 21.79 19.07 15.55
C LEU C 122 21.27 17.75 15.00
N PRO C 123 20.92 17.68 13.72
CA PRO C 123 20.48 16.41 13.15
C PRO C 123 21.54 15.38 13.25
N PRO C 124 21.17 14.09 13.42
CA PRO C 124 22.17 13.01 13.63
C PRO C 124 22.83 12.62 12.31
N ILE C 125 23.59 13.57 11.77
CA ILE C 125 24.42 13.34 10.59
C ILE C 125 25.62 14.27 10.74
N LEU C 126 26.73 13.86 10.14
CA LEU C 126 27.91 14.71 10.17
C LEU C 126 27.58 16.05 9.52
N VAL C 127 27.85 17.15 10.21
CA VAL C 127 27.60 18.47 9.67
C VAL C 127 28.90 19.27 9.65
N TYR C 128 28.82 20.43 8.99
CA TYR C 128 29.93 21.37 8.95
C TYR C 128 30.50 21.62 10.35
N ALA C 129 29.62 21.87 11.32
CA ALA C 129 30.08 22.20 12.67
C ALA C 129 30.80 21.04 13.34
N ASP C 130 30.52 19.80 12.91
CA ASP C 130 31.31 18.69 13.40
C ASP C 130 32.67 18.64 12.72
N CYS C 131 32.68 18.42 11.40
CA CYS C 131 33.92 18.00 10.73
C CYS C 131 34.82 19.17 10.37
N VAL C 132 34.39 20.40 10.62
CA VAL C 132 35.27 21.54 10.44
C VAL C 132 35.48 22.21 11.78
N LEU C 133 34.40 22.71 12.38
CA LEU C 133 34.50 23.58 13.55
C LEU C 133 34.94 22.86 14.80
N ALA C 134 34.70 21.55 14.90
CA ALA C 134 35.13 20.77 16.05
C ALA C 134 36.28 19.82 15.73
N ASN C 135 36.75 19.81 14.48
CA ASN C 135 37.63 18.76 13.98
C ASN C 135 39.04 19.27 13.76
N TRP C 136 39.62 19.94 14.74
CA TRP C 136 40.96 20.47 14.55
C TRP C 136 41.70 20.51 15.88
N LYS C 137 43.00 20.68 15.78
CA LYS C 137 43.87 20.84 16.94
C LYS C 137 45.06 21.68 16.51
N LYS C 138 45.64 22.37 17.48
CA LYS C 138 46.96 22.99 17.30
C LYS C 138 48.03 21.94 17.54
N LYS C 139 49.07 21.95 16.71
CA LYS C 139 50.24 21.13 17.04
C LYS C 139 50.98 21.72 18.22
N ASP C 140 51.29 23.01 18.16
CA ASP C 140 51.89 23.74 19.27
C ASP C 140 50.90 24.78 19.78
N PRO C 141 50.43 24.66 21.02
CA PRO C 141 49.47 25.67 21.53
C PRO C 141 50.04 27.07 21.55
N ASN C 142 51.36 27.21 21.65
CA ASN C 142 51.98 28.54 21.70
C ASN C 142 51.88 29.28 20.37
N LYS C 143 51.93 28.55 19.22
CA LYS C 143 52.05 29.15 17.90
C LYS C 143 50.67 29.54 17.33
N PRO C 144 50.63 30.39 16.31
CA PRO C 144 49.34 30.89 15.82
C PRO C 144 48.52 29.81 15.14
N LEU C 145 47.28 30.19 14.80
CA LEU C 145 46.36 29.34 14.03
C LEU C 145 46.69 29.45 12.55
N THR C 146 47.77 28.78 12.17
CA THR C 146 48.13 28.64 10.76
C THR C 146 48.02 27.17 10.39
N TYR C 147 47.82 26.92 9.10
CA TYR C 147 47.76 25.56 8.60
C TYR C 147 48.92 24.72 9.14
N GLU C 148 50.13 25.27 9.09
CA GLU C 148 51.33 24.55 9.51
C GLU C 148 51.31 24.15 10.98
N ASN C 149 50.55 24.86 11.81
CA ASN C 149 50.45 24.49 13.22
C ASN C 149 49.12 23.81 13.54
N MET C 150 48.42 23.31 12.54
CA MET C 150 47.12 22.70 12.80
C MET C 150 47.04 21.30 12.21
N ASP C 151 46.10 20.53 12.77
CA ASP C 151 45.75 19.22 12.25
C ASP C 151 44.25 19.00 12.39
N VAL C 152 43.73 18.02 11.65
CA VAL C 152 42.37 17.54 11.90
C VAL C 152 42.43 16.48 12.96
N LEU C 153 41.28 16.13 13.53
CA LEU C 153 41.22 15.01 14.45
C LEU C 153 40.88 13.71 13.75
N PHE C 154 40.08 13.78 12.69
CA PHE C 154 39.56 12.58 12.06
C PHE C 154 39.58 12.73 10.55
N SER C 155 39.93 11.63 9.89
CA SER C 155 39.88 11.51 8.45
C SER C 155 39.19 10.20 8.12
N PHE C 156 38.73 10.10 6.87
CA PHE C 156 37.98 8.94 6.41
C PHE C 156 38.88 7.90 5.76
N ARG C 157 39.63 8.30 4.72
CA ARG C 157 40.48 7.40 3.98
C ARG C 157 41.87 8.01 3.85
N ASP C 158 42.87 7.14 3.78
CA ASP C 158 44.20 7.59 3.43
C ASP C 158 44.16 8.35 2.11
N GLY C 159 44.81 9.51 2.08
CA GLY C 159 44.87 10.31 0.88
C GLY C 159 43.62 11.06 0.53
N ASP C 160 42.59 11.05 1.40
CA ASP C 160 41.34 11.75 1.09
C ASP C 160 41.43 13.27 1.22
N CYS C 161 42.56 13.83 1.64
CA CYS C 161 42.76 15.28 1.75
C CYS C 161 41.75 15.95 2.68
N SER C 162 41.24 15.21 3.66
CA SER C 162 40.31 15.80 4.61
C SER C 162 41.01 16.83 5.49
N LYS C 163 42.31 16.63 5.77
CA LYS C 163 43.03 17.65 6.50
C LYS C 163 43.07 18.95 5.71
N GLY C 164 43.43 18.87 4.43
CA GLY C 164 43.45 20.08 3.62
C GLY C 164 42.08 20.71 3.52
N PHE C 165 41.06 19.88 3.26
CA PHE C 165 39.73 20.42 2.96
C PHE C 165 39.06 20.96 4.22
N PHE C 166 39.13 20.22 5.33
CA PHE C 166 38.52 20.70 6.57
C PHE C 166 39.27 21.90 7.12
N LEU C 167 40.60 21.83 7.14
CA LEU C 167 41.35 22.92 7.74
C LEU C 167 41.31 24.19 6.91
N VAL C 168 41.26 24.09 5.59
CA VAL C 168 41.21 25.31 4.81
C VAL C 168 39.85 25.97 4.99
N SER C 169 38.79 25.17 4.99
CA SER C 169 37.47 25.69 5.32
C SER C 169 37.50 26.40 6.66
N LEU C 170 38.09 25.73 7.66
CA LEU C 170 38.23 26.33 8.98
C LEU C 170 38.96 27.67 8.91
N LEU C 171 40.08 27.71 8.17
CA LEU C 171 40.87 28.94 8.12
C LEU C 171 40.13 30.06 7.38
N VAL C 172 39.41 29.74 6.31
CA VAL C 172 38.60 30.74 5.61
C VAL C 172 37.51 31.26 6.54
N GLU C 173 36.92 30.36 7.32
CA GLU C 173 35.92 30.74 8.29
C GLU C 173 36.50 31.63 9.38
N ILE C 174 37.68 31.29 9.88
CA ILE C 174 38.30 32.11 10.91
C ILE C 174 38.67 33.48 10.36
N ALA C 175 39.18 33.52 9.12
CA ALA C 175 39.47 34.80 8.48
C ALA C 175 38.23 35.66 8.35
N ALA C 176 37.09 35.04 8.01
CA ALA C 176 35.87 35.80 7.91
C ALA C 176 35.27 36.11 9.28
N ALA C 177 35.56 35.27 10.28
CA ALA C 177 34.95 35.47 11.59
C ALA C 177 35.44 36.75 12.25
N SER C 178 36.60 37.27 11.83
CA SER C 178 37.07 38.56 12.32
C SER C 178 36.10 39.67 12.04
N ALA C 179 35.26 39.52 11.00
CA ALA C 179 34.25 40.54 10.72
C ALA C 179 33.09 40.49 11.70
N ILE C 180 32.85 39.34 12.34
CA ILE C 180 31.73 39.22 13.27
C ILE C 180 31.93 40.12 14.50
N LYS C 181 33.18 40.34 14.92
CA LYS C 181 33.46 41.35 15.93
C LYS C 181 32.88 42.71 15.54
N VAL C 182 32.81 42.99 14.24
CA VAL C 182 32.40 44.29 13.72
C VAL C 182 30.88 44.41 13.59
N ILE C 183 30.15 43.29 13.57
CA ILE C 183 28.71 43.35 13.36
C ILE C 183 27.98 44.19 14.40
N PRO C 184 28.23 44.05 15.71
CA PRO C 184 27.58 44.97 16.66
C PRO C 184 27.90 46.43 16.39
N THR C 185 29.14 46.70 15.99
CA THR C 185 29.51 48.06 15.58
C THR C 185 28.57 48.58 14.50
N VAL C 186 28.31 47.75 13.49
CA VAL C 186 27.44 48.16 12.40
C VAL C 186 26.06 48.53 12.91
N PHE C 187 25.56 47.77 13.88
CA PHE C 187 24.17 47.99 14.26
C PHE C 187 23.99 49.09 15.29
N LYS C 188 24.96 49.28 16.20
CA LYS C 188 24.86 50.45 17.05
C LYS C 188 25.23 51.72 16.30
N ALA C 189 26.13 51.64 15.30
CA ALA C 189 26.37 52.80 14.45
C ALA C 189 25.08 53.22 13.74
N MET C 190 24.35 52.26 13.18
CA MET C 190 23.08 52.59 12.56
C MET C 190 22.10 53.16 13.57
N GLN C 191 22.27 52.79 14.85
CA GLN C 191 21.36 53.23 15.90
C GLN C 191 21.76 54.58 16.47
N MET C 192 23.02 54.71 16.84
CA MET C 192 23.57 55.96 17.35
C MET C 192 23.81 56.99 16.26
N GLN C 193 23.29 56.75 15.05
CA GLN C 193 23.60 57.50 13.85
C GLN C 193 25.03 58.00 13.85
N GLU C 194 25.99 57.07 13.76
CA GLU C 194 27.42 57.37 13.73
C GLU C 194 27.90 56.98 12.34
N ARG C 195 27.90 57.94 11.43
CA ARG C 195 28.17 57.63 10.03
C ARG C 195 29.59 57.11 9.86
N ASP C 196 30.58 57.80 10.43
CA ASP C 196 31.97 57.40 10.21
C ASP C 196 32.28 56.04 10.84
N THR C 197 31.63 55.73 11.97
CA THR C 197 31.75 54.41 12.56
C THR C 197 31.12 53.35 11.68
N LEU C 198 29.93 53.61 11.13
CA LEU C 198 29.32 52.66 10.20
C LEU C 198 30.21 52.44 8.99
N LEU C 199 30.76 53.53 8.44
CA LEU C 199 31.65 53.46 7.29
C LEU C 199 32.85 52.55 7.56
N LYS C 200 33.59 52.85 8.63
CA LYS C 200 34.79 52.09 8.92
C LYS C 200 34.46 50.64 9.21
N ALA C 201 33.31 50.40 9.86
CA ALA C 201 32.87 49.05 10.14
C ALA C 201 32.65 48.26 8.85
N LEU C 202 31.90 48.84 7.91
CA LEU C 202 31.66 48.17 6.65
C LEU C 202 32.95 47.92 5.88
N LEU C 203 33.93 48.82 6.02
CA LEU C 203 35.18 48.63 5.31
C LEU C 203 36.02 47.55 5.99
N GLU C 204 35.94 47.47 7.31
CA GLU C 204 36.57 46.36 8.03
C GLU C 204 36.00 45.03 7.56
N ILE C 205 34.67 44.94 7.47
CA ILE C 205 34.03 43.72 7.00
C ILE C 205 34.56 43.34 5.63
N ALA C 206 34.54 44.29 4.70
CA ALA C 206 35.04 44.00 3.36
C ALA C 206 36.49 43.52 3.40
N SER C 207 37.30 44.14 4.26
CA SER C 207 38.69 43.75 4.37
C SER C 207 38.82 42.33 4.93
N CYS C 208 37.91 41.93 5.82
CA CYS C 208 37.91 40.56 6.31
C CYS C 208 37.52 39.59 5.20
N LEU C 209 36.51 39.95 4.41
CA LEU C 209 36.12 39.06 3.32
C LEU C 209 37.22 38.96 2.27
N GLU C 210 37.95 40.05 2.04
CA GLU C 210 39.06 39.97 1.08
C GLU C 210 40.17 39.11 1.65
N LYS C 211 40.46 39.25 2.94
CA LYS C 211 41.43 38.36 3.59
C LYS C 211 40.99 36.91 3.47
N ALA C 212 39.69 36.65 3.69
CA ALA C 212 39.15 35.30 3.58
C ALA C 212 39.36 34.73 2.18
N LEU C 213 39.23 35.58 1.15
CA LEU C 213 39.41 35.10 -0.22
C LEU C 213 40.85 34.64 -0.47
N GLN C 214 41.82 35.32 0.12
CA GLN C 214 43.21 34.90 -0.08
C GLN C 214 43.46 33.57 0.62
N VAL C 215 42.96 33.41 1.85
CA VAL C 215 43.03 32.14 2.55
C VAL C 215 42.39 31.03 1.72
N PHE C 216 41.30 31.36 1.01
CA PHE C 216 40.60 30.42 0.15
C PHE C 216 41.53 29.78 -0.87
N HIS C 217 42.53 30.53 -1.34
CA HIS C 217 43.44 30.01 -2.37
C HIS C 217 44.20 28.78 -1.87
N GLN C 218 44.39 28.67 -0.55
CA GLN C 218 45.06 27.51 0.04
C GLN C 218 44.37 26.19 -0.26
N ILE C 219 43.14 26.21 -0.80
CA ILE C 219 42.49 24.95 -1.18
C ILE C 219 43.36 24.18 -2.16
N HIS C 220 44.00 24.89 -3.09
CA HIS C 220 44.86 24.25 -4.07
C HIS C 220 46.14 23.73 -3.43
N ASP C 221 46.65 24.43 -2.40
CA ASP C 221 47.85 23.99 -1.72
C ASP C 221 47.68 22.66 -1.01
N HIS C 222 46.45 22.27 -0.67
CA HIS C 222 46.26 21.21 0.30
C HIS C 222 45.24 20.15 -0.07
N VAL C 223 44.50 20.33 -1.15
CA VAL C 223 43.42 19.43 -1.53
C VAL C 223 43.66 19.06 -2.98
N ASN C 224 43.72 17.77 -3.27
CA ASN C 224 43.84 17.64 -4.69
C ASN C 224 42.54 17.12 -5.30
N PRO C 225 42.22 17.54 -6.52
CA PRO C 225 40.89 17.28 -7.08
C PRO C 225 40.47 15.83 -7.07
N LYS C 226 41.31 14.92 -7.58
CA LYS C 226 40.91 13.52 -7.67
C LYS C 226 40.55 12.95 -6.30
N ALA C 227 41.40 13.21 -5.30
CA ALA C 227 41.13 12.70 -3.96
C ALA C 227 39.82 13.24 -3.41
N PHE C 228 39.56 14.54 -3.60
CA PHE C 228 38.32 15.11 -3.07
C PHE C 228 37.11 14.49 -3.74
N PHE C 229 37.09 14.51 -5.08
CA PHE C 229 35.88 14.12 -5.79
C PHE C 229 35.54 12.67 -5.55
N SER C 230 36.53 11.79 -5.67
CA SER C 230 36.26 10.37 -5.69
C SER C 230 36.47 9.69 -4.34
N VAL C 231 36.99 10.38 -3.33
CA VAL C 231 37.14 9.74 -2.03
C VAL C 231 36.42 10.52 -0.94
N LEU C 232 36.84 11.77 -0.73
CA LEU C 232 36.33 12.52 0.41
C LEU C 232 34.85 12.79 0.26
N ARG C 233 34.40 13.09 -0.96
CA ARG C 233 33.04 13.60 -1.15
C ARG C 233 32.00 12.54 -0.85
N ILE C 234 32.34 11.27 -1.00
CA ILE C 234 31.37 10.22 -0.69
C ILE C 234 30.97 10.29 0.77
N TYR C 235 31.92 10.58 1.65
CA TYR C 235 31.68 10.51 3.08
C TYR C 235 30.98 11.74 3.63
N LEU C 236 31.00 12.85 2.89
CA LEU C 236 30.23 14.02 3.23
C LEU C 236 28.82 13.99 2.68
N SER C 237 28.45 13.01 1.88
CA SER C 237 27.13 13.02 1.26
C SER C 237 26.09 12.48 2.22
N GLY C 238 24.88 13.02 2.11
CA GLY C 238 23.82 12.71 3.05
C GLY C 238 22.79 11.77 2.46
N TRP C 239 21.64 11.72 3.11
CA TRP C 239 20.56 10.86 2.66
C TRP C 239 19.25 11.61 2.61
N LYS C 240 19.28 12.78 2.00
CA LYS C 240 18.07 13.51 1.65
C LYS C 240 18.05 13.63 0.15
N GLY C 241 17.00 13.11 -0.49
CA GLY C 241 16.98 13.10 -1.94
C GLY C 241 18.18 12.37 -2.52
N ASN C 242 18.61 11.31 -1.85
CA ASN C 242 19.70 10.48 -2.34
C ASN C 242 19.11 9.18 -2.86
N PRO C 243 19.28 8.84 -4.15
CA PRO C 243 18.65 7.61 -4.66
C PRO C 243 19.19 6.36 -4.01
N GLN C 244 20.42 6.38 -3.51
CA GLN C 244 20.98 5.21 -2.84
C GLN C 244 20.32 4.94 -1.50
N LEU C 245 19.75 5.97 -0.87
CA LEU C 245 19.05 5.84 0.40
C LEU C 245 17.72 6.58 0.30
N SER C 246 16.89 6.15 -0.65
CA SER C 246 15.83 7.01 -1.15
C SER C 246 14.84 7.41 -0.06
N ASP C 247 14.70 6.58 0.99
CA ASP C 247 13.84 6.88 2.13
C ASP C 247 14.59 7.45 3.32
N GLY C 248 15.88 7.63 3.22
CA GLY C 248 16.65 8.05 4.36
C GLY C 248 17.27 6.89 5.10
N LEU C 249 17.73 7.20 6.31
CA LEU C 249 18.44 6.26 7.15
C LEU C 249 17.54 5.88 8.32
N VAL C 250 17.49 4.59 8.63
CA VAL C 250 16.85 4.14 9.86
C VAL C 250 17.85 4.27 11.01
N TYR C 251 17.49 5.05 12.03
CA TYR C 251 18.31 5.16 13.24
C TYR C 251 17.74 4.13 14.21
N GLU C 252 18.29 2.92 14.15
CA GLU C 252 17.64 1.77 14.76
C GLU C 252 17.51 1.95 16.25
N GLY C 253 16.31 1.68 16.76
CA GLY C 253 16.05 1.77 18.19
C GLY C 253 15.85 3.18 18.68
N PHE C 254 15.89 4.17 17.80
CA PHE C 254 15.55 5.52 18.21
C PHE C 254 14.30 6.05 17.51
N TRP C 255 14.25 5.98 16.19
CA TRP C 255 13.06 6.33 15.44
C TRP C 255 12.68 5.15 14.58
N GLU C 256 11.39 4.86 14.46
CA GLU C 256 11.01 3.67 13.72
C GLU C 256 11.12 3.89 12.22
N ASP C 257 10.83 5.04 11.76
CA ASP C 257 10.88 5.18 10.33
C ASP C 257 12.12 5.93 9.90
N PRO C 258 12.61 5.65 8.69
CA PRO C 258 13.87 6.29 8.24
C PRO C 258 13.69 7.79 8.14
N LYS C 259 14.80 8.50 8.27
CA LYS C 259 14.81 9.95 8.24
C LYS C 259 15.84 10.42 7.22
N GLU C 260 15.47 11.44 6.47
CA GLU C 260 16.34 12.04 5.47
C GLU C 260 17.03 13.23 6.09
N PHE C 261 18.34 13.27 6.01
CA PHE C 261 19.08 14.44 6.44
C PHE C 261 20.11 14.78 5.38
N ALA C 262 20.35 16.06 5.19
CA ALA C 262 21.29 16.50 4.18
C ALA C 262 22.72 16.27 4.65
N GLY C 263 23.61 16.02 3.69
CA GLY C 263 25.02 15.87 4.00
C GLY C 263 25.69 17.21 4.25
N GLY C 264 26.97 17.14 4.59
CA GLY C 264 27.68 18.32 5.05
C GLY C 264 27.80 19.37 3.96
N SER C 265 27.79 20.64 4.38
CA SER C 265 27.86 21.73 3.44
C SER C 265 28.39 22.96 4.16
N ALA C 266 29.27 23.72 3.49
CA ALA C 266 29.64 25.02 4.04
C ALA C 266 28.45 25.97 4.08
N GLY C 267 27.38 25.65 3.35
CA GLY C 267 26.09 26.29 3.56
C GLY C 267 25.59 26.16 4.99
N GLN C 268 26.09 25.19 5.74
CA GLN C 268 25.74 25.06 7.14
C GLN C 268 26.59 25.94 8.04
N SER C 269 27.47 26.77 7.49
CA SER C 269 28.25 27.72 8.27
C SER C 269 27.45 28.99 8.46
N SER C 270 27.11 29.33 9.71
CA SER C 270 26.42 30.59 9.94
C SER C 270 27.31 31.76 9.52
N VAL C 271 28.61 31.64 9.73
CA VAL C 271 29.57 32.65 9.27
C VAL C 271 29.39 32.92 7.78
N PHE C 272 29.29 31.86 6.98
CA PHE C 272 29.17 32.07 5.52
C PHE C 272 27.75 32.38 5.08
N GLN C 273 26.76 32.35 5.97
CA GLN C 273 25.46 32.93 5.65
C GLN C 273 25.28 34.31 6.25
N CYS C 274 26.06 34.64 7.29
CA CYS C 274 25.75 35.84 8.07
C CYS C 274 26.03 37.12 7.28
N PHE C 275 26.94 37.08 6.31
CA PHE C 275 27.24 38.30 5.56
C PHE C 275 26.10 38.66 4.62
N ASP C 276 25.45 37.66 4.04
CA ASP C 276 24.29 37.94 3.21
C ASP C 276 23.16 38.53 4.04
N VAL C 277 22.88 37.93 5.21
CA VAL C 277 21.86 38.49 6.08
C VAL C 277 22.21 39.92 6.46
N LEU C 278 23.41 40.11 7.02
CA LEU C 278 23.84 41.44 7.48
C LEU C 278 23.71 42.50 6.39
N LEU C 279 24.06 42.16 5.15
CA LEU C 279 23.98 43.11 4.05
C LEU C 279 22.60 43.13 3.39
N GLY C 280 21.61 42.45 3.95
CA GLY C 280 20.29 42.45 3.35
C GLY C 280 20.23 41.85 1.98
N ILE C 281 21.19 41.00 1.62
CA ILE C 281 21.12 40.16 0.43
C ILE C 281 20.24 38.98 0.81
N GLN C 282 18.98 39.00 0.36
CA GLN C 282 18.01 38.06 0.89
C GLN C 282 18.15 36.73 0.15
N GLN C 283 19.19 35.97 0.56
CA GLN C 283 19.45 34.68 -0.05
C GLN C 283 18.33 33.68 0.21
N THR C 284 17.64 33.81 1.35
CA THR C 284 16.62 32.85 1.74
C THR C 284 15.22 33.31 1.35
N ALA C 285 15.10 34.32 0.50
CA ALA C 285 13.81 34.90 0.16
C ALA C 285 13.20 34.15 -1.03
N GLY C 286 11.88 33.94 -0.95
CA GLY C 286 11.18 33.20 -1.99
C GLY C 286 11.17 31.71 -1.72
N GLY C 287 10.69 30.98 -2.74
CA GLY C 287 10.61 29.54 -2.64
C GLY C 287 11.48 28.86 -3.67
N GLY C 288 12.44 29.60 -4.23
CA GLY C 288 13.40 29.03 -5.13
C GLY C 288 14.22 27.93 -4.46
N HIS C 289 14.81 27.07 -5.30
CA HIS C 289 15.56 25.96 -4.74
C HIS C 289 16.79 26.45 -3.99
N ALA C 290 17.43 27.52 -4.48
CA ALA C 290 18.62 28.05 -3.79
C ALA C 290 18.26 28.59 -2.43
N ALA C 291 17.11 29.25 -2.33
CA ALA C 291 16.72 29.88 -1.06
C ALA C 291 16.39 28.84 0.00
N GLN C 292 15.68 27.77 -0.37
CA GLN C 292 15.25 26.84 0.67
C GLN C 292 16.36 25.90 1.05
N PHE C 293 17.30 25.64 0.14
CA PHE C 293 18.52 24.94 0.54
C PHE C 293 19.23 25.70 1.64
N LEU C 294 19.56 26.97 1.38
CA LEU C 294 20.31 27.76 2.36
C LEU C 294 19.53 27.87 3.66
N GLN C 295 18.20 27.98 3.58
CA GLN C 295 17.39 28.01 4.79
C GLN C 295 17.36 26.66 5.45
N ASP C 296 17.32 25.58 4.66
CA ASP C 296 17.36 24.25 5.25
C ASP C 296 18.69 24.00 5.94
N MET C 297 19.78 24.57 5.41
CA MET C 297 21.07 24.32 6.04
C MET C 297 21.17 24.93 7.42
N ARG C 298 20.35 25.93 7.74
CA ARG C 298 20.38 26.50 9.08
C ARG C 298 19.90 25.52 10.14
N ARG C 299 19.11 24.52 9.74
CA ARG C 299 18.76 23.46 10.69
C ARG C 299 19.96 22.60 11.08
N TYR C 300 21.08 22.74 10.38
CA TYR C 300 22.27 21.94 10.67
C TYR C 300 23.34 22.77 11.35
N MET C 301 22.99 23.98 11.77
CA MET C 301 23.90 24.83 12.53
C MET C 301 23.63 24.67 14.00
N PRO C 302 24.66 24.79 14.83
CA PRO C 302 24.45 24.83 16.27
C PRO C 302 23.42 25.90 16.60
N PRO C 303 22.57 25.66 17.60
CA PRO C 303 21.48 26.61 17.88
C PRO C 303 21.94 28.04 18.13
N ALA C 304 23.06 28.24 18.83
CA ALA C 304 23.59 29.60 19.03
C ALA C 304 23.93 30.26 17.70
N HIS C 305 24.47 29.50 16.74
CA HIS C 305 24.77 30.08 15.43
C HIS C 305 23.50 30.39 14.66
N ARG C 306 22.53 29.49 14.72
CA ARG C 306 21.25 29.76 14.07
C ARG C 306 20.57 30.97 14.69
N ASN C 307 20.70 31.13 16.02
CA ASN C 307 20.11 32.27 16.68
C ASN C 307 20.82 33.56 16.27
N PHE C 308 22.15 33.49 16.10
CA PHE C 308 22.87 34.66 15.61
C PHE C 308 22.31 35.13 14.26
N LEU C 309 22.06 34.19 13.34
CA LEU C 309 21.50 34.56 12.05
C LEU C 309 20.12 35.18 12.20
N CYS C 310 19.30 34.64 13.11
CA CYS C 310 17.94 35.14 13.24
C CYS C 310 17.93 36.55 13.81
N SER C 311 18.77 36.82 14.81
CA SER C 311 18.85 38.15 15.36
C SER C 311 19.46 39.16 14.38
N LEU C 312 20.18 38.70 13.36
CA LEU C 312 20.59 39.60 12.28
C LEU C 312 19.41 39.94 11.39
N GLU C 313 18.57 38.94 11.08
CA GLU C 313 17.39 39.18 10.26
C GLU C 313 16.42 40.14 10.94
N SER C 314 16.35 40.08 12.27
CA SER C 314 15.38 40.90 12.99
C SER C 314 15.80 42.37 13.02
N ASN C 315 17.11 42.63 13.09
CA ASN C 315 17.62 43.99 13.12
C ASN C 315 17.19 44.77 11.87
N PRO C 316 17.26 46.10 11.92
CA PRO C 316 16.93 46.88 10.72
C PRO C 316 17.95 46.66 9.61
N SER C 317 17.48 46.78 8.37
CA SER C 317 18.31 46.49 7.20
C SER C 317 19.47 47.46 7.09
N VAL C 318 20.70 46.93 7.16
CA VAL C 318 21.88 47.73 6.85
C VAL C 318 21.78 48.30 5.44
N ARG C 319 21.27 47.51 4.50
CA ARG C 319 21.20 47.96 3.13
C ARG C 319 20.27 49.16 2.99
N GLU C 320 19.07 49.05 3.59
CA GLU C 320 18.11 50.15 3.47
C GLU C 320 18.66 51.42 4.08
N PHE C 321 19.29 51.31 5.25
CA PHE C 321 19.99 52.45 5.84
C PHE C 321 20.91 53.11 4.83
N VAL C 322 21.86 52.36 4.27
CA VAL C 322 22.82 52.96 3.36
C VAL C 322 22.13 53.50 2.12
N LEU C 323 21.08 52.82 1.67
CA LEU C 323 20.32 53.27 0.51
C LEU C 323 19.65 54.63 0.76
N SER C 324 19.47 55.03 2.01
CA SER C 324 18.60 56.13 2.33
C SER C 324 19.35 57.44 2.62
N LYS C 325 20.69 57.39 2.76
CA LYS C 325 21.43 58.52 3.32
C LYS C 325 22.16 59.36 2.28
N GLY C 326 21.95 59.10 0.98
CA GLY C 326 22.60 59.83 -0.09
C GLY C 326 24.05 60.07 0.21
N ASP C 327 24.75 58.99 0.58
CA ASP C 327 26.10 59.03 1.12
C ASP C 327 26.95 58.12 0.24
N ALA C 328 27.68 58.71 -0.71
CA ALA C 328 28.49 57.89 -1.60
C ALA C 328 29.53 57.11 -0.81
N GLY C 329 30.18 57.74 0.17
CA GLY C 329 31.14 57.04 1.02
C GLY C 329 30.57 55.76 1.62
N LEU C 330 29.34 55.83 2.15
CA LEU C 330 28.70 54.63 2.70
C LEU C 330 28.36 53.64 1.60
N ARG C 331 27.85 54.14 0.48
CA ARG C 331 27.49 53.25 -0.62
C ARG C 331 28.69 52.44 -1.10
N GLU C 332 29.87 53.08 -1.20
CA GLU C 332 31.06 52.34 -1.62
C GLU C 332 31.55 51.38 -0.54
N ALA C 333 31.36 51.71 0.74
CA ALA C 333 31.79 50.79 1.77
C ALA C 333 30.86 49.58 1.82
N TYR C 334 29.57 49.82 1.57
CA TYR C 334 28.63 48.73 1.47
C TYR C 334 28.92 47.86 0.25
N ASP C 335 29.08 48.49 -0.91
CA ASP C 335 29.39 47.74 -2.12
C ASP C 335 30.76 47.07 -2.05
N ALA C 336 31.66 47.56 -1.21
CA ALA C 336 32.91 46.83 -1.00
C ALA C 336 32.63 45.46 -0.39
N CYS C 337 31.70 45.39 0.56
CA CYS C 337 31.30 44.11 1.14
C CYS C 337 30.63 43.21 0.11
N VAL C 338 29.74 43.79 -0.70
CA VAL C 338 29.05 42.97 -1.67
C VAL C 338 30.01 42.44 -2.72
N LYS C 339 30.97 43.27 -3.15
CA LYS C 339 31.93 42.84 -4.14
C LYS C 339 32.82 41.72 -3.61
N ALA C 340 33.25 41.83 -2.35
CA ALA C 340 34.07 40.79 -1.76
C ALA C 340 33.29 39.48 -1.68
N LEU C 341 32.00 39.53 -1.32
CA LEU C 341 31.17 38.34 -1.39
C LEU C 341 31.06 37.82 -2.81
N VAL C 342 30.95 38.72 -3.80
CA VAL C 342 30.91 38.28 -5.20
C VAL C 342 32.25 37.68 -5.60
N SER C 343 33.37 38.32 -5.24
CA SER C 343 34.69 37.74 -5.51
C SER C 343 34.82 36.36 -4.89
N LEU C 344 34.36 36.20 -3.65
CA LEU C 344 34.43 34.90 -3.00
C LEU C 344 33.67 33.86 -3.78
N ARG C 345 32.46 34.19 -4.23
CA ARG C 345 31.62 33.19 -4.87
C ARG C 345 32.09 32.88 -6.30
N SER C 346 32.66 33.87 -6.98
CA SER C 346 33.27 33.61 -8.28
C SER C 346 34.48 32.68 -8.15
N TYR C 347 35.35 32.93 -7.17
CA TYR C 347 36.49 32.04 -6.98
C TYR C 347 36.01 30.65 -6.61
N HIS C 348 34.98 30.58 -5.78
CA HIS C 348 34.40 29.30 -5.39
C HIS C 348 33.87 28.54 -6.60
N LEU C 349 33.26 29.26 -7.55
CA LEU C 349 32.78 28.60 -8.76
C LEU C 349 33.93 27.97 -9.55
N GLN C 350 35.08 28.65 -9.58
CA GLN C 350 36.26 28.03 -10.19
C GLN C 350 36.71 26.80 -9.40
N ILE C 351 36.75 26.94 -8.06
CA ILE C 351 37.04 25.79 -7.21
C ILE C 351 36.12 24.63 -7.58
N VAL C 352 34.82 24.91 -7.68
CA VAL C 352 33.85 23.85 -7.95
C VAL C 352 34.09 23.24 -9.33
N THR C 353 34.48 24.07 -10.29
CA THR C 353 34.84 23.55 -11.61
C THR C 353 36.01 22.58 -11.52
N LYS C 354 37.09 22.99 -10.83
CA LYS C 354 38.28 22.16 -10.77
C LYS C 354 38.08 20.92 -9.90
N TYR C 355 37.25 21.02 -8.86
CA TYR C 355 37.17 19.93 -7.89
C TYR C 355 35.94 19.06 -8.04
N ILE C 356 34.95 19.44 -8.85
CA ILE C 356 33.81 18.56 -9.04
C ILE C 356 33.50 18.36 -10.51
N LEU C 357 33.27 19.45 -11.25
CA LEU C 357 32.86 19.34 -12.65
C LEU C 357 33.91 18.60 -13.47
N ILE C 358 35.14 19.10 -13.45
CA ILE C 358 36.20 18.45 -14.22
C ILE C 358 36.41 17.01 -13.77
N PRO C 359 36.59 16.71 -12.48
CA PRO C 359 36.70 15.29 -12.08
C PRO C 359 35.51 14.45 -12.47
N ALA C 360 34.29 15.00 -12.43
CA ALA C 360 33.12 14.21 -12.80
C ALA C 360 33.14 13.85 -14.28
N SER C 361 33.76 14.69 -15.11
CA SER C 361 33.86 14.41 -16.53
C SER C 361 35.08 13.55 -16.83
N GLN C 362 35.52 12.77 -15.86
CA GLN C 362 36.63 11.84 -16.05
C GLN C 362 36.47 10.60 -15.18
N GLY C 382 22.34 17.83 -13.26
CA GLY C 382 23.19 17.22 -12.25
C GLY C 382 24.29 18.15 -11.76
N GLY C 383 25.48 18.04 -12.38
CA GLY C 383 26.48 19.08 -12.18
C GLY C 383 25.96 20.45 -12.56
N THR C 384 25.07 20.52 -13.56
CA THR C 384 24.45 21.79 -13.92
C THR C 384 23.53 22.30 -12.83
N ASP C 385 22.95 21.39 -12.03
CA ASP C 385 22.05 21.82 -10.96
C ASP C 385 22.82 22.52 -9.85
N LEU C 386 23.94 21.96 -9.41
CA LEU C 386 24.71 22.65 -8.39
C LEU C 386 25.33 23.93 -8.94
N MET C 387 25.76 23.92 -10.20
CA MET C 387 26.30 25.14 -10.79
C MET C 387 25.21 26.20 -10.94
N ASN C 388 23.99 25.79 -11.29
CA ASN C 388 22.90 26.73 -11.32
C ASN C 388 22.61 27.28 -9.92
N PHE C 389 22.78 26.45 -8.89
CA PHE C 389 22.57 26.92 -7.53
C PHE C 389 23.61 27.97 -7.17
N LEU C 390 24.89 27.65 -7.33
CA LEU C 390 25.95 28.59 -6.98
C LEU C 390 25.82 29.88 -7.77
N LYS C 391 25.56 29.77 -9.07
CA LYS C 391 25.36 30.97 -9.90
C LYS C 391 24.15 31.77 -9.42
N THR C 392 23.05 31.09 -9.11
CA THR C 392 21.90 31.79 -8.53
C THR C 392 22.28 32.56 -7.27
N VAL C 393 23.08 31.95 -6.40
CA VAL C 393 23.47 32.62 -5.16
C VAL C 393 24.41 33.79 -5.46
N ARG C 394 25.31 33.62 -6.43
CA ARG C 394 26.23 34.71 -6.77
C ARG C 394 25.49 35.85 -7.46
N SER C 395 24.49 35.53 -8.28
CA SER C 395 23.76 36.58 -8.97
C SER C 395 22.90 37.37 -7.98
N THR C 396 22.25 36.68 -7.05
CA THR C 396 21.55 37.40 -5.99
C THR C 396 22.49 38.31 -5.22
N THR C 397 23.72 37.86 -4.98
CA THR C 397 24.73 38.73 -4.39
C THR C 397 24.96 39.96 -5.27
N GLU C 398 25.10 39.75 -6.58
CA GLU C 398 25.40 40.86 -7.48
C GLU C 398 24.28 41.88 -7.45
N LYS C 399 23.02 41.42 -7.52
CA LYS C 399 21.84 42.28 -7.49
C LYS C 399 21.85 43.25 -6.31
N SER C 400 22.56 42.93 -5.24
CA SER C 400 22.54 43.81 -4.08
C SER C 400 23.50 44.99 -4.20
N LEU C 401 24.37 45.00 -5.21
CA LEU C 401 25.22 46.17 -5.43
C LEU C 401 24.35 47.40 -5.60
N LEU C 402 24.84 48.53 -5.09
CA LEU C 402 24.18 49.82 -5.30
C LEU C 402 24.65 50.42 -6.62
N LYS C 403 25.93 50.80 -6.66
CA LYS C 403 26.58 51.39 -7.84
C LYS C 403 26.43 50.55 -9.11
N VAL D 23 -11.03 4.53 18.27
CA VAL D 23 -10.66 5.76 18.96
C VAL D 23 -9.93 6.70 18.01
N GLY D 24 -9.68 6.24 16.79
CA GLY D 24 -9.04 7.06 15.79
C GLY D 24 -7.57 7.32 16.10
N PHE D 25 -7.26 8.56 16.50
CA PHE D 25 -5.88 8.91 16.79
C PHE D 25 -5.54 8.85 18.28
N ALA D 26 -6.53 8.56 19.13
CA ALA D 26 -6.22 8.30 20.52
C ALA D 26 -5.39 7.03 20.65
N LEU D 27 -4.64 6.94 21.72
CA LEU D 27 -3.88 5.73 21.97
C LEU D 27 -4.87 4.63 22.36
N PRO D 28 -4.98 3.55 21.60
CA PRO D 28 -5.85 2.46 22.03
C PRO D 28 -5.36 1.85 23.33
N ASN D 29 -6.27 1.66 24.26
CA ASN D 29 -6.05 1.13 25.60
C ASN D 29 -4.72 1.61 26.19
N PRO D 30 -4.62 2.87 26.63
CA PRO D 30 -3.35 3.35 27.19
C PRO D 30 -2.87 2.46 28.32
N GLN D 31 -1.56 2.31 28.40
CA GLN D 31 -0.95 1.69 29.56
C GLN D 31 -1.12 2.61 30.76
N GLU D 32 -1.37 2.03 31.92
CA GLU D 32 -1.54 2.81 33.14
C GLU D 32 -0.34 2.80 34.06
N ASN D 33 0.44 1.72 34.08
CA ASN D 33 1.58 1.58 34.99
C ASN D 33 2.82 1.36 34.18
N LEU D 34 3.84 2.15 34.48
CA LEU D 34 5.14 1.95 33.88
C LEU D 34 5.75 0.67 34.41
N PRO D 35 6.73 0.10 33.71
CA PRO D 35 7.49 -1.02 34.28
C PRO D 35 7.94 -0.70 35.71
N ASP D 36 8.06 -1.76 36.52
CA ASP D 36 8.54 -1.69 37.90
C ASP D 36 9.75 -0.75 38.06
N PHE D 37 10.61 -0.72 37.03
CA PHE D 37 11.80 0.12 37.04
C PHE D 37 11.48 1.59 37.34
N TYR D 38 10.28 2.06 37.02
CA TYR D 38 9.96 3.49 37.12
C TYR D 38 8.96 3.79 38.22
N ASN D 39 8.90 2.94 39.24
CA ASN D 39 7.93 3.14 40.32
C ASN D 39 8.11 4.50 40.99
N ASP D 40 9.33 5.04 40.98
CA ASP D 40 9.55 6.35 41.59
C ASP D 40 8.82 7.43 40.81
N TRP D 41 8.83 7.36 39.48
CA TRP D 41 8.02 8.28 38.68
C TRP D 41 6.55 8.05 38.95
N MET D 42 6.12 6.79 38.91
CA MET D 42 4.71 6.46 39.08
C MET D 42 4.16 7.02 40.38
N PHE D 43 4.91 6.85 41.48
CA PHE D 43 4.42 7.31 42.77
C PHE D 43 4.13 8.80 42.74
N ILE D 44 5.00 9.58 42.09
CA ILE D 44 4.83 11.02 42.08
C ILE D 44 3.62 11.42 41.24
N ALA D 45 3.53 10.86 40.03
CA ALA D 45 2.46 11.29 39.12
C ALA D 45 1.10 10.86 39.68
N LYS D 46 1.03 9.70 40.31
CA LYS D 46 -0.22 9.20 40.88
C LYS D 46 -0.68 10.03 42.07
N HIS D 47 0.24 10.76 42.71
CA HIS D 47 -0.10 11.49 43.93
C HIS D 47 0.12 12.98 43.78
N LEU D 48 0.10 13.47 42.53
CA LEU D 48 0.21 14.91 42.31
C LEU D 48 -0.80 15.72 43.12
N PRO D 49 -2.07 15.35 43.24
CA PRO D 49 -2.96 16.16 44.08
C PRO D 49 -2.45 16.28 45.51
N ASP D 50 -2.18 15.15 46.16
CA ASP D 50 -1.64 15.21 47.51
C ASP D 50 -0.31 15.93 47.57
N LEU D 51 0.62 15.54 46.68
CA LEU D 51 1.98 16.07 46.73
C LEU D 51 2.01 17.57 46.48
N ILE D 52 1.10 18.09 45.65
CA ILE D 52 1.11 19.53 45.41
C ILE D 52 0.46 20.27 46.58
N GLU D 53 -0.68 19.76 47.05
CA GLU D 53 -1.40 20.42 48.13
C GLU D 53 -0.53 20.49 49.38
N SER D 54 0.20 19.43 49.68
CA SER D 54 1.07 19.34 50.86
C SER D 54 2.47 19.88 50.62
N GLY D 55 2.68 20.70 49.59
CA GLY D 55 3.99 21.25 49.30
C GLY D 55 5.18 20.29 49.26
N GLN D 56 4.94 18.98 49.16
CA GLN D 56 6.01 18.00 49.11
C GLN D 56 6.48 17.67 47.70
N LEU D 57 5.78 18.16 46.67
CA LEU D 57 6.02 17.63 45.33
C LEU D 57 7.39 18.01 44.82
N ARG D 58 7.77 19.27 44.96
CA ARG D 58 9.05 19.71 44.41
C ARG D 58 10.22 18.98 45.07
N GLU D 59 10.10 18.66 46.36
CA GLU D 59 11.19 17.95 47.01
C GLU D 59 11.27 16.51 46.56
N ARG D 60 10.12 15.83 46.43
CA ARG D 60 10.13 14.49 45.85
C ARG D 60 10.79 14.51 44.48
N VAL D 61 10.46 15.50 43.65
CA VAL D 61 11.05 15.59 42.32
C VAL D 61 12.56 15.82 42.42
N GLU D 62 12.98 16.67 43.35
CA GLU D 62 14.40 16.96 43.47
C GLU D 62 15.18 15.77 44.03
N LYS D 63 14.55 14.94 44.86
CA LYS D 63 15.23 13.78 45.41
C LYS D 63 15.14 12.55 44.52
N LEU D 64 14.48 12.63 43.37
CA LEU D 64 14.46 11.49 42.46
C LEU D 64 15.87 11.16 41.97
N ASN D 65 16.17 9.87 41.92
CA ASN D 65 17.36 9.41 41.24
C ASN D 65 17.15 9.41 39.73
N MET D 66 18.26 9.25 39.01
CA MET D 66 18.21 9.16 37.56
C MET D 66 17.76 7.78 37.14
N LEU D 67 16.66 7.70 36.40
CA LEU D 67 16.20 6.44 35.82
C LEU D 67 16.35 6.53 34.31
N SER D 68 17.15 5.62 33.76
CA SER D 68 17.33 5.54 32.33
C SER D 68 16.00 5.24 31.64
N ILE D 69 15.86 5.71 30.39
CA ILE D 69 14.66 5.41 29.63
C ILE D 69 14.77 4.09 28.87
N ASP D 70 15.88 3.36 29.02
CA ASP D 70 16.07 2.15 28.23
C ASP D 70 15.11 1.03 28.64
N HIS D 71 14.47 1.12 29.79
CA HIS D 71 13.47 0.12 30.15
C HIS D 71 12.07 0.50 29.69
N LEU D 72 11.96 1.45 28.77
CA LEU D 72 10.68 1.80 28.15
C LEU D 72 10.74 1.20 26.74
N THR D 73 10.25 -0.02 26.62
CA THR D 73 10.59 -0.85 25.46
C THR D 73 9.54 -0.86 24.35
N ASP D 74 8.35 -0.31 24.60
CA ASP D 74 7.30 -0.29 23.58
C ASP D 74 6.69 1.10 23.50
N HIS D 75 5.95 1.34 22.40
CA HIS D 75 5.32 2.65 22.21
C HIS D 75 4.41 2.99 23.38
N LYS D 76 3.68 2.01 23.90
CA LYS D 76 2.70 2.26 24.95
C LYS D 76 3.37 2.73 26.24
N SER D 77 4.46 2.06 26.63
CA SER D 77 5.12 2.50 27.85
C SER D 77 5.84 3.83 27.63
N GLN D 78 6.28 4.10 26.41
CA GLN D 78 6.91 5.38 26.15
C GLN D 78 5.88 6.52 26.20
N ARG D 79 4.69 6.28 25.65
CA ARG D 79 3.65 7.29 25.70
C ARG D 79 3.18 7.55 27.13
N LEU D 80 3.08 6.48 27.94
CA LEU D 80 2.76 6.68 29.34
C LEU D 80 3.87 7.43 30.05
N ALA D 81 5.13 7.10 29.75
CA ALA D 81 6.24 7.79 30.40
C ALA D 81 6.22 9.29 30.08
N ARG D 82 5.87 9.64 28.84
CA ARG D 82 5.70 11.05 28.50
C ARG D 82 4.58 11.68 29.32
N LEU D 83 3.46 10.98 29.44
CA LEU D 83 2.37 11.50 30.26
C LEU D 83 2.83 11.71 31.70
N VAL D 84 3.48 10.70 32.28
CA VAL D 84 3.95 10.77 33.66
C VAL D 84 4.93 11.93 33.82
N LEU D 85 5.99 11.93 33.00
CA LEU D 85 7.02 12.95 33.14
C LEU D 85 6.47 14.32 32.83
N GLY D 86 5.54 14.39 31.86
CA GLY D 86 4.92 15.65 31.54
C GLY D 86 4.05 16.19 32.66
N CYS D 87 3.24 15.32 33.28
CA CYS D 87 2.45 15.78 34.42
C CYS D 87 3.35 16.19 35.59
N ILE D 88 4.39 15.39 35.87
CA ILE D 88 5.33 15.76 36.92
C ILE D 88 5.96 17.10 36.60
N THR D 89 6.33 17.30 35.32
CA THR D 89 6.97 18.55 34.91
C THR D 89 6.07 19.75 35.14
N MET D 90 4.79 19.67 34.71
CA MET D 90 3.87 20.79 34.95
C MET D 90 3.70 21.05 36.44
N ALA D 91 3.56 20.00 37.23
CA ALA D 91 3.38 20.15 38.66
C ALA D 91 4.59 20.80 39.30
N TYR D 92 5.79 20.38 38.88
CA TYR D 92 7.00 20.93 39.46
C TYR D 92 7.16 22.39 39.08
N VAL D 93 6.97 22.72 37.80
CA VAL D 93 7.18 24.08 37.33
C VAL D 93 6.16 25.03 37.97
N TRP D 94 4.89 24.63 38.02
CA TRP D 94 3.85 25.53 38.49
C TRP D 94 3.54 25.41 39.97
N GLY D 95 3.97 24.34 40.63
CA GLY D 95 3.71 24.20 42.06
C GLY D 95 2.23 24.21 42.37
N LYS D 96 1.86 24.96 43.41
CA LYS D 96 0.45 25.08 43.80
C LYS D 96 -0.34 25.97 42.86
N GLY D 97 0.31 26.58 41.88
CA GLY D 97 -0.44 27.34 40.90
C GLY D 97 -0.74 28.75 41.32
N HIS D 98 0.04 29.34 42.22
CA HIS D 98 -0.18 30.68 42.72
C HIS D 98 0.98 31.61 42.43
N GLY D 99 1.81 31.28 41.44
CA GLY D 99 2.87 32.15 40.99
C GLY D 99 4.26 31.84 41.56
N ASP D 100 4.37 30.85 42.43
CA ASP D 100 5.67 30.43 42.95
C ASP D 100 6.21 29.39 41.97
N VAL D 101 6.91 29.86 40.94
CA VAL D 101 7.32 28.99 39.85
C VAL D 101 8.70 28.38 40.11
N ARG D 102 9.05 27.36 39.33
CA ARG D 102 10.41 26.85 39.21
C ARG D 102 10.81 26.97 37.75
N LYS D 103 11.97 27.56 37.51
CA LYS D 103 12.41 27.87 36.16
C LYS D 103 13.47 26.91 35.67
N VAL D 104 13.87 25.97 36.51
CA VAL D 104 14.83 24.93 36.17
C VAL D 104 14.16 23.61 36.47
N LEU D 105 14.10 22.73 35.47
CA LEU D 105 13.55 21.40 35.70
C LEU D 105 14.69 20.46 36.03
N PRO D 106 14.65 19.78 37.17
CA PRO D 106 15.84 19.06 37.62
C PRO D 106 16.24 17.96 36.64
N ARG D 107 17.56 17.86 36.45
CA ARG D 107 18.26 16.89 35.59
C ARG D 107 17.62 15.51 35.59
N ASN D 108 17.24 15.02 36.75
CA ASN D 108 16.80 13.64 36.81
C ASN D 108 15.40 13.46 36.24
N ILE D 109 14.64 14.54 36.08
CA ILE D 109 13.48 14.53 35.20
C ILE D 109 13.85 14.99 33.80
N ALA D 110 14.55 16.11 33.70
CA ALA D 110 14.78 16.76 32.40
C ALA D 110 15.43 15.80 31.42
N VAL D 111 16.49 15.11 31.83
CA VAL D 111 17.27 14.33 30.89
C VAL D 111 16.44 13.17 30.34
N PRO D 112 15.92 12.24 31.15
CA PRO D 112 15.09 11.18 30.56
C PRO D 112 13.89 11.70 29.80
N TYR D 113 13.28 12.79 30.29
CA TYR D 113 12.17 13.42 29.60
C TYR D 113 12.57 13.88 28.22
N CYS D 114 13.71 14.56 28.12
CA CYS D 114 14.14 15.07 26.83
C CYS D 114 14.57 13.93 25.91
N GLN D 115 15.22 12.92 26.45
CA GLN D 115 15.66 11.81 25.62
C GLN D 115 14.46 11.08 25.06
N LEU D 116 13.49 10.80 25.92
CA LEU D 116 12.27 10.13 25.50
C LEU D 116 11.55 10.99 24.46
N SER D 117 11.39 12.28 24.78
CA SER D 117 10.72 13.18 23.87
C SER D 117 11.41 13.21 22.52
N ALA D 118 12.75 13.14 22.51
CA ALA D 118 13.44 13.17 21.23
C ALA D 118 13.14 11.92 20.43
N ALA D 119 13.08 10.77 21.10
CA ALA D 119 12.70 9.53 20.44
C ALA D 119 11.26 9.58 19.91
N LEU D 120 10.34 10.16 20.68
CA LEU D 120 8.95 10.25 20.24
C LEU D 120 8.71 11.46 19.36
N GLU D 121 9.74 12.29 19.16
CA GLU D 121 9.68 13.44 18.27
C GLU D 121 8.66 14.47 18.73
N LEU D 122 8.51 14.61 20.04
CA LEU D 122 7.59 15.57 20.65
C LEU D 122 8.37 16.46 21.59
N PRO D 123 8.06 17.76 21.65
CA PRO D 123 8.76 18.62 22.60
C PRO D 123 8.56 18.14 24.01
N PRO D 124 9.54 18.37 24.89
CA PRO D 124 9.46 17.89 26.28
C PRO D 124 8.57 18.78 27.15
N ILE D 125 7.29 18.81 26.79
CA ILE D 125 6.25 19.46 27.56
C ILE D 125 4.98 18.65 27.35
N LEU D 126 4.08 18.70 28.34
CA LEU D 126 2.81 18.00 28.24
C LEU D 126 2.01 18.52 27.05
N VAL D 127 1.61 17.63 26.16
CA VAL D 127 0.87 18.00 24.97
C VAL D 127 -0.46 17.28 24.97
N TYR D 128 -1.34 17.73 24.07
CA TYR D 128 -2.67 17.15 23.96
C TYR D 128 -2.62 15.63 23.84
N ALA D 129 -1.71 15.12 22.99
CA ALA D 129 -1.56 13.67 22.80
C ALA D 129 -1.12 12.95 24.07
N ASP D 130 -0.47 13.64 25.02
CA ASP D 130 -0.21 13.02 26.31
C ASP D 130 -1.46 12.99 27.19
N CYS D 131 -1.97 14.18 27.52
CA CYS D 131 -2.95 14.29 28.60
C CYS D 131 -4.37 14.04 28.15
N VAL D 132 -4.60 13.85 26.85
CA VAL D 132 -5.89 13.39 26.37
C VAL D 132 -5.75 12.00 25.76
N LEU D 133 -5.04 11.91 24.64
CA LEU D 133 -5.03 10.68 23.86
C LEU D 133 -4.43 9.50 24.61
N ALA D 134 -3.55 9.75 25.56
CA ALA D 134 -2.88 8.67 26.27
C ALA D 134 -3.29 8.59 27.72
N ASN D 135 -4.23 9.41 28.15
CA ASN D 135 -4.45 9.62 29.57
C ASN D 135 -5.86 9.15 29.95
N TRP D 136 -6.21 7.93 29.58
CA TRP D 136 -7.57 7.46 29.86
C TRP D 136 -7.57 5.96 30.03
N LYS D 137 -8.65 5.47 30.63
CA LYS D 137 -8.85 4.06 30.86
C LYS D 137 -10.36 3.82 30.86
N LYS D 138 -10.76 2.60 30.48
CA LYS D 138 -12.10 2.15 30.82
C LYS D 138 -12.17 1.80 32.30
N LYS D 139 -13.26 2.18 32.95
CA LYS D 139 -13.48 1.69 34.31
C LYS D 139 -13.79 0.20 34.29
N ASP D 140 -14.61 -0.22 33.33
CA ASP D 140 -14.94 -1.61 33.14
C ASP D 140 -14.62 -1.98 31.70
N PRO D 141 -13.73 -2.94 31.48
CA PRO D 141 -13.35 -3.28 30.10
C PRO D 141 -14.50 -3.79 29.26
N ASN D 142 -15.59 -4.24 29.88
CA ASN D 142 -16.68 -4.89 29.16
C ASN D 142 -17.64 -3.90 28.51
N LYS D 143 -17.61 -2.64 28.94
CA LYS D 143 -18.58 -1.62 28.58
C LYS D 143 -18.01 -0.69 27.51
N PRO D 144 -18.83 0.17 26.92
CA PRO D 144 -18.33 1.02 25.82
C PRO D 144 -17.52 2.19 26.33
N LEU D 145 -16.95 2.94 25.37
CA LEU D 145 -16.29 4.22 25.64
C LEU D 145 -17.34 5.31 25.80
N THR D 146 -17.89 5.39 27.00
CA THR D 146 -18.74 6.48 27.39
C THR D 146 -18.12 7.12 28.62
N TYR D 147 -18.41 8.40 28.82
CA TYR D 147 -17.84 9.12 29.94
C TYR D 147 -17.99 8.32 31.23
N GLU D 148 -19.17 7.72 31.41
CA GLU D 148 -19.53 7.04 32.65
C GLU D 148 -18.67 5.80 32.87
N ASN D 149 -18.08 5.26 31.81
CA ASN D 149 -17.22 4.09 31.92
C ASN D 149 -15.75 4.45 31.73
N MET D 150 -15.37 5.68 32.00
CA MET D 150 -14.01 6.11 31.69
C MET D 150 -13.43 6.93 32.82
N ASP D 151 -12.10 6.98 32.86
CA ASP D 151 -11.39 7.85 33.78
C ASP D 151 -10.10 8.32 33.13
N VAL D 152 -9.55 9.41 33.68
CA VAL D 152 -8.20 9.81 33.33
C VAL D 152 -7.21 9.04 34.18
N LEU D 153 -5.97 8.96 33.69
CA LEU D 153 -4.94 8.30 34.49
C LEU D 153 -4.34 9.26 35.51
N PHE D 154 -4.21 10.52 35.15
CA PHE D 154 -3.57 11.48 36.04
C PHE D 154 -4.33 12.77 36.03
N SER D 155 -4.33 13.42 37.19
CA SER D 155 -4.89 14.73 37.46
C SER D 155 -3.83 15.54 38.19
N PHE D 156 -4.05 16.84 38.25
CA PHE D 156 -3.11 17.72 38.94
C PHE D 156 -3.52 18.01 40.38
N ARG D 157 -4.76 18.47 40.59
CA ARG D 157 -5.27 18.85 41.89
C ARG D 157 -6.67 18.28 42.10
N ASP D 158 -7.01 17.99 43.35
CA ASP D 158 -8.36 17.54 43.62
C ASP D 158 -9.35 18.59 43.13
N GLY D 159 -10.39 18.12 42.44
CA GLY D 159 -11.36 19.03 41.85
C GLY D 159 -10.84 19.95 40.75
N ASP D 160 -9.72 19.62 40.09
CA ASP D 160 -9.32 20.46 38.96
C ASP D 160 -10.15 20.20 37.70
N CYS D 161 -11.06 19.23 37.74
CA CYS D 161 -11.89 18.85 36.61
C CYS D 161 -11.08 18.36 35.42
N SER D 162 -9.86 17.89 35.68
CA SER D 162 -9.06 17.32 34.60
C SER D 162 -9.76 16.11 33.98
N LYS D 163 -10.45 15.30 34.78
CA LYS D 163 -11.16 14.17 34.19
C LYS D 163 -12.20 14.65 33.18
N GLY D 164 -13.03 15.63 33.55
CA GLY D 164 -14.05 16.08 32.63
C GLY D 164 -13.46 16.78 31.43
N PHE D 165 -12.45 17.63 31.66
CA PHE D 165 -11.81 18.34 30.57
C PHE D 165 -11.13 17.36 29.61
N PHE D 166 -10.33 16.43 30.13
CA PHE D 166 -9.58 15.57 29.21
C PHE D 166 -10.50 14.57 28.53
N LEU D 167 -11.43 13.98 29.28
CA LEU D 167 -12.28 12.91 28.73
C LEU D 167 -13.31 13.46 27.75
N VAL D 168 -13.90 14.63 28.03
CA VAL D 168 -14.83 15.19 27.03
C VAL D 168 -14.08 15.58 25.76
N SER D 169 -12.89 16.16 25.90
CA SER D 169 -12.04 16.39 24.74
C SER D 169 -11.82 15.08 23.98
N LEU D 170 -11.46 14.02 24.71
CA LEU D 170 -11.23 12.70 24.11
C LEU D 170 -12.49 12.21 23.39
N LEU D 171 -13.63 12.33 24.05
CA LEU D 171 -14.86 11.82 23.46
C LEU D 171 -15.25 12.60 22.21
N VAL D 172 -15.10 13.94 22.23
CA VAL D 172 -15.35 14.72 21.03
C VAL D 172 -14.40 14.29 19.91
N GLU D 173 -13.12 14.12 20.24
CA GLU D 173 -12.18 13.65 19.23
C GLU D 173 -12.57 12.27 18.71
N ILE D 174 -12.94 11.35 19.59
CA ILE D 174 -13.35 10.02 19.11
C ILE D 174 -14.55 10.15 18.17
N ALA D 175 -15.51 10.99 18.53
CA ALA D 175 -16.67 11.17 17.65
C ALA D 175 -16.24 11.75 16.31
N ALA D 176 -15.43 12.81 16.32
CA ALA D 176 -14.97 13.36 15.04
C ALA D 176 -14.12 12.36 14.27
N ALA D 177 -13.36 11.51 14.97
CA ALA D 177 -12.47 10.59 14.28
C ALA D 177 -13.22 9.50 13.52
N SER D 178 -14.50 9.25 13.80
CA SER D 178 -15.28 8.40 12.93
C SER D 178 -15.25 8.88 11.48
N ALA D 179 -15.07 10.18 11.26
CA ALA D 179 -14.98 10.71 9.89
C ALA D 179 -13.74 10.21 9.17
N ILE D 180 -12.68 9.89 9.91
CA ILE D 180 -11.39 9.63 9.28
C ILE D 180 -11.45 8.42 8.35
N LYS D 181 -12.21 7.39 8.73
CA LYS D 181 -12.29 6.23 7.85
C LYS D 181 -13.03 6.54 6.55
N VAL D 182 -13.72 7.68 6.47
CA VAL D 182 -14.37 8.09 5.24
C VAL D 182 -13.42 8.86 4.35
N ILE D 183 -12.36 9.43 4.91
CA ILE D 183 -11.44 10.25 4.11
C ILE D 183 -10.87 9.50 2.91
N PRO D 184 -10.41 8.25 3.04
CA PRO D 184 -9.97 7.53 1.83
C PRO D 184 -11.08 7.41 0.79
N THR D 185 -12.33 7.24 1.21
CA THR D 185 -13.43 7.17 0.26
C THR D 185 -13.54 8.46 -0.52
N VAL D 186 -13.45 9.59 0.18
CA VAL D 186 -13.51 10.90 -0.48
C VAL D 186 -12.50 10.95 -1.61
N PHE D 187 -11.23 10.63 -1.32
CA PHE D 187 -10.19 10.82 -2.31
C PHE D 187 -10.29 9.79 -3.44
N LYS D 188 -10.68 8.56 -3.13
CA LYS D 188 -10.85 7.57 -4.19
C LYS D 188 -12.03 7.93 -5.09
N ALA D 189 -13.14 8.39 -4.51
CA ALA D 189 -14.28 8.80 -5.33
C ALA D 189 -13.91 9.94 -6.26
N MET D 190 -13.12 10.90 -5.77
CA MET D 190 -12.66 11.98 -6.65
C MET D 190 -11.83 11.43 -7.79
N GLN D 191 -10.87 10.56 -7.49
CA GLN D 191 -10.01 10.01 -8.53
C GLN D 191 -10.81 9.11 -9.44
N MET D 192 -11.75 8.35 -8.89
CA MET D 192 -12.54 7.47 -9.74
C MET D 192 -13.77 8.16 -10.30
N GLN D 193 -13.96 9.44 -10.00
CA GLN D 193 -15.11 10.19 -10.52
C GLN D 193 -16.40 9.46 -10.21
N GLU D 194 -16.64 9.26 -8.93
CA GLU D 194 -17.82 8.57 -8.43
C GLU D 194 -18.60 9.59 -7.61
N ARG D 195 -19.42 10.37 -8.32
CA ARG D 195 -20.07 11.53 -7.72
C ARG D 195 -20.93 11.14 -6.53
N ASP D 196 -21.77 10.11 -6.69
CA ASP D 196 -22.68 9.76 -5.61
C ASP D 196 -21.90 9.26 -4.38
N THR D 197 -20.83 8.51 -4.61
CA THR D 197 -19.97 8.04 -3.54
C THR D 197 -19.36 9.21 -2.78
N LEU D 198 -18.86 10.21 -3.51
CA LEU D 198 -18.28 11.40 -2.90
C LEU D 198 -19.30 12.17 -2.07
N LEU D 199 -20.51 12.35 -2.60
CA LEU D 199 -21.54 13.07 -1.88
C LEU D 199 -21.92 12.35 -0.58
N LYS D 200 -22.09 11.04 -0.66
CA LYS D 200 -22.42 10.25 0.53
C LYS D 200 -21.28 10.32 1.55
N ALA D 201 -20.03 10.28 1.09
CA ALA D 201 -18.89 10.42 1.99
C ALA D 201 -18.89 11.77 2.68
N LEU D 202 -19.13 12.84 1.92
CA LEU D 202 -19.10 14.17 2.51
C LEU D 202 -20.23 14.33 3.52
N LEU D 203 -21.42 13.79 3.21
CA LEU D 203 -22.50 13.85 4.20
C LEU D 203 -22.16 13.04 5.44
N GLU D 204 -21.48 11.92 5.27
CA GLU D 204 -21.11 11.13 6.42
C GLU D 204 -20.12 11.88 7.31
N ILE D 205 -19.16 12.59 6.69
CA ILE D 205 -18.21 13.39 7.45
C ILE D 205 -18.93 14.47 8.24
N ALA D 206 -19.85 15.19 7.59
CA ALA D 206 -20.66 16.19 8.30
C ALA D 206 -21.43 15.55 9.45
N SER D 207 -21.92 14.33 9.22
CA SER D 207 -22.66 13.63 10.26
C SER D 207 -21.78 13.36 11.49
N CYS D 208 -20.53 12.99 11.28
CA CYS D 208 -19.62 12.76 12.40
C CYS D 208 -19.30 14.06 13.13
N LEU D 209 -19.11 15.14 12.38
CA LEU D 209 -18.84 16.42 13.01
C LEU D 209 -20.05 16.91 13.77
N GLU D 210 -21.25 16.60 13.29
CA GLU D 210 -22.45 16.96 14.04
C GLU D 210 -22.55 16.14 15.32
N LYS D 211 -22.27 14.84 15.26
CA LYS D 211 -22.24 14.04 16.49
C LYS D 211 -21.20 14.57 17.47
N ALA D 212 -20.02 14.94 16.96
CA ALA D 212 -18.99 15.52 17.82
C ALA D 212 -19.48 16.78 18.53
N LEU D 213 -20.26 17.62 17.82
CA LEU D 213 -20.85 18.78 18.49
C LEU D 213 -21.75 18.37 19.64
N GLN D 214 -22.56 17.31 19.44
CA GLN D 214 -23.40 16.87 20.54
C GLN D 214 -22.59 16.33 21.71
N VAL D 215 -21.51 15.58 21.44
CA VAL D 215 -20.64 15.10 22.53
C VAL D 215 -20.03 16.28 23.26
N PHE D 216 -19.71 17.35 22.52
CA PHE D 216 -19.15 18.57 23.07
C PHE D 216 -20.02 19.15 24.20
N HIS D 217 -21.35 18.97 24.10
CA HIS D 217 -22.25 19.48 25.13
C HIS D 217 -22.03 18.86 26.50
N GLN D 218 -21.41 17.68 26.57
CA GLN D 218 -21.19 17.06 27.87
C GLN D 218 -20.20 17.83 28.74
N ILE D 219 -19.46 18.80 28.19
CA ILE D 219 -18.47 19.51 28.99
C ILE D 219 -19.10 20.17 30.22
N HIS D 220 -20.35 20.62 30.10
CA HIS D 220 -20.94 21.42 31.17
C HIS D 220 -21.20 20.59 32.42
N ASP D 221 -21.41 19.30 32.29
CA ASP D 221 -21.70 18.52 33.48
C ASP D 221 -20.46 17.95 34.16
N HIS D 222 -19.26 18.19 33.62
CA HIS D 222 -18.04 17.58 34.15
C HIS D 222 -16.89 18.55 34.32
N VAL D 223 -17.08 19.82 34.00
CA VAL D 223 -16.07 20.84 34.20
C VAL D 223 -16.80 22.06 34.74
N ASN D 224 -16.33 22.60 35.85
CA ASN D 224 -16.98 23.85 36.17
C ASN D 224 -16.04 25.01 35.86
N PRO D 225 -16.61 26.17 35.50
CA PRO D 225 -15.78 27.29 35.03
C PRO D 225 -14.65 27.68 35.96
N LYS D 226 -14.91 27.77 37.28
CA LYS D 226 -13.88 28.34 38.13
C LYS D 226 -12.76 27.36 38.43
N ALA D 227 -13.06 26.07 38.59
CA ALA D 227 -11.98 25.09 38.69
C ALA D 227 -11.14 25.08 37.43
N PHE D 228 -11.78 25.10 36.26
CA PHE D 228 -10.99 25.14 35.04
C PHE D 228 -10.13 26.40 34.99
N PHE D 229 -10.74 27.57 35.18
CA PHE D 229 -10.02 28.81 34.92
C PHE D 229 -8.89 29.01 35.92
N SER D 230 -9.11 28.65 37.18
CA SER D 230 -8.13 28.99 38.21
C SER D 230 -7.23 27.84 38.59
N VAL D 231 -7.57 26.60 38.21
CA VAL D 231 -6.71 25.47 38.56
C VAL D 231 -6.18 24.79 37.29
N LEU D 232 -7.07 24.17 36.51
CA LEU D 232 -6.59 23.34 35.40
C LEU D 232 -5.81 24.17 34.39
N ARG D 233 -6.31 25.35 34.04
CA ARG D 233 -5.63 26.19 33.07
C ARG D 233 -4.18 26.46 33.47
N ILE D 234 -3.90 26.48 34.77
CA ILE D 234 -2.55 26.77 35.24
C ILE D 234 -1.60 25.65 34.87
N TYR D 235 -2.01 24.40 35.12
CA TYR D 235 -1.17 23.25 34.87
C TYR D 235 -1.04 22.92 33.40
N LEU D 236 -1.91 23.44 32.54
CA LEU D 236 -1.73 23.22 31.13
C LEU D 236 -0.89 24.31 30.48
N SER D 237 -0.59 25.37 31.23
CA SER D 237 0.11 26.51 30.66
C SER D 237 1.55 26.13 30.37
N GLY D 238 2.09 26.68 29.29
CA GLY D 238 3.43 26.38 28.88
C GLY D 238 4.41 27.49 29.21
N TRP D 239 5.57 27.43 28.58
CA TRP D 239 6.58 28.47 28.74
C TRP D 239 6.96 29.04 27.40
N LYS D 240 5.96 29.43 26.62
CA LYS D 240 6.19 30.18 25.40
C LYS D 240 5.40 31.46 25.50
N GLY D 241 6.11 32.60 25.54
CA GLY D 241 5.43 33.87 25.72
C GLY D 241 4.74 33.99 27.05
N ASN D 242 5.21 33.25 28.06
CA ASN D 242 4.68 33.35 29.41
C ASN D 242 5.53 34.34 30.19
N PRO D 243 4.94 35.45 30.70
CA PRO D 243 5.74 36.38 31.51
C PRO D 243 6.30 35.76 32.78
N GLN D 244 5.68 34.70 33.30
CA GLN D 244 6.19 34.04 34.49
C GLN D 244 7.43 33.20 34.21
N LEU D 245 7.70 32.88 32.95
CA LEU D 245 8.92 32.19 32.52
C LEU D 245 9.38 32.83 31.21
N SER D 246 9.74 34.11 31.29
CA SER D 246 9.93 34.90 30.08
C SER D 246 11.00 34.31 29.17
N ASP D 247 11.92 33.54 29.71
CA ASP D 247 12.96 32.94 28.88
C ASP D 247 12.70 31.47 28.58
N GLY D 248 11.65 30.90 29.14
CA GLY D 248 11.37 29.50 28.98
C GLY D 248 11.88 28.70 30.16
N LEU D 249 12.02 27.41 29.94
CA LEU D 249 12.39 26.48 30.99
C LEU D 249 13.77 25.92 30.69
N VAL D 250 14.57 25.79 31.74
CA VAL D 250 15.87 25.13 31.63
C VAL D 250 15.64 23.65 31.87
N TYR D 251 15.98 22.84 30.88
CA TYR D 251 15.94 21.38 31.02
C TYR D 251 17.31 20.99 31.49
N GLU D 252 17.50 20.98 32.80
CA GLU D 252 18.83 20.93 33.37
C GLU D 252 19.52 19.64 32.96
N GLY D 253 20.77 19.77 32.50
CA GLY D 253 21.55 18.61 32.13
C GLY D 253 21.34 18.17 30.70
N PHE D 254 20.40 18.78 29.99
CA PHE D 254 20.16 18.43 28.60
C PHE D 254 20.48 19.59 27.68
N TRP D 255 19.83 20.74 27.83
CA TRP D 255 20.15 21.95 27.09
C TRP D 255 20.62 23.03 28.06
N GLU D 256 21.67 23.75 27.69
CA GLU D 256 22.21 24.77 28.61
C GLU D 256 21.23 25.91 28.81
N ASP D 257 20.69 26.45 27.72
CA ASP D 257 19.83 27.61 27.64
C ASP D 257 18.36 27.23 27.79
N PRO D 258 17.58 28.10 28.43
CA PRO D 258 16.15 27.85 28.59
C PRO D 258 15.45 27.73 27.24
N LYS D 259 14.38 26.96 27.24
CA LYS D 259 13.63 26.66 26.03
C LYS D 259 12.18 27.06 26.20
N GLU D 260 11.62 27.65 25.17
CA GLU D 260 10.22 27.98 25.15
C GLU D 260 9.47 26.87 24.44
N PHE D 261 8.46 26.33 25.11
CA PHE D 261 7.52 25.41 24.48
C PHE D 261 6.11 25.82 24.87
N ALA D 262 5.23 25.84 23.88
CA ALA D 262 3.83 26.16 24.09
C ALA D 262 3.17 25.10 24.96
N GLY D 263 2.20 25.53 25.77
CA GLY D 263 1.44 24.60 26.56
C GLY D 263 0.39 23.86 25.76
N GLY D 264 -0.25 22.92 26.43
CA GLY D 264 -1.17 22.02 25.76
C GLY D 264 -2.33 22.75 25.12
N SER D 265 -2.77 22.22 23.99
CA SER D 265 -3.85 22.88 23.27
C SER D 265 -4.54 21.85 22.39
N ALA D 266 -5.86 21.95 22.30
CA ALA D 266 -6.58 21.13 21.31
C ALA D 266 -6.17 21.47 19.89
N GLY D 267 -5.54 22.63 19.68
CA GLY D 267 -4.83 22.86 18.43
C GLY D 267 -3.81 21.79 18.10
N GLN D 268 -3.34 21.05 19.10
CA GLN D 268 -2.37 19.98 18.89
C GLN D 268 -3.03 18.65 18.56
N SER D 269 -4.33 18.65 18.32
CA SER D 269 -5.04 17.47 17.86
C SER D 269 -5.08 17.46 16.32
N SER D 270 -4.42 16.48 15.70
CA SER D 270 -4.47 16.43 14.24
C SER D 270 -5.87 16.13 13.73
N VAL D 271 -6.68 15.42 14.52
CA VAL D 271 -8.09 15.23 14.19
C VAL D 271 -8.80 16.58 14.09
N PHE D 272 -8.57 17.46 15.06
CA PHE D 272 -9.22 18.77 15.03
C PHE D 272 -8.59 19.71 14.01
N GLN D 273 -7.43 19.39 13.45
CA GLN D 273 -6.94 20.16 12.32
C GLN D 273 -7.25 19.50 10.97
N CYS D 274 -7.60 18.21 10.95
CA CYS D 274 -7.57 17.52 9.68
C CYS D 274 -8.76 17.90 8.81
N PHE D 275 -9.87 18.31 9.42
CA PHE D 275 -11.06 18.63 8.64
C PHE D 275 -10.87 19.91 7.86
N ASP D 276 -10.21 20.91 8.47
CA ASP D 276 -9.83 22.10 7.72
C ASP D 276 -8.96 21.74 6.52
N VAL D 277 -7.91 20.93 6.77
CA VAL D 277 -7.08 20.48 5.67
C VAL D 277 -7.93 19.78 4.62
N LEU D 278 -8.72 18.80 5.06
CA LEU D 278 -9.46 17.96 4.12
C LEU D 278 -10.38 18.80 3.25
N LEU D 279 -11.04 19.79 3.84
CA LEU D 279 -11.96 20.66 3.12
C LEU D 279 -11.27 21.86 2.46
N GLY D 280 -9.95 21.91 2.47
CA GLY D 280 -9.28 23.03 1.84
C GLY D 280 -9.55 24.36 2.50
N ILE D 281 -10.03 24.35 3.75
CA ILE D 281 -10.12 25.57 4.54
C ILE D 281 -8.72 25.91 5.00
N GLN D 282 -8.16 27.00 4.48
CA GLN D 282 -6.72 27.23 4.55
C GLN D 282 -6.35 27.90 5.87
N GLN D 283 -6.45 27.12 6.96
CA GLN D 283 -6.24 27.68 8.28
C GLN D 283 -4.79 28.09 8.51
N THR D 284 -3.85 27.34 7.96
CA THR D 284 -2.43 27.58 8.21
C THR D 284 -1.77 28.44 7.14
N ALA D 285 -2.57 29.08 6.29
CA ALA D 285 -2.05 29.84 5.16
C ALA D 285 -1.78 31.29 5.54
N GLY D 286 -0.81 31.89 4.86
CA GLY D 286 -0.37 33.24 5.18
C GLY D 286 0.54 33.24 6.40
N GLY D 287 0.88 34.45 6.83
CA GLY D 287 1.74 34.57 7.98
C GLY D 287 0.98 35.14 9.15
N GLY D 288 -0.35 35.10 9.07
CA GLY D 288 -1.17 35.60 10.16
C GLY D 288 -0.84 34.91 11.47
N HIS D 289 -1.27 35.53 12.56
CA HIS D 289 -1.00 34.94 13.86
C HIS D 289 -1.78 33.65 14.06
N ALA D 290 -3.04 33.59 13.58
CA ALA D 290 -3.81 32.37 13.68
C ALA D 290 -3.16 31.24 12.90
N ALA D 291 -2.73 31.51 11.66
CA ALA D 291 -2.09 30.48 10.85
C ALA D 291 -0.80 30.01 11.48
N GLN D 292 0.02 30.93 11.99
CA GLN D 292 1.26 30.53 12.61
C GLN D 292 1.01 29.70 13.88
N PHE D 293 0.01 30.07 14.67
CA PHE D 293 -0.28 29.27 15.85
C PHE D 293 -0.64 27.84 15.49
N LEU D 294 -1.62 27.66 14.62
CA LEU D 294 -2.05 26.31 14.27
C LEU D 294 -0.92 25.52 13.60
N GLN D 295 -0.13 26.19 12.77
CA GLN D 295 1.01 25.50 12.17
C GLN D 295 2.01 25.09 13.26
N ASP D 296 2.26 25.97 14.23
CA ASP D 296 3.20 25.64 15.30
C ASP D 296 2.73 24.45 16.14
N MET D 297 1.42 24.34 16.36
CA MET D 297 0.88 23.24 17.17
C MET D 297 1.09 21.87 16.50
N ARG D 298 1.30 21.85 15.19
CA ARG D 298 1.60 20.58 14.55
C ARG D 298 2.91 20.02 15.01
N ARG D 299 3.83 20.89 15.43
CA ARG D 299 5.06 20.43 16.05
C ARG D 299 4.80 19.66 17.34
N TYR D 300 3.60 19.76 17.89
CA TYR D 300 3.28 19.13 19.17
C TYR D 300 2.41 17.92 18.99
N MET D 301 2.21 17.48 17.75
CA MET D 301 1.53 16.24 17.41
C MET D 301 2.52 15.12 17.18
N PRO D 302 2.17 13.91 17.57
CA PRO D 302 2.98 12.75 17.22
C PRO D 302 3.31 12.76 15.75
N PRO D 303 4.49 12.26 15.36
CA PRO D 303 4.88 12.39 13.95
C PRO D 303 3.91 11.70 12.99
N ALA D 304 3.34 10.56 13.38
CA ALA D 304 2.32 9.91 12.55
C ALA D 304 1.13 10.84 12.32
N HIS D 305 0.70 11.58 13.34
CA HIS D 305 -0.43 12.49 13.17
C HIS D 305 -0.05 13.67 12.29
N ARG D 306 1.17 14.17 12.49
CA ARG D 306 1.75 15.18 11.61
C ARG D 306 1.79 14.69 10.17
N ASN D 307 2.21 13.43 9.98
CA ASN D 307 2.28 12.88 8.64
C ASN D 307 0.92 12.80 7.98
N PHE D 308 -0.10 12.46 8.79
CA PHE D 308 -1.45 12.36 8.28
C PHE D 308 -1.93 13.69 7.70
N LEU D 309 -1.70 14.78 8.43
CA LEU D 309 -2.07 16.09 7.94
C LEU D 309 -1.32 16.42 6.66
N CYS D 310 -0.02 16.09 6.62
CA CYS D 310 0.77 16.39 5.43
C CYS D 310 0.26 15.64 4.21
N SER D 311 -0.04 14.35 4.38
CA SER D 311 -0.53 13.58 3.25
C SER D 311 -1.88 14.09 2.76
N LEU D 312 -2.71 14.61 3.67
CA LEU D 312 -3.94 15.26 3.25
C LEU D 312 -3.64 16.50 2.42
N GLU D 313 -2.77 17.38 2.94
CA GLU D 313 -2.47 18.63 2.27
C GLU D 313 -1.84 18.40 0.90
N SER D 314 -1.31 17.21 0.64
CA SER D 314 -0.69 16.90 -0.64
C SER D 314 -1.66 16.24 -1.61
N ASN D 315 -2.84 15.83 -1.15
CA ASN D 315 -3.83 15.23 -2.00
C ASN D 315 -4.46 16.29 -2.88
N PRO D 316 -5.20 15.90 -3.93
CA PRO D 316 -5.95 16.88 -4.70
C PRO D 316 -7.05 17.52 -3.86
N SER D 317 -7.36 18.77 -4.19
CA SER D 317 -8.26 19.56 -3.37
C SER D 317 -9.69 19.04 -3.50
N VAL D 318 -10.29 18.67 -2.37
CA VAL D 318 -11.72 18.37 -2.34
C VAL D 318 -12.51 19.61 -2.69
N ARG D 319 -12.13 20.74 -2.12
CA ARG D 319 -12.86 21.98 -2.35
C ARG D 319 -12.87 22.33 -3.83
N GLU D 320 -11.70 22.29 -4.47
CA GLU D 320 -11.63 22.62 -5.89
C GLU D 320 -12.42 21.62 -6.71
N PHE D 321 -12.34 20.33 -6.36
CA PHE D 321 -13.10 19.31 -7.08
C PHE D 321 -14.59 19.62 -7.03
N VAL D 322 -15.12 19.91 -5.84
CA VAL D 322 -16.54 20.16 -5.67
C VAL D 322 -16.94 21.46 -6.35
N LEU D 323 -16.07 22.47 -6.31
CA LEU D 323 -16.42 23.77 -6.89
C LEU D 323 -16.52 23.70 -8.40
N SER D 324 -15.72 22.86 -9.04
CA SER D 324 -15.60 22.83 -10.48
C SER D 324 -16.66 21.96 -11.15
N LYS D 325 -17.45 21.18 -10.39
CA LYS D 325 -18.33 20.17 -10.96
C LYS D 325 -19.74 20.68 -11.25
N GLY D 326 -20.06 21.91 -10.86
CA GLY D 326 -21.38 22.47 -11.11
C GLY D 326 -22.50 21.62 -10.53
N ASP D 327 -22.30 21.10 -9.34
CA ASP D 327 -23.15 20.07 -8.76
C ASP D 327 -23.68 20.57 -7.42
N ALA D 328 -24.95 20.99 -7.39
CA ALA D 328 -25.51 21.57 -6.17
C ALA D 328 -25.64 20.54 -5.05
N GLY D 329 -25.83 19.27 -5.40
CA GLY D 329 -25.79 18.23 -4.39
C GLY D 329 -24.45 18.13 -3.72
N LEU D 330 -23.37 18.18 -4.51
CA LEU D 330 -22.01 18.08 -3.96
C LEU D 330 -21.68 19.32 -3.12
N ARG D 331 -21.99 20.51 -3.66
CA ARG D 331 -21.74 21.74 -2.93
C ARG D 331 -22.43 21.76 -1.57
N GLU D 332 -23.66 21.25 -1.50
CA GLU D 332 -24.34 21.26 -0.22
C GLU D 332 -23.82 20.19 0.72
N ALA D 333 -23.33 19.06 0.19
CA ALA D 333 -22.67 18.08 1.06
C ALA D 333 -21.34 18.62 1.58
N TYR D 334 -20.56 19.24 0.71
CA TYR D 334 -19.36 19.93 1.16
C TYR D 334 -19.70 20.99 2.19
N ASP D 335 -20.75 21.78 1.93
CA ASP D 335 -21.14 22.85 2.85
C ASP D 335 -21.66 22.30 4.16
N ALA D 336 -22.28 21.11 4.15
CA ALA D 336 -22.70 20.48 5.40
C ALA D 336 -21.50 20.22 6.29
N CYS D 337 -20.36 19.86 5.70
CA CYS D 337 -19.14 19.70 6.50
C CYS D 337 -18.65 21.04 7.02
N VAL D 338 -18.66 22.07 6.16
CA VAL D 338 -18.17 23.37 6.60
C VAL D 338 -19.07 23.94 7.68
N LYS D 339 -20.39 23.81 7.49
CA LYS D 339 -21.33 24.30 8.49
C LYS D 339 -21.12 23.63 9.83
N ALA D 340 -20.92 22.31 9.82
CA ALA D 340 -20.66 21.57 11.05
C ALA D 340 -19.43 22.13 11.76
N LEU D 341 -18.38 22.43 11.00
CA LEU D 341 -17.18 23.02 11.58
C LEU D 341 -17.47 24.40 12.16
N VAL D 342 -18.33 25.17 11.49
CA VAL D 342 -18.70 26.48 12.02
C VAL D 342 -19.50 26.33 13.31
N SER D 343 -20.50 25.45 13.31
CA SER D 343 -21.28 25.23 14.54
C SER D 343 -20.35 24.82 15.67
N LEU D 344 -19.45 23.87 15.40
CA LEU D 344 -18.45 23.48 16.40
C LEU D 344 -17.69 24.70 16.91
N ARG D 345 -17.23 25.56 16.00
CA ARG D 345 -16.41 26.67 16.47
C ARG D 345 -17.25 27.77 17.13
N SER D 346 -18.49 27.94 16.67
CA SER D 346 -19.39 28.85 17.37
C SER D 346 -19.72 28.33 18.75
N TYR D 347 -19.97 27.03 18.88
CA TYR D 347 -20.21 26.47 20.21
C TYR D 347 -18.99 26.64 21.09
N HIS D 348 -17.79 26.41 20.52
CA HIS D 348 -16.53 26.57 21.25
C HIS D 348 -16.37 27.98 21.79
N LEU D 349 -16.75 29.00 21.00
CA LEU D 349 -16.66 30.38 21.50
C LEU D 349 -17.58 30.58 22.70
N GLN D 350 -18.79 30.04 22.64
CA GLN D 350 -19.68 30.00 23.80
C GLN D 350 -19.00 29.32 24.98
N ILE D 351 -18.29 28.22 24.72
CA ILE D 351 -17.60 27.50 25.79
C ILE D 351 -16.51 28.38 26.40
N VAL D 352 -15.70 29.00 25.53
CA VAL D 352 -14.59 29.81 26.01
C VAL D 352 -15.09 31.01 26.81
N THR D 353 -16.22 31.60 26.38
CA THR D 353 -16.84 32.66 27.17
C THR D 353 -17.15 32.16 28.57
N LYS D 354 -17.78 30.98 28.66
CA LYS D 354 -18.19 30.46 29.96
C LYS D 354 -16.99 30.06 30.82
N TYR D 355 -15.92 29.53 30.21
CA TYR D 355 -14.86 28.96 31.04
C TYR D 355 -13.64 29.86 31.19
N ILE D 356 -13.49 30.89 30.37
CA ILE D 356 -12.33 31.75 30.52
C ILE D 356 -12.77 33.19 30.75
N LEU D 357 -13.57 33.73 29.83
CA LEU D 357 -13.87 35.17 29.85
C LEU D 357 -14.66 35.56 31.09
N ILE D 358 -15.76 34.87 31.36
CA ILE D 358 -16.54 35.16 32.55
C ILE D 358 -15.72 34.92 33.82
N PRO D 359 -15.14 33.73 34.07
CA PRO D 359 -14.37 33.54 35.32
C PRO D 359 -13.25 34.56 35.49
N ALA D 360 -12.58 34.97 34.41
CA ALA D 360 -11.52 35.96 34.53
C ALA D 360 -12.06 37.28 35.06
N SER D 361 -13.28 37.65 34.68
CA SER D 361 -13.88 38.88 35.18
C SER D 361 -14.33 38.75 36.62
N GLN D 362 -14.51 37.54 37.12
CA GLN D 362 -14.95 37.29 38.49
C GLN D 362 -13.80 37.10 39.46
N GLN D 363 -12.73 37.88 39.35
CA GLN D 363 -11.59 37.71 40.25
C GLN D 363 -11.03 39.03 40.78
N PRO D 373 -4.19 38.37 34.95
CA PRO D 373 -5.40 37.95 35.66
C PRO D 373 -6.62 38.68 35.10
N SER D 374 -6.51 40.01 35.10
CA SER D 374 -7.39 40.84 34.32
C SER D 374 -7.14 40.68 32.81
N LYS D 375 -5.98 40.12 32.42
CA LYS D 375 -5.62 40.11 31.00
C LYS D 375 -6.46 39.14 30.20
N LEU D 376 -7.08 38.14 30.84
CA LEU D 376 -7.89 37.15 30.13
C LEU D 376 -9.39 37.50 30.10
N GLU D 377 -9.77 38.68 30.61
CA GLU D 377 -11.11 39.18 30.43
C GLU D 377 -11.33 39.53 28.95
N ALA D 378 -12.60 39.63 28.56
CA ALA D 378 -12.96 39.89 27.17
C ALA D 378 -12.23 41.12 26.62
N LYS D 379 -12.24 42.22 27.36
CA LYS D 379 -11.54 43.42 26.91
C LYS D 379 -10.07 43.46 27.31
N GLY D 380 -9.55 42.43 28.01
CA GLY D 380 -8.13 42.36 28.31
C GLY D 380 -7.28 41.94 27.12
N THR D 381 -5.96 41.98 27.32
CA THR D 381 -5.03 41.59 26.25
C THR D 381 -5.23 40.14 25.82
N GLY D 382 -5.31 39.22 26.79
CA GLY D 382 -5.43 37.80 26.46
C GLY D 382 -6.81 37.45 25.93
N GLY D 383 -7.86 37.93 26.62
CA GLY D 383 -9.21 37.66 26.16
C GLY D 383 -9.45 38.18 24.75
N THR D 384 -8.85 39.32 24.41
CA THR D 384 -9.05 39.87 23.07
C THR D 384 -8.23 39.08 22.04
N ASP D 385 -6.94 38.88 22.31
CA ASP D 385 -6.12 38.05 21.43
C ASP D 385 -6.72 36.66 21.25
N LEU D 386 -7.23 36.09 22.34
CA LEU D 386 -7.80 34.74 22.27
C LEU D 386 -9.11 34.74 21.47
N MET D 387 -10.03 35.64 21.78
CA MET D 387 -11.28 35.66 21.04
C MET D 387 -11.04 36.01 19.58
N ASN D 388 -10.06 36.87 19.31
CA ASN D 388 -9.75 37.21 17.92
C ASN D 388 -9.19 36.01 17.18
N PHE D 389 -8.34 35.23 17.84
CA PHE D 389 -7.85 34.00 17.23
C PHE D 389 -8.99 33.08 16.84
N LEU D 390 -9.87 32.79 17.81
CA LEU D 390 -10.96 31.84 17.56
C LEU D 390 -11.95 32.37 16.54
N LYS D 391 -12.25 33.67 16.59
CA LYS D 391 -13.18 34.22 15.60
C LYS D 391 -12.53 34.30 14.23
N THR D 392 -11.21 34.47 14.17
CA THR D 392 -10.51 34.40 12.89
C THR D 392 -10.63 33.01 12.30
N VAL D 393 -10.32 31.98 13.10
CA VAL D 393 -10.44 30.61 12.64
C VAL D 393 -11.88 30.33 12.21
N ARG D 394 -12.85 30.86 12.95
CA ARG D 394 -14.23 30.59 12.58
C ARG D 394 -14.59 31.30 11.28
N SER D 395 -14.18 32.57 11.12
CA SER D 395 -14.53 33.28 9.90
C SER D 395 -13.83 32.67 8.70
N THR D 396 -12.59 32.23 8.86
CA THR D 396 -11.92 31.48 7.80
C THR D 396 -12.74 30.25 7.40
N THR D 397 -13.31 29.56 8.38
CA THR D 397 -14.21 28.45 8.08
C THR D 397 -15.45 28.94 7.36
N GLU D 398 -16.08 29.98 7.90
CA GLU D 398 -17.32 30.49 7.31
C GLU D 398 -17.13 30.92 5.88
N LYS D 399 -15.99 31.56 5.58
CA LYS D 399 -15.71 32.04 4.23
C LYS D 399 -15.42 30.90 3.26
N SER D 400 -15.34 29.66 3.74
CA SER D 400 -15.15 28.53 2.85
C SER D 400 -16.47 27.94 2.34
N LEU D 401 -17.61 28.37 2.86
CA LEU D 401 -18.87 27.89 2.32
C LEU D 401 -18.94 28.18 0.83
N LEU D 402 -19.54 27.26 0.08
CA LEU D 402 -19.72 27.48 -1.35
C LEU D 402 -20.99 28.27 -1.69
N LYS D 403 -22.02 28.23 -0.85
CA LYS D 403 -23.22 29.06 -1.06
C LYS D 403 -23.55 29.90 0.19
CHA HEM E . 3.24 -16.67 -31.61
CHB HEM E . 6.57 -19.70 -33.32
CHC HEM E . 10.08 -17.56 -30.83
CHD HEM E . 6.66 -14.64 -28.95
C1A HEM E . 3.85 -17.72 -32.23
C2A HEM E . 3.15 -18.77 -32.94
C3A HEM E . 4.08 -19.61 -33.41
C4A HEM E . 5.38 -19.12 -33.00
CMA HEM E . 3.88 -20.90 -34.22
CAA HEM E . 1.62 -18.85 -33.09
CBA HEM E . 0.92 -19.05 -31.75
CGA HEM E . 1.40 -20.36 -31.21
O1A HEM E . 1.29 -21.35 -31.96
O2A HEM E . 1.89 -20.40 -30.07
C1B HEM E . 7.79 -19.37 -32.81
C2B HEM E . 9.03 -20.06 -33.13
C3B HEM E . 10.02 -19.47 -32.46
C4B HEM E . 9.42 -18.40 -31.68
CMB HEM E . 9.04 -21.24 -34.12
CAB HEM E . 11.52 -19.81 -32.40
CBB HEM E . 12.00 -21.02 -32.75
C1C HEM E . 9.41 -16.64 -30.07
C2C HEM E . 9.99 -15.89 -28.98
C3C HEM E . 9.04 -15.11 -28.49
C4C HEM E . 7.82 -15.32 -29.23
CMC HEM E . 11.45 -16.00 -28.47
CAC HEM E . 9.17 -14.13 -27.33
CBC HEM E . 9.51 -12.87 -27.63
C1D HEM E . 5.43 -14.89 -29.48
C2D HEM E . 4.18 -14.23 -29.17
C3D HEM E . 3.23 -14.80 -29.92
C4D HEM E . 3.85 -15.85 -30.71
CMD HEM E . 3.98 -13.08 -28.17
CAD HEM E . 1.73 -14.47 -29.96
CBD HEM E . 1.42 -13.68 -31.24
CGD HEM E . 1.94 -12.26 -31.15
O1D HEM E . 1.87 -11.66 -30.04
O2D HEM E . 2.42 -11.71 -32.19
NA HEM E . 5.21 -17.96 -32.29
NB HEM E . 8.07 -18.36 -31.92
NC HEM E . 8.07 -16.28 -30.21
ND HEM E . 5.19 -15.88 -30.41
FE HEM E . 6.59 -17.16 -31.16
CAB HQJ F . 6.81 -21.95 -25.07
CAC HQJ F . 6.33 -21.35 -26.22
CAD HQJ F . 7.07 -20.37 -26.87
CAE HQJ F . 8.31 -19.97 -26.36
CAF HQJ F . 8.81 -20.57 -25.19
CAG HQJ F . 8.06 -21.56 -24.55
CAH HQJ F . 6.57 -19.82 -27.97
CAI HQJ F . 7.18 -18.91 -28.73
CAK HQJ F . 5.20 -19.31 -29.54
NAJ HQJ F . 6.31 -18.60 -29.70
NAL HQJ F . 5.36 -20.08 -28.44
CL HQJ F . 5.86 -23.16 -24.26
CAB HQJ G . 7.73 -8.52 -27.04
CAC HQJ G . 7.54 -9.37 -28.13
CAD HQJ G . 6.28 -9.52 -28.72
CAE HQJ G . 5.20 -8.84 -28.19
CAF HQJ G . 5.39 -7.98 -27.09
CAG HQJ G . 6.64 -7.82 -26.52
CAH HQJ G . 6.12 -10.35 -29.75
CAI HQJ G . 7.11 -10.98 -30.39
CAK HQJ G . 5.22 -11.60 -31.24
NAJ HQJ G . 6.54 -11.75 -31.32
NAL HQJ G . 4.96 -10.74 -30.25
CL HQJ G . 9.31 -8.34 -26.35
CAB HQJ H . -7.56 -26.71 -13.60
CAC HQJ H . -8.59 -26.83 -14.53
CAD HQJ H . -8.97 -25.76 -15.34
CAE HQJ H . -8.31 -24.55 -15.22
CAF HQJ H . -7.28 -24.42 -14.30
CAG HQJ H . -6.90 -25.50 -13.49
CAH HQJ H . -9.98 -25.92 -16.21
CAI HQJ H . -10.53 -24.94 -16.94
CAK HQJ H . -11.54 -26.82 -17.36
NAJ HQJ H . -11.51 -25.52 -17.67
NAL HQJ H . -10.60 -27.06 -16.46
CL HQJ H . -7.11 -28.06 -12.61
CAB HQJ I . -10.89 -26.08 -11.99
CAC HQJ I . -11.26 -25.06 -12.83
CAD HQJ I . -10.71 -23.81 -12.71
CAE HQJ I . -9.74 -23.55 -11.72
CAF HQJ I . -9.35 -24.60 -10.84
CAG HQJ I . -9.93 -25.88 -10.98
CAH HQJ I . -11.19 -22.93 -13.61
CAI HQJ I . -10.72 -21.73 -13.90
CAK HQJ I . -12.48 -22.13 -15.11
NAJ HQJ I . -11.52 -21.23 -14.84
NAL HQJ I . -12.28 -23.19 -14.34
CL HQJ I . -11.69 -27.58 -12.32
CHA HEM J . -34.13 -15.96 -9.53
CHB HEM J . -35.75 -15.27 -5.04
CHC HEM J . -38.09 -19.45 -5.16
CHD HEM J . -36.62 -20.06 -9.76
C1A HEM J . -34.28 -15.47 -8.27
C2A HEM J . -33.56 -14.36 -7.69
C3A HEM J . -34.02 -14.19 -6.45
C4A HEM J . -35.04 -15.17 -6.21
CMA HEM J . -33.60 -13.18 -5.38
CAA HEM J . -32.46 -13.54 -8.40
CBA HEM J . -31.31 -14.47 -8.76
CGA HEM J . -30.56 -14.70 -7.49
O1A HEM J . -30.27 -13.69 -6.80
O2A HEM J . -30.25 -15.88 -7.16
C1B HEM J . -36.55 -16.31 -4.71
C2B HEM J . -37.24 -16.44 -3.46
C3B HEM J . -37.90 -17.59 -3.47
C4B HEM J . -37.62 -18.23 -4.75
CMB HEM J . -37.17 -15.36 -2.36
CAB HEM J . -38.77 -18.22 -2.37
CBB HEM J . -38.49 -18.02 -1.07
C1C HEM J . -37.86 -19.98 -6.40
C2C HEM J . -38.32 -21.28 -6.83
C3C HEM J . -37.94 -21.45 -8.09
C4C HEM J . -37.19 -20.27 -8.51
CMC HEM J . -39.15 -22.28 -5.97
CAC HEM J . -38.23 -22.71 -8.92
CBC HEM J . -38.51 -22.55 -10.22
C1D HEM J . -35.78 -19.04 -10.11
C2D HEM J . -35.03 -18.88 -11.34
C3D HEM J . -34.35 -17.75 -11.28
C4D HEM J . -34.63 -17.15 -9.99
CMD HEM J . -35.01 -19.91 -12.50
CAD HEM J . -33.38 -17.13 -12.33
CBD HEM J . -34.15 -16.00 -12.98
CGD HEM J . -35.21 -16.49 -13.95
O1D HEM J . -34.96 -17.52 -14.63
O2D HEM J . -36.29 -15.84 -14.06
NA HEM J . -35.18 -15.94 -7.33
NB HEM J . -36.81 -17.42 -5.47
NC HEM J . -37.18 -19.39 -7.45
ND HEM J . -35.49 -17.95 -9.32
FE HEM J . -36.11 -17.65 -7.38
CAB HQJ K . -30.96 -22.25 -3.92
CAC HQJ K . -31.47 -21.11 -4.51
CAD HQJ K . -32.79 -21.04 -4.88
CAE HQJ K . -33.61 -22.14 -4.68
CAF HQJ K . -33.12 -23.29 -4.06
CAG HQJ K . -31.78 -23.35 -3.69
CAH HQJ K . -33.29 -19.96 -5.49
CAI HQJ K . -34.54 -19.84 -5.95
CAK HQJ K . -33.43 -18.06 -6.46
NAJ HQJ K . -34.63 -18.66 -6.55
NAL HQJ K . -32.60 -18.87 -5.82
CL HQJ K . -29.33 -22.34 -3.48
CAB HQJ L . -39.35 -23.06 -14.60
CAC HQJ L . -39.32 -21.90 -13.82
CAD HQJ L . -38.57 -20.81 -14.24
CAE HQJ L . -37.85 -20.90 -15.43
CAF HQJ L . -37.88 -22.05 -16.20
CAG HQJ L . -38.63 -23.15 -15.79
CAH HQJ L . -38.54 -19.69 -13.49
CAI HQJ L . -37.83 -18.60 -13.75
CAK HQJ L . -38.97 -18.28 -11.93
NAJ HQJ L . -38.09 -17.72 -12.76
NAL HQJ L . -39.25 -19.51 -12.38
CL HQJ L . -40.33 -24.43 -14.06
CAB HQJ M . -12.74 -24.78 -8.88
CAC HQJ M . -12.40 -23.46 -9.14
CAD HQJ M . -13.02 -22.73 -10.16
CAE HQJ M . -14.01 -23.35 -10.93
CAF HQJ M . -14.35 -24.68 -10.69
CAG HQJ M . -13.71 -25.39 -9.66
CAH HQJ M . -12.66 -21.48 -10.38
CAI HQJ M . -13.21 -20.65 -11.26
CAK HQJ M . -11.61 -19.60 -10.23
NAJ HQJ M . -12.56 -19.49 -11.17
NAL HQJ M . -11.67 -20.84 -9.74
CL HQJ M . -11.91 -25.66 -7.60
CAB HQJ N . -51.64 -25.04 -3.95
CAC HQJ N . -52.29 -24.06 -4.70
CAD HQJ N . -52.39 -24.22 -6.08
CAE HQJ N . -51.87 -25.34 -6.71
CAF HQJ N . -51.24 -26.31 -5.95
CAG HQJ N . -51.12 -26.16 -4.58
CAH HQJ N . -52.98 -23.32 -6.86
CAI HQJ N . -53.56 -22.17 -6.50
CAK HQJ N . -53.63 -22.38 -8.65
NAJ HQJ N . -53.99 -21.58 -7.62
NAL HQJ N . -53.00 -23.46 -8.18
CL HQJ N . -51.48 -24.90 -2.23
CHA HEM O . 28.43 25.61 -1.72
CHB HEM O . 31.77 22.63 -3.57
CHC HEM O . 35.22 24.72 -0.96
CHD HEM O . 31.85 27.74 0.84
C1A HEM O . 29.05 24.58 -2.37
C2A HEM O . 28.37 23.56 -3.14
C3A HEM O . 29.29 22.74 -3.64
C4A HEM O . 30.59 23.22 -3.22
CMA HEM O . 29.03 21.52 -4.53
CAA HEM O . 26.85 23.44 -3.34
CBA HEM O . 26.13 23.32 -1.99
CGA HEM O . 26.39 21.96 -1.43
O1A HEM O . 26.19 20.96 -2.17
O2A HEM O . 26.80 21.88 -0.25
C1B HEM O . 33.00 22.95 -3.06
C2B HEM O . 34.24 22.26 -3.37
C3B HEM O . 35.21 22.85 -2.67
C4B HEM O . 34.60 23.89 -1.86
CMB HEM O . 34.30 21.11 -4.40
CAB HEM O . 36.73 22.51 -2.58
CBB HEM O . 37.19 21.28 -2.86
C1C HEM O . 34.58 25.68 -0.24
C2C HEM O . 35.20 26.51 0.77
C3C HEM O . 34.26 27.34 1.23
C4C HEM O . 33.01 27.06 0.57
CMC HEM O . 36.70 26.39 1.17
CAC HEM O . 34.33 28.45 2.31
CBC HEM O . 35.31 28.43 3.21
C1D HEM O . 30.61 27.46 0.34
C2D HEM O . 29.34 28.09 0.67
C3D HEM O . 28.39 27.49 -0.07
C4D HEM O . 29.03 26.45 -0.84
CMD HEM O . 29.11 29.24 1.67
CAD HEM O . 26.88 27.81 -0.07
CBD HEM O . 26.52 28.71 -1.26
CGD HEM O . 27.14 30.10 -1.17
O1D HEM O . 27.14 30.68 -0.07
O2D HEM O . 27.63 30.65 -2.19
NA HEM O . 30.41 24.34 -2.43
NB HEM O . 33.25 23.92 -2.13
NC HEM O . 33.24 26.04 -0.35
ND HEM O . 30.37 26.48 -0.58
FE HEM O . 31.82 25.21 -1.30
CAB HQJ P . 31.97 20.30 4.68
CAC HQJ P . 31.48 20.91 3.52
CAD HQJ P . 32.24 21.88 2.89
CAE HQJ P . 33.46 22.27 3.43
CAF HQJ P . 33.97 21.65 4.59
CAG HQJ P . 33.20 20.66 5.21
CAH HQJ P . 31.75 22.48 1.80
CAI HQJ P . 32.32 23.46 1.10
CAK HQJ P . 30.39 23.01 0.21
NAJ HQJ P . 31.47 23.79 0.12
NAL HQJ P . 30.55 22.20 1.27
CL HQJ P . 31.01 19.11 5.44
CAB HQJ Q . 32.81 33.76 2.81
CAC HQJ Q . 32.68 32.90 1.71
CAD HQJ Q . 31.43 32.76 1.11
CAE HQJ Q . 30.32 33.44 1.59
CAF HQJ Q . 30.45 34.29 2.68
CAG HQJ Q . 31.69 34.45 3.28
CAH HQJ Q . 31.33 31.93 0.08
CAI HQJ Q . 30.18 31.50 -0.45
CAK HQJ Q . 31.83 30.60 -1.50
NAJ HQJ Q . 30.51 30.66 -1.43
NAL HQJ Q . 32.35 31.38 -0.56
CL HQJ Q . 34.40 33.95 3.56
CAB HQJ R . 17.60 15.62 16.35
CAC HQJ R . 16.54 15.48 15.44
CAD HQJ R . 16.14 16.54 14.64
CAE HQJ R . 16.81 17.75 14.76
CAF HQJ R . 17.86 17.89 15.67
CAG HQJ R . 18.27 16.83 16.48
CAH HQJ R . 15.12 16.37 13.79
CAI HQJ R . 14.62 17.30 12.98
CAK HQJ R . 13.50 15.47 12.68
NAJ HQJ R . 13.62 16.74 12.29
NAL HQJ R . 14.44 15.23 13.61
CL HQJ R . 18.04 14.28 17.29
CAB HQJ S . 13.83 15.88 17.56
CAC HQJ S . 13.53 17.04 16.89
CAD HQJ S . 14.14 18.22 17.21
CAE HQJ S . 15.09 18.26 18.23
CAF HQJ S . 15.39 17.08 18.93
CAG HQJ S . 14.76 15.87 18.60
CAH HQJ S . 13.77 19.26 16.44
CAI HQJ S . 14.28 20.48 16.45
CAK HQJ S . 12.74 20.34 14.92
NAJ HQJ S . 13.63 21.16 15.50
NAL HQJ S . 12.84 19.14 15.50
CL HQJ S . 13.03 14.55 17.03
CAB HQJ T . 47.55 18.74 -4.04
CAC HQJ T . 46.90 19.68 -4.82
CAD HQJ T . 46.81 19.48 -6.20
CAE HQJ T . 47.37 18.36 -6.79
CAF HQJ T . 48.03 17.42 -6.01
CAG HQJ T . 48.11 17.61 -4.63
CAH HQJ T . 46.22 20.37 -6.98
CAI HQJ T . 45.64 21.52 -6.60
CAK HQJ T . 45.61 21.33 -8.76
NAJ HQJ T . 45.24 22.11 -7.73
NAL HQJ T . 46.22 20.25 -8.29
CL HQJ T . 47.68 18.95 -2.40
CHA HEM U . -8.63 26.54 20.69
CHB HEM U . -10.21 27.16 25.19
CHC HEM U . -12.73 23.04 25.13
CHD HEM U . -11.13 22.41 20.60
C1A HEM U . -8.78 27.03 21.95
C2A HEM U . -8.05 28.14 22.52
C3A HEM U . -8.51 28.30 23.77
C4A HEM U . -9.51 27.30 24.02
CMA HEM U . -8.05 29.33 24.84
CAA HEM U . -6.97 28.99 21.78
CBA HEM U . -5.78 28.08 21.46
CGA HEM U . -5.15 27.74 22.78
O1A HEM U . -4.89 28.71 23.54
O2A HEM U . -4.92 26.53 23.08
C1B HEM U . -11.04 26.12 25.55
C2B HEM U . -11.69 25.99 26.83
C3B HEM U . -12.40 24.86 26.82
C4B HEM U . -12.20 24.24 25.53
CMB HEM U . -11.57 27.04 27.96
CAB HEM U . -13.27 24.21 27.91
CBB HEM U . -13.04 24.39 29.21
C1C HEM U . -12.47 22.49 23.91
C2C HEM U . -12.89 21.20 23.47
C3C HEM U . -12.46 21.06 22.21
C4C HEM U . -11.73 22.24 21.83
CMC HEM U . -13.73 20.21 24.33
CAC HEM U . -12.61 19.86 21.25
CBC HEM U . -12.83 18.64 21.75
C1D HEM U . -10.31 23.44 20.22
C2D HEM U . -9.58 23.55 18.97
C3D HEM U . -8.90 24.68 19.00
C4D HEM U . -9.15 25.33 20.28
CMD HEM U . -9.56 22.55 17.80
CAD HEM U . -7.98 25.21 17.89
CBD HEM U . -8.72 26.37 17.24
CGD HEM U . -9.76 25.88 16.26
O1D HEM U . -9.49 24.87 15.55
O2D HEM U . -10.85 26.50 16.18
NA HEM U . -9.66 26.55 22.89
NB HEM U . -11.37 25.03 24.78
NC HEM U . -11.75 23.11 22.89
ND HEM U . -10.00 24.54 21.00
FE HEM U . -10.65 24.80 22.90
CAB HQJ V . -5.47 20.15 26.40
CAC HQJ V . -5.97 21.31 25.80
CAD HQJ V . -7.31 21.36 25.43
CAE HQJ V . -8.12 20.26 25.62
CAF HQJ V . -7.61 19.12 26.23
CAG HQJ V . -6.28 19.05 26.61
CAH HQJ V . -7.80 22.44 24.82
CAI HQJ V . -9.06 22.56 24.37
CAK HQJ V . -7.93 24.34 23.86
NAJ HQJ V . -9.13 23.75 23.77
NAL HQJ V . -7.09 23.50 24.49
CL HQJ V . -3.83 20.07 26.88
CAB HQJ W . -13.93 19.39 15.78
CAC HQJ W . -13.89 20.55 16.54
CAD HQJ W . -13.15 21.65 16.12
CAE HQJ W . -12.44 21.58 14.93
CAF HQJ W . -12.46 20.42 14.17
CAG HQJ W . -13.20 19.32 14.59
CAH HQJ W . -13.13 22.75 16.86
CAI HQJ W . -12.37 23.83 16.65
CAK HQJ W . -13.61 24.18 18.38
NAJ HQJ W . -12.67 24.72 17.60
NAL HQJ W . -13.89 22.95 17.92
CL HQJ W . -14.89 18.01 16.34
CAB HQJ X . 12.56 17.52 21.27
CAC HQJ X . 12.91 18.85 21.01
CAD HQJ X . 12.24 19.58 20.02
CAE HQJ X . 11.21 18.98 19.30
CAF HQJ X . 10.85 17.65 19.55
CAG HQJ X . 11.53 16.93 20.53
CAH HQJ X . 12.60 20.85 19.79
CAI HQJ X . 11.95 21.70 19.00
CAK HQJ X . 13.68 22.72 19.84
NAJ HQJ X . 12.61 22.85 19.03
NAL HQJ X . 13.66 21.47 20.31
CL HQJ X . 13.43 16.60 22.54
P PO4 Y . -17.68 13.76 37.17
O1 PO4 Y . -17.18 12.65 36.27
O2 PO4 Y . -18.25 13.09 38.42
O3 PO4 Y . -18.79 14.56 36.53
O4 PO4 Y . -16.54 14.69 37.48
#